data_6GCU
#
_entry.id   6GCU
#
_cell.length_a   144.874
_cell.length_b   144.874
_cell.length_c   128.896
_cell.angle_alpha   90.00
_cell.angle_beta   90.00
_cell.angle_gamma   120.00
#
_symmetry.space_group_name_H-M   'P 31'
#
loop_
_entity.id
_entity.type
_entity.pdbx_description
1 polymer 'Hepatocyte growth factor receptor'
2 polymer 'Internalin B'
3 polymer 'DARPin A3A'
#
loop_
_entity_poly.entity_id
_entity_poly.type
_entity_poly.pdbx_seq_one_letter_code
_entity_poly.pdbx_strand_id
1 'polypeptide(L)'
;ETRECKEALAKSEMNVNMKYQLPNFTAETPIQNVILHEHHIFLGATNYIYVLNEEDLQKVAEYKTGPVLEHPDCFPCQDC
SSKANLSGGVWKDNINMALVVDTYYDDQLISCGSVNRGTCQRHVFPHNHTADIQSEVHCIFSPQIEEPSQCPDCVVSALG
AKVLSSVKDRFINFFVGNTINSSYFPDHPLHSISVRRLKETKDGFMFLTDQSYIDVLPEFRDSYPIKYVHAFESNNFIYF
LTVQRETLDAQTFHTRIIRFCSINSGLHSYMEMPLECILTEKRKKRSTKKEVFNILQAAYVSKPGAQLARQIGASLNDDI
LFGVFAQSKPDSAEPMDRSAMCAFPIKYVNDFFNKIVNKNNVRCLQHFYGPNHEHCFNRTLLRNSSGCEARRDEYRTEFT
TALQRVDLFMGQFSEVLLTSISTFIKGDLTIANLGTSEGRFMQVVVSRSGPSTPHVNFLLDSHPVSPEVIVEHTLNQNGY
TLVITGKKITKIPLNGLGCRHFQSCSQCLSAPPFVQCGWCHDKCVRSEECLSGTWTQQICLPAIYKVFPNSAPLEGGTRL
TICGWDFGFRRNNKFDLKKTRVLLGNESCTLTLSESTMNTLKCTVGPAMNKHFNMSIIISNGHGTTQYSTFSYVDPVITS
ISPKYGPMAGGTLLTLTGNYLNSGNSRHISIGGKTCTLKSVSNSILECYTPAQTISTEFAVKLKIDLANRETSIFSYRED
LHHHHHH
;
A,D
2 'polypeptide(L)'
;GAMETITVPTPIKQIFSDDAFAETIKDNLKKKSVTDAVTQNELNSIDQIIANNSDIKSVQGIQYLPNVTKLFLNGNKLTD
IKPLANLKNLGWLFLDENKVKDLSSLKDLKKLKSLSLEHNGISDINGLVHLPQLESLYLGNNKITDITVLSRLTKLDTLS
LEDNQISDIVPLAGLTKLQNLYLSKNHISDLRALAGLKNLDVLELFSQECLNKPINHQSNLVVPNTVKNTDGSLVTPEII
SDDGDYEKPNVKWHLPEFTNEVSFIFYQPVTIGKAKARFHGRVTQPLKE
;
B,E
3 'polypeptide(L)'
;MRGSHHHHHHGSDLGKKLLEAARAGQDDEVRILMANGADVNAADHYGETPLHRAANKGHLEIVEVLLKTGADVNAKDDWS
GDTPLHLAASHGHLEIVEVLLKAGADVNAMANDGQTPLHLAASRGHLEIVEVLLKHGADVNAQDKFGKTPFDLAIDNGNE
DIAEVLQKAAKLN
;
C,F
#
# COMPACT_ATOMS: atom_id res chain seq x y z
N LYS A 19 -20.33 -29.55 -38.37
CA LYS A 19 -21.64 -30.05 -38.86
C LYS A 19 -22.14 -31.22 -38.00
N TYR A 20 -23.18 -30.96 -37.22
CA TYR A 20 -23.74 -31.97 -36.32
C TYR A 20 -24.97 -32.67 -36.91
N GLN A 21 -25.29 -33.82 -36.33
CA GLN A 21 -26.37 -34.68 -36.80
C GLN A 21 -27.35 -34.95 -35.64
N LEU A 22 -28.52 -34.30 -35.71
CA LEU A 22 -29.45 -34.28 -34.58
C LEU A 22 -30.89 -34.54 -35.03
N PRO A 23 -31.76 -34.96 -34.09
CA PRO A 23 -33.19 -35.15 -34.39
C PRO A 23 -33.81 -33.88 -34.97
N ASN A 24 -34.21 -33.98 -36.24
CA ASN A 24 -34.46 -32.81 -37.09
C ASN A 24 -35.82 -32.75 -37.76
N PHE A 25 -36.86 -32.29 -37.04
CA PHE A 25 -38.17 -32.07 -37.71
C PHE A 25 -38.44 -30.72 -38.40
N THR A 26 -38.91 -30.83 -39.65
CA THR A 26 -39.16 -29.70 -40.55
C THR A 26 -40.63 -29.64 -40.95
N ALA A 27 -41.29 -28.52 -40.64
CA ALA A 27 -42.68 -28.33 -41.03
C ALA A 27 -42.80 -27.55 -42.32
N GLU A 28 -43.99 -27.59 -42.93
CA GLU A 28 -44.24 -26.88 -44.18
C GLU A 28 -44.58 -25.41 -43.98
N THR A 29 -44.78 -24.98 -42.73
CA THR A 29 -45.03 -23.57 -42.41
C THR A 29 -44.25 -23.17 -41.17
N PRO A 30 -43.92 -21.88 -41.04
CA PRO A 30 -43.16 -21.36 -39.89
C PRO A 30 -43.74 -21.71 -38.50
N ILE A 31 -42.87 -21.91 -37.51
CA ILE A 31 -43.30 -22.32 -36.18
C ILE A 31 -43.34 -21.16 -35.18
N GLN A 32 -44.52 -20.81 -34.71
CA GLN A 32 -44.56 -19.74 -33.73
C GLN A 32 -44.25 -20.19 -32.31
N ASN A 33 -44.76 -21.35 -31.91
CA ASN A 33 -44.87 -21.72 -30.50
C ASN A 33 -44.78 -23.22 -30.25
N VAL A 34 -44.42 -23.59 -29.02
CA VAL A 34 -44.06 -24.98 -28.74
C VAL A 34 -44.36 -25.47 -27.34
N ILE A 35 -44.99 -26.63 -27.23
CA ILE A 35 -45.35 -27.17 -25.93
C ILE A 35 -44.96 -28.63 -25.89
N LEU A 36 -44.47 -29.05 -24.73
CA LEU A 36 -44.21 -30.47 -24.52
C LEU A 36 -45.19 -31.02 -23.52
N HIS A 37 -45.95 -32.03 -23.92
CA HIS A 37 -46.94 -32.62 -23.02
C HIS A 37 -47.06 -34.13 -23.17
N GLU A 38 -47.03 -34.85 -22.05
CA GLU A 38 -47.17 -36.30 -22.04
C GLU A 38 -46.47 -36.96 -23.22
N HIS A 39 -45.16 -36.73 -23.34
CA HIS A 39 -44.33 -37.38 -24.35
C HIS A 39 -44.70 -37.05 -25.80
N HIS A 40 -45.30 -35.89 -26.00
CA HIS A 40 -45.50 -35.39 -27.36
C HIS A 40 -45.14 -33.90 -27.43
N ILE A 41 -44.96 -33.42 -28.64
CA ILE A 41 -44.51 -32.06 -28.85
C ILE A 41 -45.55 -31.39 -29.75
N PHE A 42 -46.04 -30.22 -29.34
CA PHE A 42 -47.09 -29.59 -30.10
C PHE A 42 -46.58 -28.28 -30.65
N LEU A 43 -46.37 -28.25 -31.96
CA LEU A 43 -45.95 -27.01 -32.60
C LEU A 43 -47.16 -26.15 -32.99
N GLY A 44 -47.15 -24.87 -32.64
CA GLY A 44 -48.22 -23.96 -33.03
C GLY A 44 -47.69 -23.13 -34.17
N ALA A 45 -48.22 -23.36 -35.37
CA ALA A 45 -47.56 -22.90 -36.59
C ALA A 45 -48.50 -22.10 -37.44
N THR A 46 -47.98 -21.43 -38.47
CA THR A 46 -48.80 -20.64 -39.39
C THR A 46 -49.82 -21.55 -40.07
N ASN A 47 -51.08 -21.34 -39.73
CA ASN A 47 -52.19 -22.13 -40.25
C ASN A 47 -52.21 -23.59 -39.74
N TYR A 48 -51.33 -23.92 -38.79
CA TYR A 48 -51.18 -25.30 -38.38
C TYR A 48 -50.86 -25.52 -36.90
N ILE A 49 -51.30 -26.67 -36.39
CA ILE A 49 -50.74 -27.23 -35.17
C ILE A 49 -50.22 -28.63 -35.50
N TYR A 50 -48.96 -28.92 -35.14
CA TYR A 50 -48.40 -30.27 -35.32
C TYR A 50 -48.22 -31.03 -34.03
N VAL A 51 -48.13 -32.34 -34.16
CA VAL A 51 -47.81 -33.20 -33.04
C VAL A 51 -46.66 -34.10 -33.44
N LEU A 52 -45.56 -33.99 -32.70
CA LEU A 52 -44.40 -34.85 -32.90
C LEU A 52 -44.19 -35.73 -31.71
N ASN A 53 -43.50 -36.84 -31.90
CA ASN A 53 -43.15 -37.70 -30.79
C ASN A 53 -41.96 -37.15 -30.01
N GLU A 54 -42.08 -37.03 -28.69
CA GLU A 54 -40.96 -36.51 -27.88
C GLU A 54 -39.64 -37.22 -28.20
N GLU A 55 -39.73 -38.53 -28.41
CA GLU A 55 -38.55 -39.36 -28.55
C GLU A 55 -37.75 -39.15 -29.84
N ASP A 56 -38.41 -39.08 -30.98
CA ASP A 56 -37.67 -38.93 -32.24
C ASP A 56 -38.10 -37.78 -33.16
N LEU A 57 -39.09 -37.01 -32.72
CA LEU A 57 -39.55 -35.81 -33.45
C LEU A 57 -40.27 -36.10 -34.79
N GLN A 58 -40.62 -37.37 -35.02
CA GLN A 58 -41.49 -37.74 -36.14
C GLN A 58 -42.87 -37.13 -35.94
N LYS A 59 -43.42 -36.56 -37.01
CA LYS A 59 -44.78 -36.01 -36.99
C LYS A 59 -45.77 -37.15 -36.86
N VAL A 60 -46.62 -37.09 -35.84
CA VAL A 60 -47.62 -38.11 -35.63
C VAL A 60 -48.95 -37.61 -36.18
N ALA A 61 -49.28 -36.36 -35.89
CA ALA A 61 -50.57 -35.81 -36.26
C ALA A 61 -50.51 -34.34 -36.66
N GLU A 62 -51.43 -33.94 -37.54
CA GLU A 62 -51.62 -32.51 -37.80
C GLU A 62 -53.04 -32.07 -37.49
N TYR A 63 -53.20 -30.77 -37.30
CA TYR A 63 -54.51 -30.18 -37.33
C TYR A 63 -54.39 -28.86 -38.00
N LYS A 64 -55.28 -28.64 -38.96
CA LYS A 64 -55.22 -27.50 -39.85
C LYS A 64 -56.07 -26.39 -39.29
N THR A 65 -55.40 -25.36 -38.75
CA THR A 65 -56.06 -24.11 -38.36
C THR A 65 -56.09 -23.26 -39.61
N GLY A 66 -55.48 -23.79 -40.67
CA GLY A 66 -55.49 -23.33 -42.06
C GLY A 66 -56.07 -21.98 -42.43
N PRO A 67 -55.63 -21.44 -43.57
CA PRO A 67 -56.02 -20.09 -43.98
C PRO A 67 -57.50 -19.87 -43.74
N VAL A 68 -57.86 -18.70 -43.24
CA VAL A 68 -59.22 -18.40 -42.79
C VAL A 68 -59.75 -17.05 -43.33
N LEU A 69 -61.07 -16.93 -43.53
CA LEU A 69 -61.67 -15.75 -44.18
C LEU A 69 -62.25 -14.65 -43.27
N GLU A 70 -61.69 -13.44 -43.38
CA GLU A 70 -62.11 -12.29 -42.56
C GLU A 70 -63.29 -11.56 -43.20
N HIS A 71 -64.21 -11.10 -42.36
CA HIS A 71 -65.41 -10.42 -42.82
C HIS A 71 -66.09 -9.59 -41.71
N PRO A 72 -66.69 -8.46 -42.07
CA PRO A 72 -67.48 -7.69 -41.11
C PRO A 72 -68.69 -8.51 -40.66
N ASP A 73 -69.33 -9.16 -41.63
CA ASP A 73 -70.53 -9.96 -41.40
C ASP A 73 -70.21 -11.32 -40.77
N CYS A 74 -69.09 -11.93 -41.16
CA CYS A 74 -68.70 -13.22 -40.58
C CYS A 74 -68.11 -13.10 -39.17
N PHE A 75 -68.88 -13.56 -38.19
CA PHE A 75 -68.57 -13.35 -36.77
C PHE A 75 -67.56 -14.38 -36.20
N PRO A 76 -67.07 -14.16 -34.98
CA PRO A 76 -65.79 -14.72 -34.54
C PRO A 76 -65.70 -16.20 -34.15
N CYS A 77 -66.78 -16.88 -33.82
CA CYS A 77 -66.59 -18.32 -33.56
C CYS A 77 -67.32 -19.20 -34.56
N GLN A 78 -68.09 -18.55 -35.44
CA GLN A 78 -68.75 -19.22 -36.56
C GLN A 78 -67.92 -19.06 -37.85
N ASP A 79 -67.82 -20.14 -38.61
CA ASP A 79 -66.96 -20.16 -39.80
C ASP A 79 -67.74 -20.08 -41.11
N CYS A 80 -67.06 -19.72 -42.20
CA CYS A 80 -67.75 -19.44 -43.44
C CYS A 80 -66.99 -19.74 -44.74
N SER A 81 -67.52 -20.70 -45.49
CA SER A 81 -67.40 -20.74 -46.95
C SER A 81 -68.77 -20.25 -47.46
N SER A 82 -69.60 -19.83 -46.51
CA SER A 82 -70.90 -19.23 -46.76
C SER A 82 -70.77 -17.71 -46.98
N LYS A 83 -69.54 -17.26 -47.23
CA LYS A 83 -69.25 -15.91 -47.69
C LYS A 83 -67.98 -15.85 -48.55
N ALA A 84 -67.48 -17.04 -48.92
CA ALA A 84 -66.22 -17.19 -49.64
C ALA A 84 -66.15 -16.37 -50.93
N ASN A 85 -67.32 -16.10 -51.51
CA ASN A 85 -67.43 -15.38 -52.78
C ASN A 85 -67.22 -13.85 -52.65
N LEU A 86 -67.38 -13.35 -51.42
CA LEU A 86 -66.86 -12.04 -50.95
C LEU A 86 -67.36 -10.77 -51.63
N SER A 87 -67.82 -9.82 -50.82
CA SER A 87 -68.11 -8.46 -51.31
C SER A 87 -67.12 -7.45 -50.73
N GLY A 88 -66.60 -7.77 -49.54
CA GLY A 88 -65.54 -7.02 -48.91
C GLY A 88 -64.87 -7.84 -47.84
N GLY A 89 -64.47 -9.06 -48.20
CA GLY A 89 -63.90 -10.02 -47.26
C GLY A 89 -62.61 -10.63 -47.76
N VAL A 90 -61.60 -10.66 -46.88
CA VAL A 90 -60.26 -11.12 -47.25
C VAL A 90 -59.88 -12.48 -46.63
N TRP A 91 -59.11 -13.26 -47.38
CA TRP A 91 -58.59 -14.55 -46.91
C TRP A 91 -57.30 -14.30 -46.14
N LYS A 92 -57.18 -14.89 -44.95
CA LYS A 92 -56.13 -14.53 -44.00
C LYS A 92 -55.35 -15.70 -43.37
N ASP A 93 -54.05 -15.48 -43.20
CA ASP A 93 -53.12 -16.44 -42.63
C ASP A 93 -53.26 -16.45 -41.13
N ASN A 94 -53.39 -17.64 -40.57
CA ASN A 94 -53.70 -17.81 -39.15
C ASN A 94 -52.47 -18.03 -38.30
N ILE A 95 -51.75 -16.94 -37.98
CA ILE A 95 -50.55 -17.05 -37.11
C ILE A 95 -50.89 -17.49 -35.68
N ASN A 96 -50.22 -18.53 -35.20
CA ASN A 96 -50.39 -18.95 -33.82
C ASN A 96 -49.77 -17.95 -32.87
N MET A 97 -50.53 -17.52 -31.89
CA MET A 97 -50.04 -16.53 -30.96
C MET A 97 -49.84 -17.11 -29.60
N ALA A 98 -50.65 -18.09 -29.23
CA ALA A 98 -50.53 -18.67 -27.92
C ALA A 98 -50.79 -20.15 -28.01
N LEU A 99 -50.28 -20.89 -27.03
CA LEU A 99 -50.48 -22.33 -26.98
C LEU A 99 -50.25 -22.80 -25.57
N VAL A 100 -51.30 -23.33 -24.95
CA VAL A 100 -51.34 -23.69 -23.53
C VAL A 100 -51.95 -25.09 -23.43
N VAL A 101 -51.25 -26.00 -22.76
CA VAL A 101 -51.89 -27.25 -22.34
C VAL A 101 -52.50 -26.98 -20.97
N ASP A 102 -53.74 -27.41 -20.75
CA ASP A 102 -54.37 -27.26 -19.43
C ASP A 102 -54.71 -28.60 -18.90
N THR A 103 -54.56 -28.76 -17.61
CA THR A 103 -54.65 -30.10 -17.06
C THR A 103 -55.40 -30.21 -15.75
N TYR A 104 -55.90 -29.05 -15.30
CA TYR A 104 -56.77 -28.92 -14.15
C TYR A 104 -58.11 -29.48 -14.59
N TYR A 105 -58.61 -29.01 -15.73
CA TYR A 105 -59.80 -29.65 -16.29
C TYR A 105 -59.33 -30.89 -17.00
N ASP A 106 -60.24 -31.59 -17.68
CA ASP A 106 -59.86 -32.74 -18.47
C ASP A 106 -58.90 -32.28 -19.55
N ASP A 107 -57.77 -32.99 -19.66
CA ASP A 107 -56.55 -32.57 -20.41
C ASP A 107 -56.93 -32.05 -21.76
N GLN A 108 -56.46 -30.85 -22.07
CA GLN A 108 -56.85 -30.19 -23.30
C GLN A 108 -55.76 -29.27 -23.79
N LEU A 109 -55.64 -29.17 -25.11
CA LEU A 109 -54.82 -28.14 -25.69
C LEU A 109 -55.67 -26.90 -26.00
N ILE A 110 -55.27 -25.76 -25.44
CA ILE A 110 -55.92 -24.49 -25.73
C ILE A 110 -55.00 -23.72 -26.65
N SER A 111 -55.49 -23.26 -27.80
CA SER A 111 -54.64 -22.51 -28.72
C SER A 111 -55.31 -21.24 -29.22
N CYS A 112 -54.53 -20.19 -29.39
CA CYS A 112 -55.12 -18.90 -29.68
C CYS A 112 -54.48 -18.26 -30.87
N GLY A 113 -55.24 -18.22 -31.96
CA GLY A 113 -54.78 -17.66 -33.23
C GLY A 113 -54.93 -16.16 -33.35
N SER A 114 -54.32 -15.59 -34.38
CA SER A 114 -54.32 -14.16 -34.60
C SER A 114 -55.60 -13.63 -35.25
N VAL A 115 -56.51 -14.52 -35.59
CA VAL A 115 -57.29 -14.27 -36.78
C VAL A 115 -58.73 -13.84 -36.55
N ASN A 116 -59.46 -14.54 -35.70
CA ASN A 116 -60.86 -14.17 -35.51
C ASN A 116 -61.09 -13.30 -34.29
N ARG A 117 -60.41 -12.17 -34.31
CA ARG A 117 -60.33 -11.23 -33.21
C ARG A 117 -59.66 -11.84 -32.00
N GLY A 118 -58.68 -12.72 -32.24
CA GLY A 118 -57.89 -13.34 -31.17
C GLY A 118 -58.62 -14.32 -30.25
N THR A 119 -59.17 -15.35 -30.87
CA THR A 119 -60.21 -16.16 -30.30
C THR A 119 -59.75 -17.62 -30.19
N CYS A 120 -59.51 -18.07 -28.95
CA CYS A 120 -58.93 -19.40 -28.69
C CYS A 120 -59.87 -20.58 -28.91
N GLN A 121 -59.32 -21.74 -29.28
CA GLN A 121 -60.09 -22.96 -29.25
C GLN A 121 -59.45 -24.05 -28.37
N ARG A 122 -60.28 -24.93 -27.82
CA ARG A 122 -59.77 -26.07 -27.08
C ARG A 122 -59.83 -27.40 -27.86
N HIS A 123 -58.72 -28.12 -27.91
CA HIS A 123 -58.68 -29.47 -28.42
C HIS A 123 -58.64 -30.42 -27.23
N VAL A 124 -59.64 -31.28 -27.09
CA VAL A 124 -59.69 -32.17 -25.93
C VAL A 124 -59.18 -33.55 -26.29
N PHE A 125 -58.05 -33.92 -25.68
CA PHE A 125 -57.46 -35.24 -25.88
C PHE A 125 -58.40 -36.32 -25.39
N PRO A 126 -58.72 -37.28 -26.24
CA PRO A 126 -59.42 -38.50 -25.81
C PRO A 126 -58.62 -39.24 -24.77
N HIS A 127 -59.27 -40.10 -23.98
CA HIS A 127 -58.62 -40.65 -22.79
C HIS A 127 -57.49 -41.66 -23.03
N ASN A 128 -56.99 -41.75 -24.25
CA ASN A 128 -55.74 -42.45 -24.52
C ASN A 128 -54.88 -41.95 -25.68
N HIS A 129 -55.47 -41.71 -26.85
CA HIS A 129 -54.71 -41.10 -27.94
C HIS A 129 -54.41 -39.64 -27.60
N THR A 130 -53.12 -39.31 -27.47
CA THR A 130 -52.70 -37.96 -27.07
C THR A 130 -52.36 -37.11 -28.28
N ALA A 131 -52.25 -37.72 -29.44
CA ALA A 131 -51.95 -36.94 -30.64
C ALA A 131 -53.24 -36.46 -31.27
N ASP A 132 -54.35 -36.69 -30.59
CA ASP A 132 -55.66 -36.39 -31.15
C ASP A 132 -56.14 -34.98 -30.82
N ILE A 133 -55.48 -34.01 -31.44
CA ILE A 133 -55.85 -32.60 -31.48
C ILE A 133 -57.15 -32.35 -32.30
N GLN A 134 -57.70 -33.43 -32.84
CA GLN A 134 -58.51 -33.38 -34.06
C GLN A 134 -59.97 -33.73 -33.83
N SER A 135 -60.20 -34.80 -33.07
CA SER A 135 -61.55 -35.34 -32.94
C SER A 135 -62.54 -34.46 -32.11
N GLU A 136 -62.12 -33.93 -30.98
CA GLU A 136 -62.99 -33.02 -30.19
C GLU A 136 -62.39 -31.63 -29.93
N VAL A 137 -62.86 -30.65 -30.68
CA VAL A 137 -62.32 -29.29 -30.68
C VAL A 137 -63.48 -28.33 -30.64
N HIS A 138 -63.56 -27.52 -29.59
CA HIS A 138 -64.57 -26.47 -29.46
C HIS A 138 -63.93 -25.10 -29.54
N CYS A 139 -64.52 -24.21 -30.33
CA CYS A 139 -64.13 -22.81 -30.36
C CYS A 139 -64.62 -22.12 -29.07
N ILE A 140 -63.88 -21.16 -28.52
CA ILE A 140 -64.30 -20.52 -27.27
C ILE A 140 -64.70 -19.08 -27.47
N PHE A 141 -66.01 -18.87 -27.64
CA PHE A 141 -66.61 -17.55 -27.71
C PHE A 141 -68.06 -17.59 -27.27
N SER A 142 -68.31 -17.31 -26.00
CA SER A 142 -69.67 -17.16 -25.49
C SER A 142 -70.22 -15.77 -25.79
N PRO A 143 -71.44 -15.67 -26.35
CA PRO A 143 -71.99 -14.37 -26.75
C PRO A 143 -72.25 -13.46 -25.53
N GLN A 144 -72.03 -12.15 -25.71
CA GLN A 144 -71.94 -11.23 -24.58
C GLN A 144 -73.23 -10.45 -24.30
N ILE A 145 -73.78 -10.61 -23.10
CA ILE A 145 -75.15 -10.17 -22.83
C ILE A 145 -75.35 -9.11 -21.72
N GLU A 146 -74.61 -9.26 -20.61
CA GLU A 146 -74.67 -8.30 -19.50
C GLU A 146 -74.06 -6.95 -19.93
N GLU A 147 -72.78 -6.99 -20.31
CA GLU A 147 -72.09 -5.83 -20.89
C GLU A 147 -71.66 -6.13 -22.33
N PRO A 148 -72.57 -5.96 -23.30
CA PRO A 148 -72.30 -6.27 -24.71
C PRO A 148 -71.15 -5.47 -25.34
N SER A 149 -70.55 -4.59 -24.55
CA SER A 149 -69.41 -3.77 -24.98
C SER A 149 -68.11 -4.57 -24.90
N GLN A 150 -68.04 -5.48 -23.93
CA GLN A 150 -66.83 -6.23 -23.64
C GLN A 150 -66.65 -7.45 -24.54
N CYS A 151 -65.42 -7.98 -24.59
CA CYS A 151 -65.11 -9.16 -25.38
C CYS A 151 -64.02 -9.99 -24.74
N PRO A 152 -64.41 -10.81 -23.78
CA PRO A 152 -63.43 -11.54 -22.97
C PRO A 152 -63.02 -12.83 -23.66
N ASP A 153 -63.55 -13.09 -24.84
CA ASP A 153 -63.16 -14.30 -25.52
C ASP A 153 -62.21 -13.90 -26.63
N CYS A 154 -61.98 -12.59 -26.71
CA CYS A 154 -61.02 -12.04 -27.64
C CYS A 154 -59.70 -11.92 -26.88
N VAL A 155 -58.91 -12.99 -26.90
CA VAL A 155 -57.78 -13.04 -26.03
C VAL A 155 -56.56 -12.41 -26.66
N VAL A 156 -56.18 -12.91 -27.83
CA VAL A 156 -54.84 -12.67 -28.35
C VAL A 156 -54.80 -11.53 -29.38
N SER A 157 -53.66 -10.84 -29.50
CA SER A 157 -53.54 -9.81 -30.55
C SER A 157 -52.63 -10.22 -31.70
N ALA A 158 -53.22 -10.16 -32.89
CA ALA A 158 -52.57 -10.43 -34.16
C ALA A 158 -51.22 -9.80 -34.22
N LEU A 159 -51.06 -8.65 -33.56
CA LEU A 159 -49.79 -7.96 -33.66
C LEU A 159 -48.93 -7.99 -32.42
N GLY A 160 -49.01 -9.11 -31.70
CA GLY A 160 -48.09 -9.44 -30.63
C GLY A 160 -48.80 -9.69 -29.33
N ALA A 161 -48.66 -10.92 -28.81
CA ALA A 161 -49.27 -11.37 -27.55
C ALA A 161 -48.34 -12.23 -26.73
N LYS A 162 -48.44 -12.17 -25.42
CA LYS A 162 -47.90 -13.24 -24.56
C LYS A 162 -48.95 -13.68 -23.57
N VAL A 163 -49.12 -14.99 -23.47
CA VAL A 163 -50.19 -15.54 -22.67
C VAL A 163 -49.61 -16.46 -21.68
N LEU A 164 -49.97 -16.27 -20.43
CA LEU A 164 -49.46 -17.12 -19.38
C LEU A 164 -50.65 -17.60 -18.58
N SER A 165 -50.79 -18.91 -18.43
CA SER A 165 -51.99 -19.44 -17.77
C SER A 165 -51.59 -20.12 -16.50
N SER A 166 -52.35 -19.90 -15.43
CA SER A 166 -52.04 -20.53 -14.16
C SER A 166 -53.30 -20.83 -13.34
N VAL A 167 -53.30 -21.93 -12.60
CA VAL A 167 -54.45 -22.28 -11.78
C VAL A 167 -54.38 -21.55 -10.46
N LYS A 168 -55.49 -20.95 -10.06
CA LYS A 168 -55.55 -20.15 -8.84
C LYS A 168 -56.99 -20.03 -8.33
N ASP A 169 -57.18 -20.42 -7.08
CA ASP A 169 -58.50 -20.43 -6.45
C ASP A 169 -59.51 -21.36 -7.12
N ARG A 170 -59.03 -22.48 -7.64
CA ARG A 170 -59.86 -23.46 -8.36
C ARG A 170 -60.31 -22.98 -9.73
N PHE A 171 -59.85 -21.80 -10.15
CA PHE A 171 -60.11 -21.31 -11.51
C PHE A 171 -58.86 -21.34 -12.38
N ILE A 172 -58.98 -21.75 -13.65
CA ILE A 172 -57.90 -21.49 -14.61
C ILE A 172 -57.80 -19.96 -14.99
N ASN A 173 -56.68 -19.32 -14.66
CA ASN A 173 -56.51 -17.90 -14.95
C ASN A 173 -55.58 -17.64 -16.12
N PHE A 174 -55.93 -16.64 -16.95
CA PHE A 174 -55.11 -16.27 -18.06
C PHE A 174 -54.63 -14.84 -17.91
N PHE A 175 -53.33 -14.68 -17.75
CA PHE A 175 -52.69 -13.36 -17.80
C PHE A 175 -52.16 -13.13 -19.19
N VAL A 176 -52.37 -11.94 -19.72
CA VAL A 176 -52.14 -11.72 -21.15
C VAL A 176 -51.63 -10.33 -21.54
N GLY A 177 -50.42 -10.32 -22.08
CA GLY A 177 -49.84 -9.13 -22.68
C GLY A 177 -50.17 -9.02 -24.16
N ASN A 178 -50.63 -7.84 -24.57
CA ASN A 178 -51.04 -7.66 -25.96
C ASN A 178 -50.64 -6.30 -26.50
N THR A 179 -49.83 -6.31 -27.55
CA THR A 179 -49.52 -5.10 -28.31
C THR A 179 -50.78 -4.70 -29.06
N ILE A 180 -51.05 -3.41 -29.08
CA ILE A 180 -52.38 -2.92 -29.45
C ILE A 180 -52.29 -1.65 -30.31
N ASN A 181 -53.17 -1.53 -31.31
CA ASN A 181 -52.88 -0.58 -32.40
C ASN A 181 -53.98 0.36 -32.88
N SER A 182 -55.01 0.53 -32.05
CA SER A 182 -56.09 1.52 -32.32
C SER A 182 -56.99 1.22 -33.51
N SER A 183 -56.88 0.05 -34.11
CA SER A 183 -57.95 -0.46 -34.94
C SER A 183 -59.18 -0.58 -34.01
N TYR A 184 -59.82 0.56 -33.81
CA TYR A 184 -61.07 0.69 -33.08
C TYR A 184 -62.00 -0.40 -33.57
N PHE A 185 -62.01 -1.52 -32.86
CA PHE A 185 -62.95 -2.58 -33.18
C PHE A 185 -64.23 -2.42 -32.34
N PRO A 186 -65.34 -2.10 -33.01
CA PRO A 186 -66.64 -2.04 -32.33
C PRO A 186 -66.96 -3.36 -31.65
N ASP A 187 -67.15 -3.26 -30.33
CA ASP A 187 -67.57 -4.38 -29.47
C ASP A 187 -66.60 -5.58 -29.33
N HIS A 188 -65.44 -5.53 -29.99
CA HIS A 188 -64.34 -6.50 -29.76
C HIS A 188 -62.98 -5.83 -29.54
N PRO A 189 -62.79 -5.09 -28.46
CA PRO A 189 -61.52 -4.40 -28.27
C PRO A 189 -60.55 -5.43 -27.72
N LEU A 190 -59.30 -5.03 -27.59
CA LEU A 190 -58.31 -5.88 -27.00
C LEU A 190 -57.74 -5.12 -25.80
N HIS A 191 -57.02 -5.77 -24.90
CA HIS A 191 -56.47 -5.05 -23.78
C HIS A 191 -54.97 -5.25 -23.74
N SER A 192 -54.25 -4.23 -23.26
CA SER A 192 -52.80 -4.31 -23.20
C SER A 192 -52.26 -5.33 -22.17
N ILE A 193 -52.74 -5.30 -20.94
CA ILE A 193 -52.62 -6.43 -19.98
C ILE A 193 -53.94 -6.60 -19.31
N SER A 194 -54.17 -7.81 -18.86
CA SER A 194 -55.47 -8.21 -18.43
C SER A 194 -55.36 -9.54 -17.77
N VAL A 195 -56.40 -9.86 -17.02
CA VAL A 195 -56.50 -11.16 -16.37
C VAL A 195 -57.94 -11.68 -16.41
N ARG A 196 -58.15 -12.83 -17.03
CA ARG A 196 -59.49 -13.41 -17.10
C ARG A 196 -59.42 -14.87 -16.82
N ARG A 197 -60.51 -15.41 -16.28
CA ARG A 197 -60.58 -16.84 -16.01
C ARG A 197 -61.49 -17.54 -17.00
N LEU A 198 -61.31 -18.86 -17.16
CA LEU A 198 -62.24 -19.69 -17.94
C LEU A 198 -63.50 -19.86 -17.14
N LYS A 199 -64.59 -20.23 -17.81
CA LYS A 199 -65.78 -20.58 -17.07
C LYS A 199 -65.65 -22.09 -16.85
N GLU A 200 -66.20 -22.60 -15.74
CA GLU A 200 -66.16 -24.04 -15.51
C GLU A 200 -66.98 -24.69 -16.58
N THR A 201 -67.84 -23.89 -17.23
CA THR A 201 -68.54 -24.42 -18.37
C THR A 201 -67.68 -24.48 -19.62
N LYS A 202 -66.43 -24.03 -19.52
CA LYS A 202 -65.41 -24.25 -20.56
C LYS A 202 -65.73 -23.60 -21.90
N ASP A 203 -66.67 -22.67 -21.89
CA ASP A 203 -67.24 -22.18 -23.10
C ASP A 203 -67.12 -20.66 -23.11
N GLY A 204 -66.22 -20.14 -22.29
CA GLY A 204 -66.01 -18.70 -22.28
C GLY A 204 -65.13 -18.20 -21.16
N PHE A 205 -64.33 -17.18 -21.49
CA PHE A 205 -63.57 -16.46 -20.50
C PHE A 205 -64.40 -15.33 -19.90
N MET A 206 -64.13 -14.99 -18.65
CA MET A 206 -64.72 -13.79 -18.06
C MET A 206 -63.74 -12.89 -17.29
N PHE A 207 -63.90 -11.56 -17.47
CA PHE A 207 -63.11 -10.56 -16.73
C PHE A 207 -63.85 -10.33 -15.45
N LEU A 208 -63.14 -10.40 -14.33
CA LEU A 208 -63.82 -10.42 -13.03
C LEU A 208 -64.38 -9.08 -12.57
N THR A 209 -63.65 -7.99 -12.85
CA THR A 209 -64.12 -6.62 -12.63
C THR A 209 -63.40 -5.71 -13.60
N ASP A 210 -63.80 -4.43 -13.64
CA ASP A 210 -63.26 -3.47 -14.60
C ASP A 210 -61.81 -3.11 -14.28
N GLN A 211 -61.35 -3.61 -13.13
CA GLN A 211 -59.98 -3.42 -12.68
C GLN A 211 -59.06 -4.54 -13.16
N SER A 212 -59.57 -5.40 -14.04
CA SER A 212 -58.87 -6.60 -14.46
C SER A 212 -58.14 -6.39 -15.76
N TYR A 213 -58.21 -5.20 -16.32
CA TYR A 213 -57.32 -4.85 -17.42
C TYR A 213 -56.78 -3.47 -17.24
N ILE A 214 -55.59 -3.25 -17.78
CA ILE A 214 -55.01 -1.93 -17.90
C ILE A 214 -54.73 -1.69 -19.36
N ASP A 215 -55.27 -0.60 -19.90
CA ASP A 215 -55.12 -0.34 -21.34
C ASP A 215 -54.39 0.94 -21.68
N VAL A 216 -53.46 0.86 -22.62
CA VAL A 216 -52.96 2.07 -23.28
C VAL A 216 -54.15 3.01 -23.61
N LEU A 217 -54.03 4.29 -23.29
CA LEU A 217 -55.09 5.26 -23.57
C LEU A 217 -55.32 5.36 -25.08
N PRO A 218 -56.59 5.44 -25.49
CA PRO A 218 -56.95 5.60 -26.90
C PRO A 218 -56.05 6.57 -27.68
N GLU A 219 -55.65 7.67 -27.05
CA GLU A 219 -54.82 8.70 -27.68
C GLU A 219 -53.43 8.20 -28.08
N PHE A 220 -52.84 7.35 -27.23
CA PHE A 220 -51.47 6.87 -27.45
C PHE A 220 -51.38 5.48 -28.06
N ARG A 221 -52.55 4.85 -28.20
CA ARG A 221 -52.73 3.51 -28.79
C ARG A 221 -51.93 3.29 -30.08
N ASP A 222 -51.56 4.39 -30.72
CA ASP A 222 -50.74 4.35 -31.92
C ASP A 222 -49.38 4.97 -31.61
N SER A 223 -49.39 6.15 -30.99
CA SER A 223 -48.20 7.00 -30.73
C SER A 223 -46.92 6.19 -30.80
N TYR A 224 -46.72 5.33 -29.80
CA TYR A 224 -46.08 4.04 -30.06
C TYR A 224 -46.22 2.93 -28.96
N PRO A 225 -45.92 1.70 -29.34
CA PRO A 225 -46.55 0.58 -28.69
C PRO A 225 -45.63 -0.13 -27.69
N ILE A 226 -46.13 -1.28 -27.20
CA ILE A 226 -45.53 -2.07 -26.14
C ILE A 226 -45.36 -3.53 -26.55
N LYS A 227 -44.16 -3.91 -26.99
CA LYS A 227 -43.89 -5.30 -27.31
C LYS A 227 -43.81 -6.08 -26.00
N TYR A 228 -44.43 -7.26 -25.98
CA TYR A 228 -44.33 -8.15 -24.82
C TYR A 228 -43.41 -9.34 -25.11
N VAL A 229 -42.21 -9.33 -24.53
CA VAL A 229 -41.21 -10.36 -24.84
C VAL A 229 -41.38 -11.66 -24.07
N HIS A 230 -41.77 -11.55 -22.81
CA HIS A 230 -41.81 -12.70 -21.95
C HIS A 230 -42.69 -12.45 -20.74
N ALA A 231 -43.29 -13.52 -20.24
CA ALA A 231 -44.00 -13.46 -18.97
C ALA A 231 -43.71 -14.71 -18.18
N PHE A 232 -43.75 -14.60 -16.85
CA PHE A 232 -43.62 -15.76 -15.96
C PHE A 232 -44.14 -15.45 -14.56
N GLU A 233 -44.55 -16.50 -13.86
CA GLU A 233 -45.07 -16.38 -12.51
C GLU A 233 -43.95 -16.80 -11.62
N SER A 234 -43.70 -16.06 -10.55
CA SER A 234 -42.75 -16.52 -9.53
C SER A 234 -42.97 -15.77 -8.24
N ASN A 235 -43.02 -16.53 -7.14
CA ASN A 235 -43.08 -15.98 -5.78
C ASN A 235 -44.43 -15.37 -5.44
N ASN A 236 -45.44 -15.72 -6.22
CA ASN A 236 -46.78 -15.17 -6.05
C ASN A 236 -47.07 -13.82 -6.72
N PHE A 237 -46.13 -13.35 -7.54
CA PHE A 237 -46.43 -12.32 -8.52
C PHE A 237 -46.40 -12.85 -9.96
N ILE A 238 -47.01 -12.11 -10.86
CA ILE A 238 -46.85 -12.37 -12.27
C ILE A 238 -45.93 -11.29 -12.78
N TYR A 239 -45.00 -11.69 -13.65
CA TYR A 239 -44.06 -10.74 -14.23
C TYR A 239 -44.21 -10.69 -15.75
N PHE A 240 -44.19 -9.49 -16.30
CA PHE A 240 -44.03 -9.36 -17.73
C PHE A 240 -42.76 -8.63 -18.10
N LEU A 241 -42.14 -9.09 -19.19
CA LEU A 241 -41.00 -8.39 -19.76
C LEU A 241 -41.38 -7.67 -21.05
N THR A 242 -40.84 -6.48 -21.22
CA THR A 242 -41.45 -5.53 -22.12
C THR A 242 -40.51 -4.55 -22.79
N VAL A 243 -40.86 -4.11 -24.00
CA VAL A 243 -40.03 -3.14 -24.72
C VAL A 243 -40.89 -1.99 -25.21
N GLN A 244 -40.61 -0.77 -24.71
CA GLN A 244 -41.51 0.36 -24.90
C GLN A 244 -40.96 1.68 -24.39
N ARG A 245 -40.94 2.67 -25.28
CA ARG A 245 -41.06 4.12 -24.99
C ARG A 245 -40.52 4.62 -23.65
N GLU A 246 -39.23 4.94 -23.59
CA GLU A 246 -38.66 5.44 -22.34
C GLU A 246 -39.65 6.39 -21.67
N THR A 247 -40.26 7.23 -22.51
CA THR A 247 -41.48 7.97 -22.19
C THR A 247 -42.28 8.16 -23.48
N LEU A 248 -43.54 8.57 -23.35
CA LEU A 248 -44.41 8.70 -24.51
C LEU A 248 -43.95 9.86 -25.38
N ASP A 249 -44.32 9.80 -26.67
CA ASP A 249 -43.68 10.60 -27.75
C ASP A 249 -42.21 10.94 -27.52
N ALA A 250 -41.52 10.10 -26.76
CA ALA A 250 -40.15 10.34 -26.39
C ALA A 250 -39.17 9.41 -27.08
N GLN A 251 -39.05 9.57 -28.40
CA GLN A 251 -37.95 9.06 -29.23
C GLN A 251 -37.33 7.67 -28.92
N THR A 252 -36.71 7.52 -27.75
CA THR A 252 -35.84 6.39 -27.43
C THR A 252 -36.52 5.23 -26.68
N PHE A 253 -36.10 4.01 -26.98
CA PHE A 253 -36.69 2.79 -26.41
C PHE A 253 -35.86 2.14 -25.29
N HIS A 254 -36.31 0.98 -24.81
CA HIS A 254 -36.36 0.74 -23.37
C HIS A 254 -36.97 -0.62 -23.01
N THR A 255 -36.42 -1.30 -22.01
CA THR A 255 -37.00 -2.54 -21.49
C THR A 255 -37.48 -2.35 -20.06
N ARG A 256 -38.70 -2.78 -19.73
CA ARG A 256 -39.13 -2.78 -18.34
C ARG A 256 -39.54 -4.16 -17.82
N ILE A 257 -39.62 -4.30 -16.50
CA ILE A 257 -40.42 -5.36 -15.89
C ILE A 257 -41.78 -4.78 -15.54
N ILE A 258 -42.79 -5.64 -15.61
CA ILE A 258 -44.10 -5.34 -15.11
C ILE A 258 -44.40 -6.41 -14.09
N ARG A 259 -44.90 -6.01 -12.94
CA ARG A 259 -45.17 -6.97 -11.88
C ARG A 259 -46.52 -6.64 -11.27
N PHE A 260 -47.30 -7.67 -10.98
CA PHE A 260 -48.57 -7.49 -10.25
C PHE A 260 -48.96 -8.75 -9.53
N CYS A 261 -49.80 -8.57 -8.51
CA CYS A 261 -50.24 -9.65 -7.65
C CYS A 261 -51.04 -10.64 -8.45
N SER A 262 -50.77 -11.91 -8.19
CA SER A 262 -51.41 -13.04 -8.85
C SER A 262 -52.90 -13.22 -8.43
N ILE A 263 -53.79 -12.44 -9.01
CA ILE A 263 -55.19 -12.60 -8.63
C ILE A 263 -56.20 -12.50 -9.79
N ASN A 264 -57.10 -13.48 -9.81
CA ASN A 264 -58.36 -13.46 -10.55
C ASN A 264 -59.03 -12.11 -10.56
N SER A 265 -59.22 -11.60 -9.34
CA SER A 265 -60.09 -10.49 -9.02
C SER A 265 -59.72 -9.22 -9.75
N GLY A 266 -58.50 -9.21 -10.31
CA GLY A 266 -58.01 -8.04 -11.00
C GLY A 266 -56.52 -7.88 -10.86
N LEU A 267 -55.96 -6.94 -11.60
CA LEU A 267 -54.55 -6.64 -11.52
C LEU A 267 -54.36 -5.79 -10.32
N HIS A 268 -53.54 -6.24 -9.36
CA HIS A 268 -53.49 -5.52 -8.10
C HIS A 268 -52.28 -4.62 -7.81
N SER A 269 -51.12 -5.16 -7.51
CA SER A 269 -50.08 -4.18 -7.18
C SER A 269 -49.18 -3.84 -8.36
N TYR A 270 -49.79 -3.20 -9.36
CA TYR A 270 -49.19 -3.02 -10.66
C TYR A 270 -48.10 -1.95 -10.68
N MET A 271 -46.94 -2.29 -11.26
CA MET A 271 -45.80 -1.37 -11.35
C MET A 271 -44.90 -1.80 -12.47
N GLU A 272 -44.49 -0.85 -13.31
CA GLU A 272 -43.49 -1.17 -14.33
C GLU A 272 -42.18 -0.52 -13.93
N MET A 273 -41.12 -1.29 -13.87
CA MET A 273 -39.81 -0.71 -13.57
C MET A 273 -38.81 -1.04 -14.65
N PRO A 274 -38.19 -0.01 -15.22
CA PRO A 274 -37.12 -0.14 -16.23
C PRO A 274 -35.96 -1.04 -15.82
N LEU A 275 -35.34 -1.68 -16.82
CA LEU A 275 -34.18 -2.55 -16.68
C LEU A 275 -33.06 -2.11 -17.64
N GLU A 276 -31.82 -2.15 -17.16
CA GLU A 276 -30.66 -1.69 -17.92
C GLU A 276 -29.58 -2.77 -17.97
N CYS A 277 -29.18 -3.16 -19.18
CA CYS A 277 -27.96 -3.97 -19.34
C CYS A 277 -26.85 -3.10 -19.91
N ILE A 278 -25.67 -3.17 -19.31
CA ILE A 278 -24.54 -2.35 -19.74
C ILE A 278 -23.23 -3.12 -19.93
N LEU A 279 -22.35 -2.58 -20.77
CA LEU A 279 -21.06 -3.18 -21.12
C LEU A 279 -19.92 -2.86 -20.13
N THR A 280 -19.88 -1.63 -19.62
CA THR A 280 -18.83 -1.14 -18.69
C THR A 280 -17.44 -1.16 -19.31
N LYS A 290 -21.63 4.89 -20.02
CA LYS A 290 -22.47 3.69 -20.00
C LYS A 290 -22.85 3.26 -21.42
N GLU A 291 -22.55 2.01 -21.76
CA GLU A 291 -23.01 1.43 -23.03
C GLU A 291 -24.18 0.46 -22.77
N VAL A 292 -25.40 0.94 -23.04
CA VAL A 292 -26.62 0.26 -22.59
C VAL A 292 -27.32 -0.57 -23.67
N PHE A 293 -27.85 -1.72 -23.25
CA PHE A 293 -28.57 -2.63 -24.14
C PHE A 293 -30.05 -2.62 -23.80
N ASN A 294 -30.75 -1.72 -24.46
CA ASN A 294 -32.08 -1.32 -24.05
C ASN A 294 -33.18 -2.16 -24.66
N ILE A 295 -32.83 -3.07 -25.57
CA ILE A 295 -33.84 -3.92 -26.18
C ILE A 295 -33.65 -5.42 -25.87
N LEU A 296 -34.39 -5.87 -24.87
CA LEU A 296 -34.46 -7.26 -24.48
C LEU A 296 -34.99 -8.08 -25.64
N GLN A 297 -34.30 -9.19 -25.91
CA GLN A 297 -34.51 -10.01 -27.11
C GLN A 297 -35.14 -11.34 -26.79
N ALA A 298 -34.76 -11.89 -25.65
CA ALA A 298 -35.31 -13.15 -25.17
C ALA A 298 -34.91 -13.21 -23.72
N ALA A 299 -35.49 -14.17 -22.99
CA ALA A 299 -35.23 -14.35 -21.56
C ALA A 299 -35.72 -15.68 -21.09
N TYR A 300 -34.95 -16.30 -20.20
CA TYR A 300 -35.33 -17.52 -19.50
C TYR A 300 -35.19 -17.27 -18.00
N VAL A 301 -35.93 -18.04 -17.20
CA VAL A 301 -35.90 -17.92 -15.74
C VAL A 301 -35.59 -19.27 -15.13
N SER A 302 -34.57 -19.33 -14.30
CA SER A 302 -34.15 -20.60 -13.75
C SER A 302 -33.42 -20.38 -12.44
N LYS A 303 -33.06 -21.48 -11.80
CA LYS A 303 -32.30 -21.40 -10.60
C LYS A 303 -30.83 -21.34 -11.02
N PRO A 304 -29.95 -20.82 -10.18
CA PRO A 304 -28.51 -20.84 -10.49
C PRO A 304 -27.79 -22.10 -9.99
N GLY A 305 -26.57 -22.31 -10.50
CA GLY A 305 -25.65 -23.28 -9.93
C GLY A 305 -24.75 -22.56 -8.94
N ALA A 306 -24.07 -23.32 -8.08
CA ALA A 306 -23.30 -22.72 -7.00
C ALA A 306 -22.31 -21.62 -7.43
N GLN A 307 -21.54 -21.87 -8.50
CA GLN A 307 -20.52 -20.92 -8.95
C GLN A 307 -21.14 -19.57 -9.24
N LEU A 308 -22.09 -19.56 -10.17
CA LEU A 308 -22.80 -18.34 -10.47
C LEU A 308 -23.47 -17.80 -9.22
N ALA A 309 -24.07 -18.69 -8.43
CA ALA A 309 -24.82 -18.28 -7.25
C ALA A 309 -23.95 -17.36 -6.42
N ARG A 310 -22.94 -17.95 -5.78
CA ARG A 310 -21.92 -17.20 -5.03
C ARG A 310 -21.73 -15.78 -5.58
N GLN A 311 -21.53 -15.69 -6.90
CA GLN A 311 -21.16 -14.45 -7.57
C GLN A 311 -22.20 -13.33 -7.65
N ILE A 312 -23.48 -13.66 -7.83
CA ILE A 312 -24.48 -12.64 -8.12
C ILE A 312 -25.45 -12.30 -6.98
N GLY A 313 -25.23 -12.89 -5.81
CA GLY A 313 -26.17 -12.71 -4.71
C GLY A 313 -26.84 -13.99 -4.28
N ALA A 314 -26.60 -15.07 -5.04
CA ALA A 314 -26.71 -16.45 -4.56
C ALA A 314 -28.10 -16.94 -4.21
N SER A 315 -28.13 -17.92 -3.29
CA SER A 315 -29.29 -18.73 -2.95
C SER A 315 -29.51 -19.85 -3.98
N LEU A 316 -28.92 -21.00 -3.68
CA LEU A 316 -28.99 -22.19 -4.52
C LEU A 316 -30.37 -22.42 -5.14
N ASN A 317 -31.38 -22.03 -4.38
CA ASN A 317 -32.77 -22.25 -4.72
C ASN A 317 -33.50 -20.92 -4.98
N ASP A 318 -32.91 -20.09 -5.84
CA ASP A 318 -33.50 -18.80 -6.19
C ASP A 318 -33.78 -18.62 -7.68
N ASP A 319 -34.86 -17.93 -7.99
CA ASP A 319 -35.19 -17.64 -9.39
C ASP A 319 -34.39 -16.45 -9.93
N ILE A 320 -33.73 -16.68 -11.07
CA ILE A 320 -33.01 -15.60 -11.74
C ILE A 320 -33.51 -15.43 -13.16
N LEU A 321 -33.66 -14.18 -13.55
CA LEU A 321 -34.07 -13.84 -14.90
C LEU A 321 -32.81 -13.62 -15.75
N PHE A 322 -32.51 -14.60 -16.59
CA PHE A 322 -31.46 -14.43 -17.58
C PHE A 322 -32.07 -13.74 -18.78
N GLY A 323 -31.52 -12.57 -19.12
CA GLY A 323 -32.06 -11.80 -20.23
C GLY A 323 -31.03 -11.45 -21.29
N VAL A 324 -31.27 -11.88 -22.50
CA VAL A 324 -30.36 -11.58 -23.59
C VAL A 324 -30.82 -10.29 -24.28
N PHE A 325 -30.02 -9.22 -24.13
CA PHE A 325 -30.40 -7.87 -24.58
C PHE A 325 -29.71 -7.47 -25.86
N ALA A 326 -29.85 -6.19 -26.23
CA ALA A 326 -29.32 -5.66 -27.49
C ALA A 326 -29.39 -4.13 -27.55
N GLN A 327 -28.49 -3.54 -28.33
CA GLN A 327 -28.40 -2.09 -28.47
C GLN A 327 -29.29 -1.56 -29.59
N SER A 328 -29.98 -0.46 -29.30
CA SER A 328 -30.90 0.19 -30.22
C SER A 328 -30.18 0.91 -31.32
N LYS A 329 -30.72 0.81 -32.53
CA LYS A 329 -30.40 1.74 -33.60
C LYS A 329 -30.96 3.08 -33.15
N PRO A 330 -30.14 4.14 -33.16
CA PRO A 330 -30.52 5.40 -32.52
C PRO A 330 -31.89 5.92 -32.95
N ASP A 331 -32.67 6.35 -31.95
CA ASP A 331 -34.05 6.83 -32.11
C ASP A 331 -35.05 5.74 -32.51
N SER A 332 -34.69 4.48 -32.29
CA SER A 332 -35.55 3.37 -32.70
C SER A 332 -35.73 2.27 -31.66
N ALA A 333 -36.41 1.19 -32.07
CA ALA A 333 -36.73 0.04 -31.24
C ALA A 333 -36.18 -1.23 -31.87
N GLU A 334 -35.82 -1.12 -33.16
CA GLU A 334 -35.14 -2.17 -33.90
C GLU A 334 -33.72 -2.35 -33.35
N PRO A 335 -33.25 -3.60 -33.29
CA PRO A 335 -31.95 -3.91 -32.71
C PRO A 335 -30.84 -4.02 -33.75
N MET A 336 -29.67 -3.49 -33.38
CA MET A 336 -28.44 -3.69 -34.14
C MET A 336 -27.80 -5.02 -33.75
N ASP A 337 -26.80 -5.47 -34.50
CA ASP A 337 -26.16 -6.75 -34.20
C ASP A 337 -25.18 -6.67 -33.01
N ARG A 338 -25.60 -6.03 -31.92
CA ARG A 338 -24.79 -5.90 -30.72
C ARG A 338 -25.51 -6.54 -29.54
N SER A 339 -24.92 -7.55 -28.92
CA SER A 339 -25.59 -8.23 -27.82
C SER A 339 -24.79 -8.30 -26.54
N ALA A 340 -25.54 -8.48 -25.45
CA ALA A 340 -24.99 -8.70 -24.12
C ALA A 340 -26.09 -9.35 -23.32
N MET A 341 -25.75 -10.35 -22.51
CA MET A 341 -26.75 -10.96 -21.63
C MET A 341 -26.40 -10.61 -20.20
N CYS A 342 -27.42 -10.41 -19.37
CA CYS A 342 -27.21 -10.19 -17.94
C CYS A 342 -28.41 -10.58 -17.10
N ALA A 343 -28.14 -10.98 -15.86
CA ALA A 343 -29.07 -11.77 -15.05
C ALA A 343 -29.56 -11.06 -13.81
N PHE A 344 -30.88 -11.06 -13.62
CA PHE A 344 -31.50 -10.42 -12.47
C PHE A 344 -32.18 -11.44 -11.60
N PRO A 345 -31.74 -11.62 -10.35
CA PRO A 345 -32.48 -12.49 -9.44
C PRO A 345 -33.78 -11.79 -9.08
N ILE A 346 -34.89 -12.51 -9.18
CA ILE A 346 -36.17 -11.86 -8.99
C ILE A 346 -36.30 -11.39 -7.54
N LYS A 347 -35.52 -12.00 -6.65
CA LYS A 347 -35.54 -11.60 -5.25
C LYS A 347 -35.11 -10.13 -5.12
N TYR A 348 -34.15 -9.70 -5.94
CA TYR A 348 -33.70 -8.30 -5.94
C TYR A 348 -34.64 -7.39 -6.70
N VAL A 349 -35.13 -7.86 -7.84
CA VAL A 349 -36.20 -7.18 -8.55
C VAL A 349 -37.29 -6.70 -7.56
N ASN A 350 -37.80 -7.63 -6.74
CA ASN A 350 -38.80 -7.31 -5.72
C ASN A 350 -38.33 -6.23 -4.74
N ASP A 351 -37.11 -6.37 -4.26
CA ASP A 351 -36.57 -5.38 -3.34
C ASP A 351 -36.68 -4.00 -3.97
N PHE A 352 -36.16 -3.89 -5.19
CA PHE A 352 -36.22 -2.65 -5.95
C PHE A 352 -37.64 -2.14 -6.13
N PHE A 353 -38.60 -3.07 -6.23
CA PHE A 353 -40.01 -2.72 -6.33
C PHE A 353 -40.57 -2.27 -5.00
N ASN A 354 -40.21 -2.98 -3.93
CA ASN A 354 -40.79 -2.77 -2.60
C ASN A 354 -40.16 -1.52 -1.97
N LYS A 355 -38.85 -1.36 -2.13
CA LYS A 355 -38.15 -0.30 -1.39
C LYS A 355 -38.97 0.95 -1.69
N ILE A 356 -39.55 1.61 -0.69
CA ILE A 356 -40.28 2.81 -1.02
C ILE A 356 -40.11 3.10 -2.50
N ASN A 361 -38.83 8.66 -7.71
CA ASN A 361 -38.57 8.14 -6.63
C ASN A 361 -39.59 7.53 -7.62
N VAL A 362 -40.87 7.80 -7.37
CA VAL A 362 -41.98 7.10 -8.03
C VAL A 362 -42.91 7.93 -8.90
N ARG A 363 -42.92 7.66 -10.21
CA ARG A 363 -43.82 8.36 -11.13
C ARG A 363 -45.22 7.72 -11.16
N CYS A 364 -46.01 8.08 -12.17
CA CYS A 364 -47.35 7.52 -12.34
C CYS A 364 -47.52 7.09 -13.79
N LEU A 365 -48.39 6.09 -14.00
CA LEU A 365 -48.44 5.35 -15.27
C LEU A 365 -48.91 6.18 -16.45
N GLN A 366 -47.95 6.83 -17.11
CA GLN A 366 -48.23 7.86 -18.11
C GLN A 366 -49.10 7.42 -19.29
N HIS A 367 -49.07 6.13 -19.62
CA HIS A 367 -49.78 5.62 -20.79
C HIS A 367 -51.20 5.11 -20.49
N PHE A 368 -51.55 5.03 -19.20
CA PHE A 368 -52.81 4.45 -18.76
C PHE A 368 -53.72 5.50 -18.12
N TYR A 369 -53.12 6.30 -17.25
CA TYR A 369 -53.71 7.52 -16.73
C TYR A 369 -53.38 8.57 -17.75
N GLY A 370 -53.91 9.77 -17.58
CA GLY A 370 -53.37 10.91 -18.32
C GLY A 370 -51.98 11.19 -17.78
N PRO A 371 -51.18 11.98 -18.50
CA PRO A 371 -50.03 12.65 -17.87
C PRO A 371 -50.57 13.68 -16.89
N ASN A 372 -51.80 14.14 -17.13
CA ASN A 372 -52.48 15.08 -16.25
C ASN A 372 -53.67 14.44 -15.55
N HIS A 373 -54.46 15.28 -14.87
CA HIS A 373 -55.61 14.88 -14.05
C HIS A 373 -55.24 14.06 -12.80
N GLU A 374 -56.24 13.83 -11.94
CA GLU A 374 -56.07 13.23 -10.61
C GLU A 374 -55.29 11.91 -10.61
N HIS A 375 -55.03 11.40 -9.40
CA HIS A 375 -54.17 10.22 -9.17
C HIS A 375 -52.71 10.56 -9.47
N CYS A 376 -52.47 11.18 -10.63
CA CYS A 376 -51.13 11.55 -11.07
C CYS A 376 -50.59 12.78 -10.34
N PHE A 377 -51.49 13.63 -9.85
CA PHE A 377 -51.11 14.78 -9.02
C PHE A 377 -51.54 14.52 -7.57
N ASN A 378 -51.20 13.33 -7.06
CA ASN A 378 -51.70 12.87 -5.76
C ASN A 378 -50.65 12.23 -4.81
N ARG A 379 -50.77 10.90 -4.60
CA ARG A 379 -50.06 10.16 -3.54
C ARG A 379 -50.31 10.75 -2.15
N ASP A 393 -53.99 -2.61 -5.94
CA ASP A 393 -55.42 -2.38 -5.97
C ASP A 393 -55.76 -1.10 -6.75
N GLU A 394 -55.40 0.05 -6.20
CA GLU A 394 -55.93 1.34 -6.65
C GLU A 394 -55.02 2.13 -7.59
N TYR A 395 -53.74 2.26 -7.22
CA TYR A 395 -52.78 3.06 -8.00
C TYR A 395 -51.81 2.21 -8.86
N ARG A 396 -51.30 2.83 -9.91
CA ARG A 396 -50.52 2.15 -10.94
C ARG A 396 -49.23 2.92 -11.19
N THR A 397 -48.13 2.35 -10.72
CA THR A 397 -46.87 3.08 -10.52
C THR A 397 -45.74 2.77 -11.51
N GLU A 398 -45.31 3.79 -12.23
CA GLU A 398 -44.08 3.75 -13.01
C GLU A 398 -42.89 4.07 -12.11
N PHE A 399 -41.71 3.59 -12.47
CA PHE A 399 -40.49 3.90 -11.74
C PHE A 399 -39.62 4.75 -12.64
N THR A 400 -38.85 5.65 -12.03
CA THR A 400 -38.08 6.64 -12.77
C THR A 400 -36.63 6.21 -13.05
N THR A 401 -36.13 5.24 -12.28
CA THR A 401 -34.78 4.70 -12.47
C THR A 401 -34.78 3.18 -12.67
N ALA A 402 -33.85 2.74 -13.51
CA ALA A 402 -33.69 1.31 -13.81
C ALA A 402 -32.93 0.55 -12.74
N LEU A 403 -33.09 -0.76 -12.76
CA LEU A 403 -32.25 -1.65 -12.01
C LEU A 403 -31.22 -2.10 -13.03
N GLN A 404 -29.97 -1.71 -12.82
CA GLN A 404 -28.92 -2.05 -13.77
C GLN A 404 -28.03 -3.19 -13.31
N ARG A 405 -27.56 -3.93 -14.28
CA ARG A 405 -26.61 -5.02 -14.09
C ARG A 405 -25.72 -5.06 -15.32
N VAL A 406 -24.54 -5.67 -15.17
CA VAL A 406 -23.52 -5.66 -16.21
C VAL A 406 -23.55 -6.94 -17.04
N ASP A 407 -23.09 -6.84 -18.29
CA ASP A 407 -22.93 -8.01 -19.16
C ASP A 407 -22.10 -9.09 -18.44
N LEU A 408 -22.60 -10.31 -18.50
CA LEU A 408 -21.95 -11.44 -17.86
C LEU A 408 -20.98 -12.09 -18.84
N PHE A 409 -21.07 -11.66 -20.10
CA PHE A 409 -20.22 -12.18 -21.15
C PHE A 409 -19.17 -11.11 -21.38
N MET A 410 -19.45 -9.91 -20.85
CA MET A 410 -18.53 -8.77 -20.92
C MET A 410 -18.06 -8.41 -22.36
N GLY A 411 -19.02 -8.44 -23.28
CA GLY A 411 -18.74 -8.20 -24.68
C GLY A 411 -18.42 -9.36 -25.60
N GLN A 412 -18.24 -10.55 -25.02
CA GLN A 412 -18.03 -11.78 -25.77
C GLN A 412 -18.93 -11.85 -27.01
N PHE A 413 -20.04 -11.13 -26.94
CA PHE A 413 -21.09 -11.22 -27.94
C PHE A 413 -21.54 -9.87 -28.47
N SER A 414 -20.65 -8.88 -28.40
CA SER A 414 -21.01 -7.51 -28.74
C SER A 414 -20.95 -7.20 -30.23
N GLU A 415 -20.81 -8.24 -31.05
CA GLU A 415 -20.83 -8.08 -32.50
C GLU A 415 -21.88 -8.93 -33.23
N VAL A 416 -22.60 -9.76 -32.46
CA VAL A 416 -23.70 -10.60 -32.97
C VAL A 416 -25.03 -10.32 -32.23
N LEU A 417 -26.15 -10.68 -32.85
CA LEU A 417 -27.49 -10.47 -32.28
C LEU A 417 -28.10 -11.75 -31.68
N LEU A 418 -27.88 -11.93 -30.37
CA LEU A 418 -28.44 -13.05 -29.61
C LEU A 418 -29.95 -12.95 -29.60
N THR A 419 -30.62 -14.02 -30.00
CA THR A 419 -32.06 -13.96 -30.22
C THR A 419 -32.76 -14.98 -29.39
N SER A 420 -32.00 -15.80 -28.67
CA SER A 420 -32.60 -16.82 -27.84
C SER A 420 -31.67 -17.30 -26.71
N ILE A 421 -32.22 -17.39 -25.49
CA ILE A 421 -31.45 -17.90 -24.34
C ILE A 421 -32.24 -18.90 -23.54
N SER A 422 -31.50 -19.81 -22.91
CA SER A 422 -32.04 -20.87 -22.09
C SER A 422 -30.88 -21.22 -21.12
N THR A 423 -31.16 -21.92 -20.02
CA THR A 423 -30.17 -22.05 -18.96
C THR A 423 -30.20 -23.35 -18.17
N PHE A 424 -29.05 -23.90 -17.82
CA PHE A 424 -29.04 -25.09 -16.98
C PHE A 424 -27.82 -25.25 -16.10
N ILE A 425 -27.98 -26.11 -15.08
CA ILE A 425 -26.94 -26.38 -14.11
C ILE A 425 -26.27 -27.69 -14.49
N LYS A 426 -24.95 -27.71 -14.46
CA LYS A 426 -24.19 -28.96 -14.41
C LYS A 426 -23.26 -28.88 -13.20
N GLY A 427 -23.57 -29.68 -12.19
CA GLY A 427 -22.87 -29.62 -10.92
C GLY A 427 -22.80 -28.22 -10.34
N ASP A 428 -21.66 -27.56 -10.53
CA ASP A 428 -21.47 -26.22 -10.00
C ASP A 428 -21.66 -25.20 -11.10
N LEU A 429 -21.70 -25.68 -12.33
CA LEU A 429 -21.69 -24.80 -13.47
C LEU A 429 -23.09 -24.37 -13.85
N THR A 430 -23.20 -23.12 -14.31
CA THR A 430 -24.42 -22.60 -14.92
C THR A 430 -24.19 -22.42 -16.42
N ILE A 431 -25.03 -23.05 -17.24
CA ILE A 431 -24.84 -22.99 -18.69
C ILE A 431 -25.97 -22.36 -19.52
N ALA A 432 -25.60 -21.31 -20.25
CA ALA A 432 -26.47 -20.69 -21.24
C ALA A 432 -26.55 -21.53 -22.51
N ASN A 433 -27.75 -21.62 -23.08
CA ASN A 433 -27.94 -22.11 -24.43
C ASN A 433 -28.29 -20.93 -25.32
N LEU A 434 -27.39 -20.55 -26.21
CA LEU A 434 -27.59 -19.33 -26.96
C LEU A 434 -27.96 -19.54 -28.41
N GLY A 435 -28.65 -18.55 -28.98
CA GLY A 435 -29.10 -18.59 -30.36
C GLY A 435 -28.96 -17.21 -31.00
N THR A 436 -28.82 -17.19 -32.32
CA THR A 436 -28.32 -16.03 -33.05
C THR A 436 -29.10 -15.78 -34.33
N SER A 437 -29.14 -14.53 -34.78
CA SER A 437 -29.80 -14.20 -36.04
C SER A 437 -29.15 -14.87 -37.25
N GLU A 438 -27.85 -15.17 -37.14
CA GLU A 438 -27.12 -15.82 -38.23
C GLU A 438 -27.42 -17.34 -38.27
N GLY A 439 -28.04 -17.85 -37.22
CA GLY A 439 -28.42 -19.25 -37.16
C GLY A 439 -27.56 -20.06 -36.21
N ARG A 440 -26.60 -19.40 -35.56
CA ARG A 440 -25.65 -20.12 -34.73
C ARG A 440 -26.24 -20.46 -33.36
N PHE A 441 -26.07 -21.72 -32.96
CA PHE A 441 -26.46 -22.18 -31.63
C PHE A 441 -25.23 -22.51 -30.82
N MET A 442 -25.17 -22.05 -29.57
CA MET A 442 -23.96 -22.28 -28.78
C MET A 442 -24.14 -22.37 -27.27
N GLN A 443 -23.46 -23.32 -26.65
CA GLN A 443 -23.49 -23.53 -25.20
C GLN A 443 -22.31 -22.82 -24.52
N VAL A 444 -22.61 -21.86 -23.64
CA VAL A 444 -21.59 -21.17 -22.84
C VAL A 444 -21.76 -21.39 -21.34
N VAL A 445 -20.65 -21.22 -20.61
CA VAL A 445 -20.65 -21.22 -19.15
C VAL A 445 -20.79 -19.78 -18.65
N VAL A 446 -21.69 -19.59 -17.69
CA VAL A 446 -21.97 -18.27 -17.14
C VAL A 446 -21.08 -17.97 -15.95
N SER A 447 -20.37 -16.84 -16.00
CA SER A 447 -19.48 -16.43 -14.90
C SER A 447 -19.07 -14.96 -14.96
N ARG A 448 -18.87 -14.38 -13.77
CA ARG A 448 -18.25 -13.07 -13.64
C ARG A 448 -16.75 -13.33 -13.70
N SER A 449 -16.27 -14.10 -12.73
CA SER A 449 -14.89 -14.55 -12.65
C SER A 449 -14.63 -15.61 -13.71
N GLY A 450 -14.06 -15.20 -14.83
CA GLY A 450 -13.88 -16.06 -15.98
C GLY A 450 -14.71 -15.53 -17.14
N PRO A 451 -14.04 -15.20 -18.25
CA PRO A 451 -14.70 -14.59 -19.42
C PRO A 451 -15.01 -15.65 -20.47
N SER A 452 -15.66 -16.74 -20.07
CA SER A 452 -15.65 -17.99 -20.80
C SER A 452 -16.09 -17.95 -22.27
N THR A 453 -15.44 -18.81 -23.05
CA THR A 453 -15.72 -18.98 -24.46
C THR A 453 -16.50 -20.26 -24.64
N PRO A 454 -17.41 -20.26 -25.60
CA PRO A 454 -18.40 -21.34 -25.74
C PRO A 454 -17.73 -22.64 -26.11
N HIS A 455 -18.16 -23.72 -25.47
CA HIS A 455 -17.63 -25.03 -25.79
C HIS A 455 -18.44 -25.73 -26.88
N VAL A 456 -19.61 -25.19 -27.18
CA VAL A 456 -20.38 -25.62 -28.34
C VAL A 456 -20.73 -24.39 -29.20
N ASN A 457 -20.52 -24.50 -30.51
CA ASN A 457 -20.72 -23.40 -31.43
C ASN A 457 -20.87 -23.91 -32.85
N PHE A 458 -22.02 -23.66 -33.48
CA PHE A 458 -22.31 -24.20 -34.80
C PHE A 458 -23.60 -23.69 -35.45
N LEU A 459 -23.79 -24.07 -36.71
CA LEU A 459 -24.90 -23.62 -37.53
C LEU A 459 -26.12 -24.53 -37.44
N LEU A 460 -27.23 -23.97 -36.96
CA LEU A 460 -28.55 -24.52 -37.20
C LEU A 460 -29.12 -23.82 -38.44
N ASP A 461 -30.20 -24.37 -39.00
CA ASP A 461 -30.72 -23.89 -40.29
C ASP A 461 -30.70 -22.38 -40.48
N SER A 462 -30.10 -21.96 -41.59
CA SER A 462 -29.84 -20.54 -41.90
C SER A 462 -30.85 -19.51 -41.39
N HIS A 463 -32.08 -19.93 -41.09
CA HIS A 463 -33.07 -19.04 -40.51
C HIS A 463 -32.71 -18.76 -39.05
N PRO A 464 -32.98 -17.55 -38.55
CA PRO A 464 -32.56 -17.16 -37.19
C PRO A 464 -33.05 -18.13 -36.11
N VAL A 465 -32.52 -18.00 -34.90
CA VAL A 465 -32.96 -18.83 -33.78
C VAL A 465 -34.11 -18.16 -33.03
N SER A 466 -35.13 -18.95 -32.70
CA SER A 466 -36.36 -18.41 -32.13
C SER A 466 -36.27 -18.35 -30.62
N PRO A 467 -36.84 -17.28 -30.05
CA PRO A 467 -36.80 -17.06 -28.59
C PRO A 467 -37.67 -18.07 -27.85
N GLU A 468 -38.64 -18.64 -28.56
CA GLU A 468 -39.49 -19.69 -28.00
C GLU A 468 -38.68 -20.97 -27.88
N VAL A 469 -38.45 -21.42 -26.63
CA VAL A 469 -37.56 -22.56 -26.39
C VAL A 469 -38.08 -23.48 -25.31
N ILE A 470 -37.71 -24.76 -25.38
CA ILE A 470 -38.05 -25.72 -24.33
C ILE A 470 -36.81 -26.43 -23.74
N VAL A 471 -36.75 -26.50 -22.41
CA VAL A 471 -35.73 -27.31 -21.76
C VAL A 471 -36.41 -28.39 -20.94
N GLU A 472 -35.98 -29.63 -21.08
CA GLU A 472 -36.55 -30.65 -20.23
C GLU A 472 -35.53 -31.58 -19.68
N HIS A 473 -35.50 -31.69 -18.36
CA HIS A 473 -34.52 -32.50 -17.68
C HIS A 473 -34.95 -33.94 -17.57
N THR A 474 -33.97 -34.80 -17.37
CA THR A 474 -34.21 -36.20 -17.10
C THR A 474 -33.25 -36.60 -15.99
N LEU A 475 -33.58 -37.69 -15.29
CA LEU A 475 -32.84 -38.10 -14.10
C LEU A 475 -31.33 -38.10 -14.31
N ASN A 476 -30.60 -37.62 -13.29
CA ASN A 476 -29.13 -37.55 -13.26
C ASN A 476 -28.51 -36.31 -13.95
N GLN A 477 -29.34 -35.30 -14.19
CA GLN A 477 -28.88 -33.97 -14.65
C GLN A 477 -28.52 -33.82 -16.15
N ASN A 478 -29.08 -34.66 -17.01
CA ASN A 478 -29.09 -34.35 -18.46
C ASN A 478 -30.48 -33.91 -18.96
N GLY A 479 -30.80 -34.20 -20.22
CA GLY A 479 -32.01 -33.71 -20.85
C GLY A 479 -31.70 -33.04 -22.18
N TYR A 480 -32.60 -32.20 -22.68
CA TYR A 480 -32.46 -31.62 -24.01
C TYR A 480 -33.16 -30.28 -24.13
N THR A 481 -32.76 -29.48 -25.11
CA THR A 481 -33.49 -28.27 -25.48
C THR A 481 -34.11 -28.54 -26.80
N LEU A 482 -35.35 -28.07 -26.96
CA LEU A 482 -35.97 -28.03 -28.28
C LEU A 482 -35.81 -26.63 -28.80
N VAL A 483 -35.30 -26.53 -30.02
CA VAL A 483 -34.88 -25.26 -30.58
C VAL A 483 -35.37 -25.03 -32.01
N ILE A 484 -36.26 -24.02 -32.12
CA ILE A 484 -36.94 -23.65 -33.37
C ILE A 484 -36.13 -22.69 -34.24
N THR A 485 -36.04 -23.03 -35.52
CA THR A 485 -35.24 -22.28 -36.48
C THR A 485 -36.06 -22.19 -37.76
N GLY A 486 -36.49 -20.99 -38.12
CA GLY A 486 -37.43 -20.82 -39.23
C GLY A 486 -38.65 -21.71 -39.05
N LYS A 487 -38.63 -22.87 -39.73
CA LYS A 487 -39.69 -23.88 -39.58
C LYS A 487 -39.12 -25.28 -39.27
N LYS A 488 -38.08 -25.34 -38.46
CA LYS A 488 -37.48 -26.61 -38.06
C LYS A 488 -37.21 -26.65 -36.55
N ILE A 489 -37.63 -27.72 -35.90
CA ILE A 489 -37.35 -27.88 -34.48
C ILE A 489 -36.32 -28.99 -34.25
N THR A 490 -35.31 -28.70 -33.45
CA THR A 490 -34.14 -29.55 -33.30
C THR A 490 -34.00 -29.91 -31.85
N LYS A 491 -33.57 -31.15 -31.57
CA LYS A 491 -33.51 -31.64 -30.19
C LYS A 491 -32.08 -31.73 -29.71
N ILE A 492 -31.51 -30.57 -29.39
CA ILE A 492 -30.13 -30.49 -28.93
C ILE A 492 -30.00 -30.96 -27.48
N PRO A 493 -29.27 -32.07 -27.27
CA PRO A 493 -28.96 -32.56 -25.93
C PRO A 493 -28.23 -31.51 -25.12
N LEU A 494 -28.52 -31.41 -23.83
CA LEU A 494 -27.85 -30.44 -22.98
C LEU A 494 -26.37 -30.72 -22.76
N ASN A 495 -25.93 -31.97 -22.95
CA ASN A 495 -24.68 -32.39 -22.35
C ASN A 495 -23.53 -32.97 -23.20
N GLY A 496 -23.80 -34.05 -23.92
CA GLY A 496 -22.72 -34.75 -24.60
C GLY A 496 -21.97 -33.96 -25.67
N LEU A 497 -22.64 -32.93 -26.18
CA LEU A 497 -22.31 -32.35 -27.48
C LEU A 497 -20.90 -31.78 -27.63
N GLY A 498 -20.72 -35.68 -30.91
CA GLY A 498 -20.94 -35.09 -29.59
C GLY A 498 -19.64 -34.84 -28.85
N CYS A 499 -19.18 -35.85 -28.12
CA CYS A 499 -17.91 -35.80 -27.42
C CYS A 499 -16.75 -35.94 -28.41
N ARG A 500 -17.10 -36.40 -29.61
CA ARG A 500 -16.14 -36.66 -30.67
C ARG A 500 -15.91 -35.44 -31.56
N HIS A 501 -16.43 -34.29 -31.14
CA HIS A 501 -16.17 -33.04 -31.82
C HIS A 501 -14.71 -32.62 -31.75
N PHE A 502 -14.11 -32.79 -30.58
CA PHE A 502 -12.76 -32.31 -30.31
C PHE A 502 -11.75 -33.20 -31.04
N GLN A 503 -10.77 -32.57 -31.68
CA GLN A 503 -9.87 -33.28 -32.58
C GLN A 503 -8.46 -33.40 -32.02
N SER A 504 -8.04 -32.41 -31.23
CA SER A 504 -6.72 -32.47 -30.61
C SER A 504 -6.83 -32.92 -29.15
N CYS A 505 -5.75 -33.45 -28.61
CA CYS A 505 -5.71 -33.91 -27.22
C CYS A 505 -5.94 -32.79 -26.23
N SER A 506 -5.41 -31.61 -26.55
CA SER A 506 -5.54 -30.45 -25.67
C SER A 506 -6.97 -29.93 -25.64
N GLN A 507 -7.59 -29.84 -26.81
CA GLN A 507 -8.98 -29.39 -26.91
C GLN A 507 -9.89 -30.39 -26.22
N CYS A 508 -9.51 -31.67 -26.28
CA CYS A 508 -10.31 -32.74 -25.69
C CYS A 508 -10.37 -32.62 -24.18
N LEU A 509 -9.23 -32.34 -23.55
CA LEU A 509 -9.17 -32.23 -22.10
C LEU A 509 -9.61 -30.84 -21.63
N SER A 510 -9.81 -29.94 -22.59
CA SER A 510 -10.36 -28.61 -22.31
C SER A 510 -11.88 -28.63 -22.41
N ALA A 511 -12.42 -29.77 -22.85
CA ALA A 511 -13.85 -29.93 -23.02
C ALA A 511 -14.56 -29.76 -21.68
N PRO A 512 -15.80 -29.26 -21.70
CA PRO A 512 -16.52 -29.03 -20.44
C PRO A 512 -16.68 -30.31 -19.64
N PRO A 513 -16.58 -30.22 -18.32
CA PRO A 513 -16.53 -31.40 -17.44
C PRO A 513 -17.72 -32.35 -17.61
N PHE A 514 -18.90 -31.81 -17.89
CA PHE A 514 -20.11 -32.64 -17.94
C PHE A 514 -20.09 -33.65 -19.09
N VAL A 515 -19.37 -33.35 -20.16
CA VAL A 515 -19.30 -34.26 -21.30
C VAL A 515 -18.49 -35.50 -20.93
N GLN A 516 -17.63 -35.34 -19.93
CA GLN A 516 -16.79 -36.41 -19.38
C GLN A 516 -15.91 -37.01 -20.48
N CYS A 517 -15.11 -36.17 -21.11
CA CYS A 517 -14.29 -36.59 -22.23
C CYS A 517 -12.87 -36.95 -21.83
N GLY A 518 -12.28 -37.88 -22.58
CA GLY A 518 -10.88 -38.25 -22.41
C GLY A 518 -10.25 -38.50 -23.76
N TRP A 519 -8.94 -38.68 -23.77
CA TRP A 519 -8.23 -38.87 -25.03
C TRP A 519 -7.74 -40.30 -25.19
N CYS A 520 -8.11 -40.92 -26.30
CA CYS A 520 -7.83 -42.32 -26.55
C CYS A 520 -6.89 -42.45 -27.74
N HIS A 521 -5.63 -42.11 -27.51
CA HIS A 521 -4.59 -42.14 -28.54
C HIS A 521 -4.86 -41.13 -29.65
N ASP A 522 -5.94 -41.33 -30.40
CA ASP A 522 -6.18 -40.48 -31.56
C ASP A 522 -7.59 -39.88 -31.64
N LYS A 523 -8.38 -40.07 -30.60
CA LYS A 523 -9.74 -39.55 -30.60
C LYS A 523 -10.19 -39.03 -29.24
N CYS A 524 -11.01 -37.98 -29.25
CA CYS A 524 -11.64 -37.52 -28.02
C CYS A 524 -12.93 -38.32 -27.85
N VAL A 525 -12.96 -39.12 -26.79
CA VAL A 525 -13.95 -40.17 -26.60
C VAL A 525 -14.16 -40.45 -25.10
N ARG A 526 -15.34 -40.92 -24.72
CA ARG A 526 -15.59 -41.32 -23.34
C ARG A 526 -14.94 -42.67 -23.01
N SER A 527 -14.66 -42.87 -21.74
CA SER A 527 -13.89 -44.03 -21.29
C SER A 527 -14.61 -45.37 -21.48
N GLU A 528 -15.94 -45.34 -21.46
CA GLU A 528 -16.71 -46.56 -21.62
C GLU A 528 -16.58 -47.15 -23.03
N GLU A 529 -16.12 -46.33 -23.98
CA GLU A 529 -16.01 -46.77 -25.36
C GLU A 529 -14.57 -46.69 -25.90
N CYS A 530 -13.61 -46.65 -24.98
CA CYS A 530 -12.18 -46.63 -25.34
C CYS A 530 -11.66 -48.07 -25.48
N LEU A 531 -11.02 -48.39 -26.60
CA LEU A 531 -10.63 -49.76 -26.90
C LEU A 531 -9.14 -50.07 -26.66
N SER A 532 -8.33 -49.06 -26.37
CA SER A 532 -7.01 -49.29 -25.80
C SER A 532 -6.94 -48.78 -24.36
N GLY A 533 -5.95 -49.25 -23.61
CA GLY A 533 -5.77 -48.80 -22.24
C GLY A 533 -4.97 -47.52 -22.19
N THR A 534 -5.29 -46.59 -23.09
CA THR A 534 -4.51 -45.36 -23.23
C THR A 534 -5.36 -44.12 -22.95
N TRP A 535 -6.58 -44.35 -22.49
CA TRP A 535 -7.52 -43.27 -22.20
C TRP A 535 -6.99 -42.40 -21.06
N THR A 536 -7.06 -41.09 -21.22
CA THR A 536 -6.56 -40.18 -20.20
C THR A 536 -7.29 -38.84 -20.20
N GLN A 537 -7.25 -38.16 -19.06
CA GLN A 537 -7.82 -36.84 -18.93
C GLN A 537 -6.77 -35.86 -18.46
N GLN A 538 -5.51 -36.30 -18.44
CA GLN A 538 -4.45 -35.47 -17.89
C GLN A 538 -3.20 -35.41 -18.78
N ILE A 539 -2.87 -36.53 -19.42
CA ILE A 539 -1.60 -36.63 -20.15
C ILE A 539 -1.70 -36.24 -21.63
N CYS A 540 -1.73 -32.77 -20.57
CA CYS A 540 -1.46 -32.53 -21.98
C CYS A 540 0.04 -32.32 -22.23
N LEU A 541 0.69 -33.30 -22.85
CA LEU A 541 2.12 -33.20 -23.15
C LEU A 541 2.42 -32.34 -24.38
N PRO A 542 3.46 -31.50 -24.30
CA PRO A 542 3.84 -30.58 -25.38
C PRO A 542 4.50 -31.27 -26.58
N ALA A 543 4.46 -30.61 -27.74
CA ALA A 543 5.05 -31.15 -28.96
C ALA A 543 5.32 -30.05 -30.00
N ILE A 544 6.55 -29.98 -30.49
CA ILE A 544 6.93 -29.05 -31.55
C ILE A 544 7.07 -29.75 -32.91
N TYR A 545 6.69 -29.07 -33.99
CA TYR A 545 6.96 -29.62 -35.32
C TYR A 545 7.61 -28.62 -36.29
N LYS A 546 7.57 -27.32 -35.97
CA LYS A 546 8.31 -26.37 -36.80
C LYS A 546 8.69 -25.10 -36.02
N VAL A 547 9.88 -24.56 -36.31
CA VAL A 547 10.36 -23.33 -35.68
C VAL A 547 11.02 -22.40 -36.70
N PHE A 548 10.51 -21.18 -36.81
CA PHE A 548 11.07 -20.18 -37.73
C PHE A 548 11.09 -18.82 -37.05
N PRO A 549 12.14 -18.01 -37.27
CA PRO A 549 13.38 -18.27 -38.03
C PRO A 549 14.32 -19.29 -37.39
N ASN A 550 15.13 -19.91 -38.24
CA ASN A 550 16.06 -20.94 -37.83
C ASN A 550 17.28 -20.42 -37.06
N SER A 551 17.55 -19.13 -37.17
CA SER A 551 18.75 -18.54 -36.56
C SER A 551 18.57 -17.06 -36.26
N ALA A 552 19.40 -16.55 -35.35
CA ALA A 552 19.34 -15.16 -34.96
C ALA A 552 20.73 -14.53 -34.89
N PRO A 553 20.83 -13.22 -35.15
CA PRO A 553 22.11 -12.53 -34.96
C PRO A 553 22.49 -12.51 -33.48
N LEU A 554 23.78 -12.40 -33.18
CA LEU A 554 24.26 -12.49 -31.80
C LEU A 554 23.58 -11.50 -30.87
N GLU A 555 23.21 -10.34 -31.43
CA GLU A 555 22.55 -9.29 -30.65
C GLU A 555 21.15 -9.70 -30.18
N GLY A 556 20.59 -10.73 -30.81
CA GLY A 556 19.28 -11.22 -30.44
C GLY A 556 18.17 -10.23 -30.77
N GLY A 557 17.05 -10.35 -30.07
CA GLY A 557 15.91 -9.49 -30.30
C GLY A 557 14.97 -10.15 -31.29
N THR A 558 15.40 -11.29 -31.81
CA THR A 558 14.64 -12.03 -32.82
C THR A 558 13.45 -12.68 -32.15
N ARG A 559 12.27 -12.56 -32.75
CA ARG A 559 11.12 -13.23 -32.18
C ARG A 559 10.86 -14.54 -32.92
N LEU A 560 10.94 -15.64 -32.18
CA LEU A 560 10.73 -16.97 -32.73
C LEU A 560 9.25 -17.27 -32.89
N THR A 561 8.93 -18.20 -33.78
CA THR A 561 7.57 -18.66 -33.95
C THR A 561 7.56 -20.19 -33.88
N ILE A 562 7.18 -20.72 -32.72
CA ILE A 562 7.20 -22.14 -32.49
C ILE A 562 5.82 -22.77 -32.65
N CYS A 563 5.59 -23.41 -33.79
CA CYS A 563 4.32 -24.09 -34.05
C CYS A 563 4.33 -25.51 -33.50
N GLY A 564 3.17 -25.95 -33.01
CA GLY A 564 3.07 -27.27 -32.40
C GLY A 564 1.73 -27.50 -31.72
N TRP A 565 1.73 -28.30 -30.66
CA TRP A 565 0.50 -28.60 -29.93
C TRP A 565 0.67 -28.62 -28.42
N ASP A 566 -0.38 -28.21 -27.71
CA ASP A 566 -0.51 -28.37 -26.27
C ASP A 566 0.63 -27.73 -25.49
N PHE A 567 0.95 -26.48 -25.80
CA PHE A 567 2.01 -25.76 -25.12
C PHE A 567 1.55 -25.17 -23.79
N GLY A 568 0.24 -25.18 -23.56
CA GLY A 568 -0.33 -24.61 -22.35
C GLY A 568 -0.48 -25.59 -21.23
N PHE A 569 -1.10 -25.12 -20.15
CA PHE A 569 -1.24 -25.90 -18.93
C PHE A 569 -2.61 -25.62 -18.30
N ARG A 570 -3.41 -26.66 -18.10
CA ARG A 570 -4.75 -26.46 -17.58
C ARG A 570 -4.73 -26.29 -16.06
N ARG A 571 -4.74 -25.03 -15.62
CA ARG A 571 -4.80 -24.72 -14.21
C ARG A 571 -6.22 -24.36 -13.79
N ASN A 572 -6.69 -25.01 -12.73
CA ASN A 572 -8.03 -24.78 -12.19
C ASN A 572 -9.09 -24.94 -13.28
N ASN A 573 -8.90 -25.97 -14.10
CA ASN A 573 -9.76 -26.27 -15.24
C ASN A 573 -9.87 -25.11 -16.24
N LYS A 574 -8.77 -24.40 -16.44
CA LYS A 574 -8.70 -23.32 -17.42
C LYS A 574 -7.29 -23.17 -17.97
N PHE A 575 -7.16 -23.29 -19.28
CA PHE A 575 -5.86 -23.20 -19.94
C PHE A 575 -5.31 -21.78 -19.99
N ASP A 576 -4.00 -21.67 -19.83
CA ASP A 576 -3.26 -20.44 -20.07
C ASP A 576 -1.80 -20.78 -20.36
N LEU A 577 -1.01 -19.79 -20.72
CA LEU A 577 0.40 -20.01 -21.00
C LEU A 577 1.29 -19.61 -19.84
N LYS A 578 0.69 -19.44 -18.67
CA LYS A 578 1.41 -18.97 -17.47
C LYS A 578 2.42 -19.99 -16.94
N LYS A 579 2.19 -21.27 -17.20
CA LYS A 579 3.09 -22.33 -16.77
C LYS A 579 4.12 -22.66 -17.85
N THR A 580 3.93 -22.09 -19.05
CA THR A 580 4.78 -22.37 -20.19
C THR A 580 6.16 -21.72 -20.07
N ARG A 581 7.20 -22.51 -20.33
CA ARG A 581 8.58 -22.03 -20.24
C ARG A 581 9.34 -22.38 -21.52
N VAL A 582 10.04 -21.42 -22.09
CA VAL A 582 10.82 -21.66 -23.30
C VAL A 582 12.32 -21.46 -23.05
N LEU A 583 13.06 -22.56 -23.07
CA LEU A 583 14.50 -22.53 -22.84
C LEU A 583 15.33 -22.72 -24.11
N LEU A 584 16.03 -21.67 -24.53
CA LEU A 584 17.05 -21.77 -25.58
C LEU A 584 18.44 -21.99 -24.99
N GLY A 585 18.81 -23.24 -24.75
CA GLY A 585 20.06 -23.51 -24.06
C GLY A 585 19.98 -23.18 -22.57
N ASN A 586 20.80 -22.24 -22.10
CA ASN A 586 20.82 -21.88 -20.69
C ASN A 586 20.07 -20.56 -20.45
N GLU A 587 19.92 -19.76 -21.49
CA GLU A 587 19.02 -18.61 -21.42
C GLU A 587 17.60 -18.98 -21.84
N SER A 588 16.65 -18.14 -21.43
CA SER A 588 15.24 -18.35 -21.79
C SER A 588 14.71 -17.24 -22.70
N CYS A 589 13.91 -17.62 -23.69
CA CYS A 589 13.18 -16.67 -24.53
C CYS A 589 11.89 -16.21 -23.85
N THR A 590 11.72 -14.90 -23.68
CA THR A 590 10.53 -14.40 -23.01
C THR A 590 9.33 -14.43 -23.97
N LEU A 591 8.26 -15.08 -23.53
CA LEU A 591 7.05 -15.24 -24.33
C LEU A 591 6.28 -13.95 -24.45
N THR A 592 5.68 -13.72 -25.62
CA THR A 592 4.68 -12.65 -25.75
C THR A 592 3.30 -13.30 -25.77
N LEU A 593 2.57 -13.17 -24.67
CA LEU A 593 1.32 -13.87 -24.47
C LEU A 593 0.23 -13.41 -25.43
N SER A 594 0.25 -12.12 -25.78
CA SER A 594 -0.78 -11.53 -26.64
C SER A 594 -0.75 -12.07 -28.07
N GLU A 595 0.40 -12.62 -28.47
CA GLU A 595 0.53 -13.19 -29.80
C GLU A 595 0.74 -14.69 -29.76
N SER A 596 0.60 -15.28 -28.58
CA SER A 596 0.80 -16.71 -28.42
C SER A 596 -0.52 -17.44 -28.19
N THR A 597 -0.55 -18.72 -28.55
CA THR A 597 -1.69 -19.58 -28.30
C THR A 597 -1.21 -20.95 -27.86
N MET A 598 -2.15 -21.88 -27.74
CA MET A 598 -1.84 -23.27 -27.42
C MET A 598 -1.04 -23.98 -28.52
N ASN A 599 -1.25 -23.59 -29.78
CA ASN A 599 -0.60 -24.30 -30.87
C ASN A 599 0.64 -23.59 -31.42
N THR A 600 0.72 -22.28 -31.20
CA THR A 600 1.91 -21.54 -31.60
C THR A 600 2.39 -20.55 -30.54
N LEU A 601 3.70 -20.53 -30.32
CA LEU A 601 4.31 -19.67 -29.31
C LEU A 601 5.09 -18.54 -29.99
N LYS A 602 5.19 -17.40 -29.32
CA LYS A 602 6.00 -16.29 -29.82
C LYS A 602 6.90 -15.76 -28.70
N CYS A 603 8.19 -15.64 -28.98
CA CYS A 603 9.14 -15.24 -27.95
C CYS A 603 10.39 -14.60 -28.52
N THR A 604 10.92 -13.61 -27.81
CA THR A 604 12.12 -12.91 -28.24
C THR A 604 13.37 -13.55 -27.63
N VAL A 605 14.31 -13.92 -28.47
CA VAL A 605 15.57 -14.48 -27.99
C VAL A 605 16.45 -13.35 -27.49
N GLY A 606 17.27 -13.64 -26.49
CA GLY A 606 18.21 -12.65 -25.98
C GLY A 606 19.49 -12.63 -26.76
N PRO A 607 20.41 -11.72 -26.39
CA PRO A 607 21.70 -11.62 -27.05
C PRO A 607 22.66 -12.71 -26.61
N ALA A 608 23.53 -13.12 -27.54
CA ALA A 608 24.65 -13.98 -27.21
C ALA A 608 25.94 -13.29 -27.69
N MET A 609 27.08 -13.72 -27.17
CA MET A 609 28.38 -13.18 -27.58
C MET A 609 29.20 -14.21 -28.36
N ASN A 610 28.86 -15.48 -28.24
CA ASN A 610 29.56 -16.47 -29.01
C ASN A 610 28.66 -16.97 -30.13
N LYS A 611 29.28 -17.41 -31.22
CA LYS A 611 28.55 -18.13 -32.23
C LYS A 611 28.15 -19.43 -31.57
N HIS A 612 26.97 -19.94 -31.86
CA HIS A 612 26.64 -21.28 -31.42
C HIS A 612 25.71 -21.88 -32.45
N PHE A 613 26.01 -23.11 -32.82
CA PHE A 613 25.30 -23.73 -33.91
C PHE A 613 24.66 -25.00 -33.41
N ASN A 614 23.48 -25.30 -33.94
CA ASN A 614 22.79 -26.52 -33.57
C ASN A 614 22.42 -26.58 -32.10
N MET A 615 21.94 -25.46 -31.57
CA MET A 615 21.51 -25.33 -30.18
C MET A 615 20.10 -25.87 -29.97
N SER A 616 19.80 -26.26 -28.74
CA SER A 616 18.54 -26.94 -28.41
C SER A 616 17.47 -26.00 -27.83
N ILE A 617 16.27 -26.06 -28.39
CA ILE A 617 15.11 -25.35 -27.84
C ILE A 617 14.22 -26.30 -27.03
N ILE A 618 14.17 -26.10 -25.72
CA ILE A 618 13.32 -26.91 -24.84
C ILE A 618 12.07 -26.15 -24.41
N ILE A 619 10.90 -26.80 -24.48
CA ILE A 619 9.66 -26.18 -24.02
C ILE A 619 8.94 -27.05 -23.00
N SER A 620 8.77 -26.53 -21.78
CA SER A 620 8.01 -27.23 -20.74
C SER A 620 6.65 -26.59 -20.54
N ASN A 621 5.61 -27.43 -20.43
CA ASN A 621 4.25 -26.92 -20.24
C ASN A 621 3.64 -27.29 -18.89
N GLY A 622 4.47 -27.69 -17.94
CA GLY A 622 3.99 -28.12 -16.64
C GLY A 622 3.95 -29.63 -16.48
N HIS A 623 3.42 -30.33 -17.47
CA HIS A 623 3.39 -31.79 -17.45
C HIS A 623 4.63 -32.45 -18.06
N GLY A 624 5.19 -31.84 -19.10
CA GLY A 624 6.35 -32.40 -19.74
C GLY A 624 7.15 -31.43 -20.59
N THR A 625 8.19 -31.93 -21.22
CA THR A 625 9.05 -31.10 -22.06
C THR A 625 9.23 -31.74 -23.44
N THR A 626 9.53 -30.91 -24.43
CA THR A 626 9.78 -31.36 -25.78
C THR A 626 10.89 -30.52 -26.41
N GLN A 627 11.70 -31.13 -27.26
CA GLN A 627 12.92 -30.49 -27.73
C GLN A 627 12.92 -30.26 -29.25
N TYR A 628 13.83 -29.36 -29.68
CA TYR A 628 14.07 -28.97 -31.06
C TYR A 628 15.54 -28.58 -31.20
N SER A 629 16.33 -29.52 -31.70
CA SER A 629 17.78 -29.37 -31.82
C SER A 629 18.31 -28.72 -33.11
N THR A 630 17.86 -27.52 -33.46
CA THR A 630 18.28 -26.96 -34.75
C THR A 630 18.53 -25.44 -34.76
N PHE A 631 18.68 -24.79 -33.62
CA PHE A 631 18.76 -23.33 -33.64
C PHE A 631 20.21 -22.87 -33.54
N SER A 632 20.52 -21.73 -34.17
CA SER A 632 21.89 -21.23 -34.19
C SER A 632 22.00 -19.72 -33.96
N TYR A 633 23.02 -19.31 -33.20
CA TYR A 633 23.39 -17.91 -33.11
C TYR A 633 24.50 -17.59 -34.11
N VAL A 634 24.13 -16.93 -35.20
CA VAL A 634 25.09 -16.54 -36.23
C VAL A 634 25.51 -15.09 -36.08
N ASP A 635 26.42 -15.88 -37.04
CA ASP A 635 27.00 -14.54 -37.06
C ASP A 635 27.22 -14.07 -38.49
N PRO A 636 26.19 -13.45 -39.08
CA PRO A 636 26.21 -13.05 -40.50
C PRO A 636 27.38 -12.13 -40.85
N VAL A 637 27.96 -12.34 -42.03
CA VAL A 637 29.14 -11.60 -42.47
C VAL A 637 29.02 -11.22 -43.94
N ILE A 638 29.42 -10.01 -44.29
CA ILE A 638 29.49 -9.60 -45.68
C ILE A 638 30.93 -9.65 -46.20
N THR A 639 31.20 -10.59 -47.10
CA THR A 639 32.55 -10.77 -47.63
C THR A 639 32.88 -9.79 -48.75
N SER A 640 31.87 -9.40 -49.54
CA SER A 640 32.09 -8.46 -50.63
C SER A 640 30.79 -7.88 -51.19
N ILE A 641 30.91 -6.83 -51.99
CA ILE A 641 29.78 -6.30 -52.75
C ILE A 641 30.20 -6.06 -54.19
N SER A 642 29.27 -6.20 -55.13
CA SER A 642 29.54 -5.94 -56.54
C SER A 642 28.27 -5.53 -57.29
N PRO A 643 28.38 -4.52 -58.17
CA PRO A 643 29.56 -3.68 -58.35
C PRO A 643 29.69 -2.64 -57.25
N LYS A 644 30.87 -2.04 -57.14
CA LYS A 644 31.13 -1.07 -56.08
C LYS A 644 30.69 0.35 -56.45
N TYR A 645 30.19 0.52 -57.67
CA TYR A 645 29.69 1.82 -58.11
C TYR A 645 28.47 1.68 -59.03
N GLY A 646 27.74 2.78 -59.21
CA GLY A 646 26.58 2.81 -60.07
C GLY A 646 26.05 4.21 -60.31
N PRO A 647 25.06 4.36 -61.20
CA PRO A 647 24.45 5.65 -61.54
C PRO A 647 23.61 6.23 -60.38
N MET A 648 23.47 7.55 -60.32
CA MET A 648 22.59 8.16 -59.32
C MET A 648 21.14 7.78 -59.48
N ALA A 649 20.77 7.34 -60.67
CA ALA A 649 19.39 6.89 -60.92
C ALA A 649 19.07 5.67 -60.08
N GLY A 650 20.10 4.92 -59.68
CA GLY A 650 19.90 3.69 -58.97
C GLY A 650 19.49 2.62 -59.95
N GLY A 651 18.97 1.51 -59.44
CA GLY A 651 18.57 0.40 -60.29
C GLY A 651 19.72 -0.56 -60.58
N THR A 652 20.89 -0.25 -60.04
CA THR A 652 22.02 -1.18 -60.13
C THR A 652 21.68 -2.43 -59.36
N LEU A 653 21.92 -3.59 -59.95
CA LEU A 653 21.70 -4.85 -59.25
C LEU A 653 22.92 -5.09 -58.37
N LEU A 654 22.78 -4.79 -57.08
CA LEU A 654 23.85 -4.92 -56.12
C LEU A 654 23.90 -6.32 -55.52
N THR A 655 25.04 -6.98 -55.68
CA THR A 655 25.23 -8.31 -55.12
C THR A 655 26.06 -8.28 -53.85
N LEU A 656 25.42 -8.54 -52.71
CA LEU A 656 26.15 -8.73 -51.47
C LEU A 656 26.49 -10.20 -51.32
N THR A 657 27.68 -10.48 -50.82
CA THR A 657 28.15 -11.86 -50.73
C THR A 657 28.69 -12.13 -49.33
N GLY A 658 28.40 -13.31 -48.79
CA GLY A 658 28.85 -13.66 -47.45
C GLY A 658 28.28 -14.96 -46.94
N ASN A 659 27.94 -14.98 -45.65
CA ASN A 659 27.41 -16.18 -45.02
C ASN A 659 26.34 -15.82 -44.01
N TYR A 660 25.37 -16.71 -43.83
CA TYR A 660 24.28 -16.52 -42.87
C TYR A 660 23.48 -15.26 -43.16
N LEU A 661 23.28 -14.96 -44.43
CA LEU A 661 22.56 -13.77 -44.84
C LEU A 661 21.06 -14.04 -44.97
N ASN A 662 20.64 -15.27 -44.70
CA ASN A 662 19.21 -15.59 -44.79
C ASN A 662 18.56 -15.90 -43.43
N SER A 663 19.27 -15.59 -42.35
CA SER A 663 18.69 -15.59 -41.02
C SER A 663 18.32 -14.14 -40.69
N GLY A 664 17.31 -13.89 -39.86
CA GLY A 664 16.34 -14.87 -39.40
C GLY A 664 14.98 -14.44 -39.92
N ASN A 665 14.41 -13.38 -39.34
CA ASN A 665 13.10 -12.88 -39.80
C ASN A 665 13.16 -12.06 -41.07
N SER A 666 13.87 -10.94 -41.04
CA SER A 666 13.88 -10.09 -42.23
C SER A 666 15.21 -9.40 -42.47
N ARG A 667 15.57 -9.35 -43.76
CA ARG A 667 16.78 -8.70 -44.24
C ARG A 667 16.42 -7.27 -44.66
N HIS A 668 17.18 -6.26 -44.23
CA HIS A 668 16.98 -4.92 -44.81
C HIS A 668 18.28 -4.20 -45.16
N ILE A 669 18.71 -4.36 -46.40
CA ILE A 669 19.85 -3.62 -46.95
C ILE A 669 19.46 -2.17 -47.24
N SER A 670 20.40 -1.24 -47.01
CA SER A 670 20.16 0.17 -47.27
C SER A 670 21.42 0.93 -47.66
N ILE A 671 21.24 2.01 -48.42
CA ILE A 671 22.35 2.85 -48.84
C ILE A 671 21.94 4.31 -48.78
N GLY A 672 22.69 5.10 -48.02
CA GLY A 672 22.36 6.51 -47.85
C GLY A 672 21.12 6.70 -47.01
N GLY A 673 20.69 5.67 -46.31
CA GLY A 673 19.46 5.74 -45.53
C GLY A 673 18.24 5.44 -46.37
N LYS A 674 18.46 5.19 -47.66
CA LYS A 674 17.36 4.84 -48.55
C LYS A 674 17.36 3.33 -48.75
N THR A 675 16.16 2.77 -48.90
CA THR A 675 16.00 1.32 -48.97
C THR A 675 16.57 0.71 -50.25
N CYS A 676 17.32 -0.38 -50.09
CA CYS A 676 17.86 -1.13 -51.20
C CYS A 676 16.98 -2.37 -51.42
N THR A 677 15.98 -2.22 -52.29
CA THR A 677 14.94 -3.21 -52.46
C THR A 677 15.45 -4.58 -52.91
N LEU A 678 15.03 -5.63 -52.21
CA LEU A 678 15.53 -6.98 -52.43
C LEU A 678 15.05 -7.58 -53.76
N LYS A 679 15.94 -8.30 -54.42
CA LYS A 679 15.58 -9.06 -55.61
C LYS A 679 15.56 -10.55 -55.27
N SER A 680 16.58 -11.01 -54.55
CA SER A 680 16.68 -12.41 -54.15
C SER A 680 17.52 -12.57 -52.88
N VAL A 681 17.12 -13.53 -52.04
CA VAL A 681 17.83 -13.80 -50.79
C VAL A 681 18.30 -15.25 -50.70
N SER A 682 19.46 -15.45 -50.07
CA SER A 682 20.00 -16.77 -49.83
C SER A 682 21.03 -16.68 -48.72
N ASN A 683 21.57 -17.83 -48.32
CA ASN A 683 22.60 -17.87 -47.29
C ASN A 683 23.85 -17.09 -47.68
N SER A 684 24.17 -17.12 -48.97
CA SER A 684 25.46 -16.63 -49.41
C SER A 684 25.36 -15.31 -50.18
N ILE A 685 24.26 -15.12 -50.89
CA ILE A 685 24.10 -13.94 -51.74
C ILE A 685 22.81 -13.17 -51.47
N LEU A 686 22.94 -11.85 -51.39
CA LEU A 686 21.79 -10.97 -51.32
C LEU A 686 21.85 -10.00 -52.49
N GLU A 687 20.94 -10.16 -53.44
CA GLU A 687 20.82 -9.22 -54.54
C GLU A 687 19.74 -8.19 -54.25
N CYS A 688 20.00 -6.94 -54.61
CA CYS A 688 19.06 -5.86 -54.39
C CYS A 688 19.33 -4.72 -55.38
N TYR A 689 18.32 -3.92 -55.66
CA TYR A 689 18.48 -2.78 -56.55
C TYR A 689 18.76 -1.51 -55.75
N THR A 690 19.85 -0.83 -56.12
CA THR A 690 20.30 0.36 -55.39
C THR A 690 19.29 1.49 -55.52
N PRO A 691 19.00 2.17 -54.39
CA PRO A 691 18.07 3.31 -54.37
C PRO A 691 18.61 4.54 -55.10
N ALA A 692 17.71 5.39 -55.57
CA ALA A 692 18.09 6.62 -56.26
C ALA A 692 18.47 7.73 -55.28
N GLN A 693 19.71 8.17 -55.36
CA GLN A 693 20.17 9.33 -54.60
C GLN A 693 19.98 10.59 -55.44
N THR A 694 19.88 11.74 -54.79
CA THR A 694 19.77 13.00 -55.53
C THR A 694 21.10 13.74 -55.64
N ILE A 695 22.16 13.09 -55.15
CA ILE A 695 23.50 13.63 -55.21
C ILE A 695 24.47 12.51 -55.58
N SER A 696 25.50 12.83 -56.37
CA SER A 696 26.54 11.85 -56.67
C SER A 696 27.50 11.85 -55.49
N THR A 697 27.44 10.79 -54.69
CA THR A 697 28.25 10.71 -53.48
C THR A 697 28.40 9.26 -53.03
N GLU A 698 29.24 9.05 -52.03
CA GLU A 698 29.52 7.71 -51.52
C GLU A 698 28.73 7.35 -50.26
N PHE A 699 28.40 6.07 -50.13
CA PHE A 699 27.76 5.55 -48.92
C PHE A 699 28.25 4.13 -48.62
N ALA A 700 28.39 3.81 -47.35
CA ALA A 700 28.64 2.43 -46.97
C ALA A 700 27.34 1.65 -47.12
N VAL A 701 27.44 0.41 -47.55
CA VAL A 701 26.24 -0.42 -47.69
C VAL A 701 25.94 -1.08 -46.36
N LYS A 702 24.83 -0.68 -45.73
CA LYS A 702 24.47 -1.21 -44.42
C LYS A 702 23.39 -2.28 -44.53
N LEU A 703 23.67 -3.43 -43.92
CA LEU A 703 22.72 -4.52 -43.88
C LEU A 703 22.12 -4.62 -42.50
N LYS A 704 20.82 -4.77 -42.42
CA LYS A 704 20.16 -4.88 -41.13
C LYS A 704 19.46 -6.22 -41.04
N ILE A 705 19.89 -7.03 -40.09
CA ILE A 705 19.24 -8.29 -39.81
C ILE A 705 18.79 -8.28 -38.36
N ASP A 706 17.53 -7.94 -38.17
CA ASP A 706 16.93 -7.86 -36.85
C ASP A 706 17.72 -6.84 -36.02
N LEU A 707 18.32 -7.28 -34.92
CA LEU A 707 19.12 -6.37 -34.10
C LEU A 707 20.58 -6.32 -34.55
N ALA A 708 20.95 -7.18 -35.48
CA ALA A 708 22.32 -7.17 -36.02
C ALA A 708 22.50 -6.09 -37.09
N ASN A 709 23.61 -5.37 -37.00
CA ASN A 709 23.96 -4.37 -38.00
C ASN A 709 25.31 -4.70 -38.64
N ARG A 710 25.40 -4.51 -39.94
CA ARG A 710 26.62 -4.82 -40.68
C ARG A 710 26.91 -3.76 -41.73
N GLU A 711 28.12 -3.21 -41.71
CA GLU A 711 28.55 -2.34 -42.78
C GLU A 711 29.49 -3.12 -43.67
N THR A 712 29.65 -2.65 -44.91
CA THR A 712 30.57 -3.25 -45.84
C THR A 712 31.14 -2.16 -46.74
N SER A 713 31.55 -2.53 -47.93
CA SER A 713 32.25 -1.61 -48.84
C SER A 713 31.42 -0.37 -49.14
N ILE A 714 32.12 0.73 -49.40
CA ILE A 714 31.48 1.95 -49.84
C ILE A 714 30.93 1.75 -51.25
N PHE A 715 29.77 2.32 -51.54
CA PHE A 715 29.20 2.24 -52.87
C PHE A 715 29.13 3.64 -53.47
N SER A 716 29.90 3.87 -54.52
CA SER A 716 29.95 5.19 -55.13
C SER A 716 28.80 5.40 -56.12
N TYR A 717 28.16 6.55 -56.03
CA TYR A 717 27.13 6.93 -56.99
C TYR A 717 27.71 7.90 -58.02
N ARG A 718 28.08 7.37 -59.18
CA ARG A 718 28.63 8.19 -60.26
C ARG A 718 27.54 8.93 -61.04
N GLU A 719 27.92 10.03 -61.67
CA GLU A 719 27.04 10.78 -62.54
C GLU A 719 27.24 10.43 -64.01
N MET B 3 28.27 -34.64 -4.48
CA MET B 3 29.21 -35.44 -3.72
C MET B 3 28.77 -36.91 -3.63
N GLU B 4 27.52 -37.16 -3.99
CA GLU B 4 26.96 -38.51 -3.93
C GLU B 4 27.34 -39.33 -5.17
N THR B 5 28.19 -40.33 -4.97
CA THR B 5 28.71 -41.13 -6.07
C THR B 5 28.78 -42.62 -5.72
N ILE B 6 27.92 -43.42 -6.34
CA ILE B 6 28.02 -44.87 -6.19
C ILE B 6 29.19 -45.39 -7.03
N THR B 7 30.20 -45.93 -6.35
CA THR B 7 31.40 -46.38 -7.02
C THR B 7 31.25 -47.80 -7.54
N VAL B 8 30.35 -48.57 -6.95
CA VAL B 8 30.12 -49.95 -7.35
C VAL B 8 28.75 -50.13 -8.00
N PRO B 9 28.69 -50.97 -9.05
CA PRO B 9 27.42 -51.32 -9.71
C PRO B 9 26.40 -51.82 -8.70
N THR B 10 25.33 -51.05 -8.51
CA THR B 10 24.30 -51.37 -7.53
C THR B 10 22.93 -51.35 -8.18
N PRO B 11 22.08 -52.34 -7.86
CA PRO B 11 20.70 -52.40 -8.35
C PRO B 11 19.91 -51.12 -8.01
N ILE B 12 18.87 -50.84 -8.78
CA ILE B 12 18.08 -49.64 -8.61
C ILE B 12 17.19 -49.73 -7.35
N LYS B 13 16.83 -50.95 -6.98
CA LYS B 13 15.99 -51.18 -5.81
C LYS B 13 16.64 -50.70 -4.52
N GLN B 14 17.97 -50.85 -4.45
CA GLN B 14 18.72 -50.48 -3.25
C GLN B 14 18.97 -48.99 -3.15
N ILE B 15 19.20 -48.36 -4.30
CA ILE B 15 19.45 -46.92 -4.35
C ILE B 15 18.26 -46.12 -3.83
N PHE B 16 17.14 -46.24 -4.53
CA PHE B 16 15.92 -45.55 -4.15
C PHE B 16 15.06 -46.48 -3.29
N SER B 17 14.94 -46.13 -2.01
CA SER B 17 14.23 -46.97 -1.06
C SER B 17 12.73 -47.07 -1.35
N ASP B 18 12.17 -46.00 -1.91
CA ASP B 18 10.75 -45.98 -2.24
C ASP B 18 10.44 -46.79 -3.50
N ASP B 19 9.60 -47.80 -3.35
CA ASP B 19 9.27 -48.71 -4.44
C ASP B 19 8.86 -47.94 -5.70
N ALA B 20 7.97 -46.97 -5.52
CA ALA B 20 7.46 -46.20 -6.64
C ALA B 20 8.54 -45.45 -7.42
N PHE B 21 9.30 -44.62 -6.72
CA PHE B 21 10.33 -43.80 -7.35
C PHE B 21 11.41 -44.66 -7.99
N ALA B 22 11.60 -45.85 -7.45
CA ALA B 22 12.58 -46.79 -7.99
C ALA B 22 12.16 -47.28 -9.37
N GLU B 23 10.90 -47.69 -9.48
CA GLU B 23 10.34 -48.13 -10.75
C GLU B 23 10.41 -47.01 -11.79
N THR B 24 10.14 -45.79 -11.35
CA THR B 24 10.20 -44.63 -12.23
C THR B 24 11.56 -44.57 -12.92
N ILE B 25 12.63 -44.60 -12.13
CA ILE B 25 13.98 -44.56 -12.66
C ILE B 25 14.23 -45.75 -13.57
N LYS B 26 13.63 -46.89 -13.22
CA LYS B 26 13.78 -48.12 -13.99
C LYS B 26 13.28 -47.91 -15.42
N ASP B 27 12.05 -47.41 -15.55
CA ASP B 27 11.47 -47.16 -16.86
C ASP B 27 12.27 -46.11 -17.60
N ASN B 28 12.74 -45.11 -16.87
CA ASN B 28 13.55 -44.05 -17.44
C ASN B 28 14.79 -44.61 -18.14
N LEU B 29 15.42 -45.61 -17.50
CA LEU B 29 16.68 -46.16 -17.99
C LEU B 29 16.50 -47.40 -18.86
N LYS B 30 15.27 -47.59 -19.36
CA LYS B 30 14.97 -48.70 -20.28
C LYS B 30 15.28 -50.05 -19.64
N LYS B 31 15.40 -50.08 -18.32
CA LYS B 31 15.76 -51.29 -17.60
C LYS B 31 14.64 -52.33 -17.62
N LYS B 32 14.96 -53.53 -17.16
CA LYS B 32 14.01 -54.64 -17.17
C LYS B 32 13.28 -54.77 -15.84
N SER B 33 13.96 -54.44 -14.75
CA SER B 33 13.37 -54.51 -13.41
C SER B 33 14.16 -53.65 -12.43
N VAL B 34 13.65 -53.54 -11.21
CA VAL B 34 14.31 -52.77 -10.16
C VAL B 34 15.54 -53.51 -9.65
N THR B 35 15.65 -54.77 -10.02
CA THR B 35 16.77 -55.61 -9.58
C THR B 35 17.99 -55.47 -10.50
N ASP B 36 17.86 -54.63 -11.53
CA ASP B 36 18.95 -54.40 -12.47
C ASP B 36 20.00 -53.46 -11.87
N ALA B 37 21.27 -53.77 -12.11
CA ALA B 37 22.36 -52.95 -11.62
C ALA B 37 22.53 -51.72 -12.51
N VAL B 38 23.01 -50.62 -11.92
CA VAL B 38 23.25 -49.39 -12.65
C VAL B 38 24.54 -48.72 -12.22
N THR B 39 25.12 -47.93 -13.12
CA THR B 39 26.38 -47.23 -12.85
C THR B 39 26.14 -45.74 -12.61
N GLN B 40 27.14 -45.06 -12.07
CA GLN B 40 27.05 -43.63 -11.80
C GLN B 40 26.99 -42.85 -13.11
N ASN B 41 27.59 -43.40 -14.16
CA ASN B 41 27.53 -42.80 -15.49
C ASN B 41 26.09 -42.76 -16.01
N GLU B 42 25.38 -43.86 -15.80
CA GLU B 42 23.99 -43.95 -16.21
C GLU B 42 23.12 -42.98 -15.42
N LEU B 43 23.49 -42.76 -14.16
CA LEU B 43 22.77 -41.84 -13.30
C LEU B 43 23.04 -40.40 -13.66
N ASN B 44 24.25 -40.12 -14.14
CA ASN B 44 24.63 -38.77 -14.52
C ASN B 44 23.88 -38.27 -15.75
N SER B 45 23.60 -39.19 -16.67
CA SER B 45 22.94 -38.86 -17.93
C SER B 45 21.43 -38.66 -17.80
N ILE B 46 20.93 -38.72 -16.57
CA ILE B 46 19.51 -38.49 -16.30
C ILE B 46 19.24 -37.00 -16.12
N ASP B 47 18.66 -36.38 -17.13
CA ASP B 47 18.40 -34.94 -17.10
C ASP B 47 16.97 -34.62 -16.70
N GLN B 48 16.03 -35.41 -17.21
CA GLN B 48 14.62 -35.14 -16.99
C GLN B 48 13.84 -36.35 -16.50
N ILE B 49 13.37 -36.27 -15.26
CA ILE B 49 12.47 -37.29 -14.72
C ILE B 49 11.03 -36.80 -14.80
N ILE B 50 10.13 -37.68 -15.21
CA ILE B 50 8.71 -37.34 -15.28
C ILE B 50 7.90 -38.36 -14.48
N ALA B 51 7.49 -37.98 -13.28
CA ALA B 51 6.83 -38.90 -12.36
C ALA B 51 5.63 -38.27 -11.66
N ASN B 52 4.73 -37.71 -12.45
CA ASN B 52 3.48 -37.18 -11.89
C ASN B 52 2.48 -38.30 -11.60
N ASN B 53 1.92 -38.27 -10.40
CA ASN B 53 0.95 -39.28 -9.98
C ASN B 53 1.54 -40.67 -9.98
N SER B 54 2.63 -40.85 -9.24
CA SER B 54 3.32 -42.13 -9.16
C SER B 54 3.24 -42.70 -7.74
N ASP B 55 2.54 -41.99 -6.87
CA ASP B 55 2.40 -42.40 -5.47
C ASP B 55 3.74 -42.45 -4.76
N ILE B 56 4.73 -41.77 -5.33
CA ILE B 56 6.06 -41.71 -4.74
C ILE B 56 5.98 -41.04 -3.36
N LYS B 57 6.50 -41.72 -2.34
CA LYS B 57 6.46 -41.20 -0.98
C LYS B 57 7.77 -40.50 -0.58
N SER B 58 8.86 -40.91 -1.22
CA SER B 58 10.16 -40.33 -0.96
C SER B 58 11.04 -40.44 -2.20
N VAL B 59 11.92 -39.47 -2.37
CA VAL B 59 12.84 -39.49 -3.51
C VAL B 59 14.27 -39.73 -3.05
N GLN B 60 14.42 -40.59 -2.05
CA GLN B 60 15.73 -40.91 -1.53
C GLN B 60 16.55 -41.68 -2.55
N GLY B 61 17.64 -41.07 -3.01
CA GLY B 61 18.50 -41.66 -4.01
C GLY B 61 18.71 -40.70 -5.16
N ILE B 62 17.93 -39.63 -5.15
CA ILE B 62 17.99 -38.63 -6.21
C ILE B 62 19.32 -37.87 -6.17
N GLN B 63 20.00 -37.93 -5.03
CA GLN B 63 21.27 -37.23 -4.86
C GLN B 63 22.31 -37.68 -5.89
N TYR B 64 22.14 -38.88 -6.41
CA TYR B 64 23.10 -39.45 -7.35
C TYR B 64 22.81 -39.04 -8.79
N LEU B 65 21.88 -38.10 -8.95
CA LEU B 65 21.54 -37.56 -10.26
C LEU B 65 21.84 -36.08 -10.30
N PRO B 66 23.13 -35.72 -10.36
CA PRO B 66 23.56 -34.32 -10.30
C PRO B 66 23.07 -33.49 -11.48
N ASN B 67 22.98 -34.12 -12.64
CA ASN B 67 22.61 -33.41 -13.86
C ASN B 67 21.10 -33.37 -14.14
N VAL B 68 20.30 -33.40 -13.07
CA VAL B 68 18.85 -33.34 -13.23
C VAL B 68 18.34 -31.90 -13.16
N THR B 69 17.73 -31.43 -14.25
CA THR B 69 17.26 -30.06 -14.33
C THR B 69 15.76 -29.98 -14.67
N LYS B 70 15.10 -31.14 -14.68
CA LYS B 70 13.65 -31.18 -14.89
C LYS B 70 13.02 -32.22 -13.96
N LEU B 71 12.18 -31.74 -13.05
CA LEU B 71 11.50 -32.63 -12.11
C LEU B 71 10.00 -32.46 -12.14
N PHE B 72 9.29 -33.57 -12.26
CA PHE B 72 7.84 -33.54 -12.25
C PHE B 72 7.33 -34.56 -11.25
N LEU B 73 6.81 -34.06 -10.13
CA LEU B 73 6.40 -34.93 -9.04
C LEU B 73 5.02 -34.55 -8.48
N ASN B 74 4.27 -33.81 -9.27
CA ASN B 74 2.89 -33.49 -8.90
C ASN B 74 2.08 -34.76 -8.70
N GLY B 75 1.19 -34.76 -7.72
CA GLY B 75 0.32 -35.89 -7.49
C GLY B 75 0.99 -37.05 -6.78
N ASN B 76 1.85 -36.72 -5.82
CA ASN B 76 2.55 -37.73 -5.06
C ASN B 76 2.23 -37.64 -3.57
N LYS B 77 3.12 -38.18 -2.75
CA LYS B 77 2.92 -38.17 -1.31
C LYS B 77 4.13 -37.55 -0.64
N LEU B 78 4.93 -36.85 -1.44
CA LEU B 78 6.17 -36.24 -0.98
C LEU B 78 5.93 -35.35 0.23
N THR B 79 6.73 -35.56 1.27
CA THR B 79 6.61 -34.77 2.49
C THR B 79 7.98 -34.22 2.87
N ASP B 80 9.01 -34.73 2.20
CA ASP B 80 10.37 -34.28 2.45
C ASP B 80 11.06 -33.91 1.14
N ILE B 81 11.92 -32.91 1.19
CA ILE B 81 12.69 -32.50 0.03
C ILE B 81 14.17 -32.31 0.38
N LYS B 82 14.61 -33.00 1.43
CA LYS B 82 16.02 -32.98 1.80
C LYS B 82 16.92 -33.60 0.73
N PRO B 83 16.45 -34.68 0.08
CA PRO B 83 17.23 -35.28 -1.01
C PRO B 83 17.55 -34.28 -2.11
N LEU B 84 16.60 -33.40 -2.40
CA LEU B 84 16.76 -32.40 -3.45
C LEU B 84 17.66 -31.27 -3.02
N ALA B 85 17.94 -31.19 -1.72
CA ALA B 85 18.66 -30.06 -1.12
C ALA B 85 19.96 -29.74 -1.85
N ASN B 86 20.59 -30.75 -2.43
CA ASN B 86 21.85 -30.54 -3.12
C ASN B 86 21.87 -31.12 -4.54
N LEU B 87 20.84 -30.80 -5.31
CA LEU B 87 20.83 -31.12 -6.74
C LEU B 87 21.26 -29.89 -7.52
N LYS B 88 22.57 -29.78 -7.73
CA LYS B 88 23.21 -28.57 -8.25
C LYS B 88 22.45 -27.84 -9.36
N ASN B 89 22.13 -28.56 -10.44
CA ASN B 89 21.60 -27.91 -11.64
C ASN B 89 20.08 -27.97 -11.82
N LEU B 90 19.35 -28.25 -10.74
CA LEU B 90 17.90 -28.34 -10.82
C LEU B 90 17.33 -27.03 -11.38
N GLY B 91 16.70 -27.11 -12.54
CA GLY B 91 16.13 -25.95 -13.20
C GLY B 91 14.66 -25.78 -12.91
N TRP B 92 13.84 -26.70 -13.42
CA TRP B 92 12.41 -26.70 -13.16
C TRP B 92 12.03 -27.72 -12.10
N LEU B 93 11.11 -27.33 -11.22
CA LEU B 93 10.63 -28.21 -10.16
C LEU B 93 9.12 -28.07 -9.96
N PHE B 94 8.43 -29.21 -9.84
CA PHE B 94 6.98 -29.20 -9.64
C PHE B 94 6.54 -30.25 -8.63
N LEU B 95 6.15 -29.78 -7.45
CA LEU B 95 5.78 -30.65 -6.34
C LEU B 95 4.34 -30.44 -5.90
N ASP B 96 3.46 -30.19 -6.86
CA ASP B 96 2.07 -29.90 -6.52
C ASP B 96 1.34 -31.11 -5.95
N GLU B 97 0.23 -30.83 -5.27
CA GLU B 97 -0.62 -31.87 -4.68
C GLU B 97 0.16 -32.81 -3.76
N ASN B 98 1.11 -32.24 -3.04
CA ASN B 98 1.90 -33.00 -2.07
C ASN B 98 1.74 -32.41 -0.67
N LYS B 99 2.78 -32.57 0.15
CA LYS B 99 2.79 -32.01 1.50
C LYS B 99 4.15 -31.46 1.86
N VAL B 100 4.89 -31.01 0.84
CA VAL B 100 6.16 -30.34 1.07
C VAL B 100 5.89 -29.03 1.81
N LYS B 101 6.55 -28.84 2.94
CA LYS B 101 6.34 -27.63 3.74
C LYS B 101 7.66 -27.02 4.19
N ASP B 102 8.66 -27.86 4.45
CA ASP B 102 9.99 -27.39 4.83
C ASP B 102 10.75 -26.91 3.59
N LEU B 103 10.12 -26.01 2.84
CA LEU B 103 10.69 -25.48 1.61
C LEU B 103 12.08 -24.88 1.79
N SER B 104 12.49 -24.71 3.04
CA SER B 104 13.84 -24.25 3.35
C SER B 104 14.87 -25.19 2.74
N SER B 105 14.44 -26.41 2.42
CA SER B 105 15.33 -27.44 1.89
C SER B 105 15.83 -27.12 0.48
N LEU B 106 15.37 -26.01 -0.07
CA LEU B 106 15.79 -25.60 -1.40
C LEU B 106 16.86 -24.50 -1.35
N LYS B 107 17.08 -23.98 -0.15
CA LYS B 107 18.01 -22.86 0.07
C LYS B 107 19.11 -22.72 -0.97
N ASP B 108 19.91 -23.77 -1.13
CA ASP B 108 21.05 -23.71 -2.04
C ASP B 108 20.73 -24.33 -3.40
N LEU B 109 19.67 -23.84 -4.03
CA LEU B 109 19.31 -24.26 -5.38
C LEU B 109 19.30 -23.06 -6.31
N LYS B 110 20.44 -22.36 -6.37
CA LYS B 110 20.54 -21.10 -7.08
C LYS B 110 20.46 -21.24 -8.61
N LYS B 111 20.18 -22.44 -9.08
CA LYS B 111 19.96 -22.65 -10.51
C LYS B 111 18.49 -22.97 -10.80
N LEU B 112 17.67 -22.89 -9.76
CA LEU B 112 16.24 -23.16 -9.89
C LEU B 112 15.53 -21.95 -10.49
N LYS B 113 14.75 -22.19 -11.54
CA LYS B 113 14.00 -21.15 -12.22
C LYS B 113 12.51 -21.20 -11.90
N SER B 114 11.86 -22.27 -12.33
CA SER B 114 10.41 -22.40 -12.17
C SER B 114 10.04 -23.40 -11.07
N LEU B 115 9.48 -22.90 -9.98
CA LEU B 115 9.05 -23.74 -8.86
C LEU B 115 7.54 -23.76 -8.70
N SER B 116 6.98 -24.93 -8.40
CA SER B 116 5.53 -25.04 -8.19
C SER B 116 5.21 -25.86 -6.94
N LEU B 117 4.43 -25.29 -6.03
CA LEU B 117 4.12 -25.92 -4.75
C LEU B 117 2.66 -25.80 -4.34
N GLU B 118 1.77 -25.67 -5.33
CA GLU B 118 0.34 -25.53 -5.06
C GLU B 118 -0.22 -26.79 -4.40
N HIS B 119 -1.30 -26.63 -3.66
CA HIS B 119 -1.98 -27.77 -3.02
C HIS B 119 -1.15 -28.46 -1.93
N ASN B 120 -0.11 -27.80 -1.46
CA ASN B 120 0.78 -28.40 -0.46
C ASN B 120 0.46 -28.01 0.99
N GLY B 121 -0.66 -27.32 1.18
CA GLY B 121 -1.06 -26.88 2.51
C GLY B 121 -0.02 -26.00 3.18
N ILE B 122 0.69 -25.23 2.37
CA ILE B 122 1.78 -24.38 2.84
C ILE B 122 1.27 -23.16 3.59
N SER B 123 1.77 -22.97 4.81
CA SER B 123 1.40 -21.82 5.62
C SER B 123 2.43 -20.71 5.47
N ASP B 124 3.68 -21.01 5.79
CA ASP B 124 4.76 -20.06 5.60
C ASP B 124 5.54 -20.35 4.33
N ILE B 125 6.14 -19.30 3.75
CA ILE B 125 6.85 -19.41 2.49
C ILE B 125 8.18 -18.67 2.55
N ASN B 126 8.50 -18.14 3.72
CA ASN B 126 9.66 -17.28 3.88
C ASN B 126 10.95 -17.87 3.35
N GLY B 127 11.01 -19.20 3.31
CA GLY B 127 12.19 -19.89 2.82
C GLY B 127 12.58 -19.45 1.44
N LEU B 128 11.60 -18.97 0.67
CA LEU B 128 11.80 -18.59 -0.72
C LEU B 128 12.77 -17.44 -0.89
N VAL B 129 13.02 -16.70 0.19
CA VAL B 129 13.96 -15.59 0.16
C VAL B 129 15.28 -16.00 -0.47
N HIS B 130 15.67 -17.25 -0.23
CA HIS B 130 16.95 -17.77 -0.71
C HIS B 130 16.90 -18.13 -2.19
N LEU B 131 15.91 -17.61 -2.91
CA LEU B 131 15.82 -17.82 -4.34
C LEU B 131 15.48 -16.54 -5.09
N PRO B 132 16.35 -15.52 -4.98
CA PRO B 132 16.18 -14.27 -5.74
C PRO B 132 16.30 -14.49 -7.24
N GLN B 133 16.59 -15.73 -7.64
CA GLN B 133 16.78 -16.07 -9.05
C GLN B 133 15.53 -16.69 -9.66
N LEU B 134 14.56 -17.01 -8.81
CA LEU B 134 13.29 -17.58 -9.26
C LEU B 134 12.71 -16.76 -10.40
N GLU B 135 12.10 -17.43 -11.37
CA GLU B 135 11.49 -16.74 -12.51
C GLU B 135 10.02 -17.13 -12.70
N SER B 136 9.58 -18.19 -12.03
CA SER B 136 8.18 -18.62 -12.11
C SER B 136 7.74 -19.26 -10.81
N LEU B 137 7.07 -18.49 -9.95
CA LEU B 137 6.57 -19.03 -8.69
C LEU B 137 5.10 -19.48 -8.84
N TYR B 138 4.74 -20.56 -8.16
CA TYR B 138 3.39 -21.12 -8.26
C TYR B 138 2.89 -21.58 -6.89
N LEU B 139 2.39 -20.64 -6.09
CA LEU B 139 1.97 -20.95 -4.73
C LEU B 139 0.44 -20.92 -4.56
N GLY B 140 -0.27 -21.30 -5.61
CA GLY B 140 -1.72 -21.32 -5.54
C GLY B 140 -2.25 -22.41 -4.63
N ASN B 141 -3.56 -22.36 -4.37
CA ASN B 141 -4.26 -23.41 -3.64
C ASN B 141 -3.61 -23.79 -2.31
N ASN B 142 -3.34 -22.79 -1.47
CA ASN B 142 -2.71 -23.04 -0.17
C ASN B 142 -3.36 -22.28 0.98
N LYS B 143 -2.56 -22.01 2.02
CA LYS B 143 -3.03 -21.29 3.20
C LYS B 143 -2.10 -20.13 3.52
N ILE B 144 -1.45 -19.59 2.50
CA ILE B 144 -0.50 -18.49 2.71
C ILE B 144 -1.21 -17.22 3.17
N THR B 145 -0.65 -16.60 4.20
CA THR B 145 -1.21 -15.37 4.74
C THR B 145 -0.30 -14.19 4.37
N ASP B 146 0.85 -14.10 5.03
CA ASP B 146 1.83 -13.06 4.71
C ASP B 146 2.59 -13.42 3.43
N ILE B 147 3.11 -12.41 2.76
CA ILE B 147 3.86 -12.64 1.52
C ILE B 147 5.03 -11.68 1.33
N THR B 148 5.42 -10.96 2.38
CA THR B 148 6.45 -9.95 2.26
C THR B 148 7.74 -10.52 1.68
N VAL B 149 7.88 -11.83 1.79
CA VAL B 149 9.04 -12.54 1.25
C VAL B 149 9.24 -12.27 -0.24
N LEU B 150 8.14 -12.29 -0.98
CA LEU B 150 8.16 -12.16 -2.44
C LEU B 150 8.79 -10.86 -2.90
N SER B 151 8.95 -9.92 -1.98
CA SER B 151 9.54 -8.61 -2.28
C SER B 151 10.91 -8.73 -2.91
N ARG B 152 11.54 -9.90 -2.75
CA ARG B 152 12.92 -10.06 -3.15
C ARG B 152 13.07 -11.03 -4.31
N LEU B 153 11.98 -11.70 -4.65
CA LEU B 153 11.94 -12.54 -5.84
C LEU B 153 11.73 -11.65 -7.05
N THR B 154 12.61 -10.66 -7.19
CA THR B 154 12.48 -9.61 -8.19
C THR B 154 12.96 -10.06 -9.56
N LYS B 155 12.61 -11.29 -9.93
CA LYS B 155 12.97 -11.82 -11.24
C LYS B 155 11.76 -12.52 -11.84
N LEU B 156 10.82 -12.89 -10.98
CA LEU B 156 9.60 -13.60 -11.38
C LEU B 156 8.87 -12.89 -12.52
N ASP B 157 8.80 -13.52 -13.69
CA ASP B 157 7.99 -12.98 -14.77
C ASP B 157 6.59 -13.62 -14.73
N THR B 158 6.46 -14.63 -13.88
CA THR B 158 5.19 -15.28 -13.63
C THR B 158 5.01 -15.34 -12.11
N LEU B 159 3.81 -15.66 -11.66
CA LEU B 159 3.54 -15.75 -10.23
C LEU B 159 2.09 -16.11 -9.97
N SER B 160 1.88 -17.29 -9.40
CA SER B 160 0.55 -17.66 -8.95
C SER B 160 0.42 -17.22 -7.50
N LEU B 161 -0.75 -17.44 -6.91
CA LEU B 161 -1.01 -17.09 -5.52
C LEU B 161 -2.51 -17.25 -5.28
N GLU B 162 -3.21 -17.73 -6.30
CA GLU B 162 -4.65 -17.89 -6.25
C GLU B 162 -5.09 -18.84 -5.14
N ASP B 163 -6.26 -18.55 -4.58
CA ASP B 163 -6.83 -19.35 -3.49
C ASP B 163 -5.92 -19.47 -2.28
N ASN B 164 -5.68 -18.34 -1.62
CA ASN B 164 -5.03 -18.36 -0.32
C ASN B 164 -5.80 -17.46 0.64
N GLN B 165 -5.07 -16.71 1.45
CA GLN B 165 -5.69 -15.78 2.38
C GLN B 165 -4.92 -14.48 2.38
N ILE B 166 -4.29 -14.21 1.25
CA ILE B 166 -3.53 -12.98 1.05
C ILE B 166 -4.47 -11.78 1.17
N SER B 167 -4.30 -10.99 2.23
CA SER B 167 -5.10 -9.80 2.44
C SER B 167 -4.30 -8.57 2.03
N ASP B 168 -3.01 -8.61 2.32
CA ASP B 168 -2.10 -7.54 1.91
C ASP B 168 -1.25 -8.01 0.74
N ILE B 169 -1.32 -7.27 -0.36
CA ILE B 169 -0.55 -7.61 -1.55
C ILE B 169 0.54 -6.57 -1.82
N VAL B 170 0.61 -5.56 -0.96
CA VAL B 170 1.58 -4.48 -1.11
C VAL B 170 2.99 -4.96 -1.47
N PRO B 171 3.46 -6.03 -0.83
CA PRO B 171 4.81 -6.55 -1.11
C PRO B 171 5.11 -6.69 -2.60
N LEU B 172 4.09 -7.04 -3.40
CA LEU B 172 4.28 -7.23 -4.83
C LEU B 172 4.62 -5.94 -5.56
N ALA B 173 4.55 -4.82 -4.86
CA ALA B 173 4.70 -3.50 -5.46
C ALA B 173 5.87 -3.35 -6.42
N GLY B 174 7.07 -3.73 -5.97
CA GLY B 174 8.28 -3.49 -6.74
C GLY B 174 8.65 -4.56 -7.76
N LEU B 175 7.73 -5.48 -8.01
CA LEU B 175 7.98 -6.60 -8.92
C LEU B 175 7.73 -6.19 -10.37
N THR B 176 8.30 -5.05 -10.76
CA THR B 176 8.03 -4.45 -12.07
C THR B 176 8.39 -5.36 -13.25
N LYS B 177 9.23 -6.35 -13.01
CA LYS B 177 9.59 -7.28 -14.07
C LYS B 177 8.58 -8.41 -14.21
N LEU B 178 7.45 -8.27 -13.51
CA LEU B 178 6.36 -9.23 -13.62
C LEU B 178 5.74 -9.20 -15.01
N GLN B 179 4.66 -9.96 -15.19
CA GLN B 179 3.98 -10.04 -16.48
C GLN B 179 2.70 -10.85 -16.39
N ASN B 180 2.77 -11.97 -15.67
CA ASN B 180 1.61 -12.83 -15.52
C ASN B 180 1.30 -13.08 -14.04
N LEU B 181 0.41 -12.27 -13.49
CA LEU B 181 0.05 -12.34 -12.08
C LEU B 181 -1.33 -12.96 -11.90
N TYR B 182 -1.50 -13.74 -10.83
CA TYR B 182 -2.74 -14.47 -10.59
C TYR B 182 -3.13 -14.38 -9.11
N LEU B 183 -4.06 -13.49 -8.79
CA LEU B 183 -4.42 -13.23 -7.40
C LEU B 183 -5.89 -13.56 -7.06
N SER B 184 -6.47 -14.49 -7.81
CA SER B 184 -7.86 -14.89 -7.60
C SER B 184 -8.09 -15.44 -6.21
N LYS B 185 -9.36 -15.68 -5.88
CA LYS B 185 -9.76 -16.43 -4.68
C LYS B 185 -9.12 -15.99 -3.35
N ASN B 186 -8.56 -14.77 -3.33
CA ASN B 186 -7.92 -14.25 -2.13
C ASN B 186 -8.81 -13.25 -1.39
N HIS B 187 -8.25 -12.59 -0.39
CA HIS B 187 -8.98 -11.56 0.34
C HIS B 187 -8.45 -10.19 -0.05
N ILE B 188 -8.46 -9.91 -1.35
CA ILE B 188 -7.93 -8.66 -1.89
C ILE B 188 -8.94 -7.52 -1.74
N SER B 189 -8.70 -6.63 -0.78
CA SER B 189 -9.54 -5.44 -0.64
C SER B 189 -8.95 -4.27 -1.40
N ASP B 190 -7.67 -3.99 -1.12
CA ASP B 190 -6.96 -2.90 -1.77
C ASP B 190 -6.39 -3.33 -3.12
N LEU B 191 -6.04 -2.35 -3.95
CA LEU B 191 -5.44 -2.61 -5.24
C LEU B 191 -4.40 -1.57 -5.59
N ARG B 192 -4.36 -0.49 -4.81
CA ARG B 192 -3.37 0.57 -5.02
C ARG B 192 -1.97 -0.03 -5.10
N ALA B 193 -1.82 -1.23 -4.53
CA ALA B 193 -0.55 -1.92 -4.46
C ALA B 193 0.12 -2.10 -5.82
N LEU B 194 -0.60 -2.74 -6.74
CA LEU B 194 -0.03 -3.11 -8.03
C LEU B 194 0.01 -1.94 -9.01
N ALA B 195 -0.13 -0.74 -8.47
CA ALA B 195 -0.19 0.47 -9.29
C ALA B 195 0.96 0.60 -10.28
N GLY B 196 2.05 -0.11 -10.04
CA GLY B 196 3.25 0.08 -10.83
C GLY B 196 3.69 -1.06 -11.73
N LEU B 197 2.87 -2.10 -11.84
CA LEU B 197 3.22 -3.26 -12.67
C LEU B 197 3.10 -2.98 -14.16
N LYS B 198 3.75 -1.92 -14.60
CA LYS B 198 3.59 -1.37 -15.95
C LYS B 198 4.06 -2.33 -17.06
N ASN B 199 4.37 -3.56 -16.69
CA ASN B 199 4.77 -4.55 -17.67
C ASN B 199 3.86 -5.76 -17.74
N LEU B 200 2.80 -5.74 -16.94
CA LEU B 200 1.84 -6.86 -16.94
C LEU B 200 1.31 -7.17 -18.34
N ASP B 201 0.80 -8.38 -18.50
CA ASP B 201 0.27 -8.85 -19.77
C ASP B 201 -0.99 -9.65 -19.50
N VAL B 202 -0.93 -10.46 -18.46
CA VAL B 202 -2.06 -11.28 -18.03
C VAL B 202 -2.29 -11.09 -16.53
N LEU B 203 -3.54 -10.97 -16.13
CA LEU B 203 -3.88 -10.75 -14.72
C LEU B 203 -5.19 -11.42 -14.36
N GLU B 204 -5.30 -11.87 -13.12
CA GLU B 204 -6.52 -12.48 -12.63
C GLU B 204 -6.83 -12.06 -11.20
N LEU B 205 -7.56 -10.96 -11.07
CA LEU B 205 -8.00 -10.48 -9.76
C LEU B 205 -9.39 -11.03 -9.56
N PHE B 206 -9.52 -12.34 -9.42
CA PHE B 206 -10.83 -12.93 -9.26
C PHE B 206 -11.45 -13.59 -8.04
N SER B 207 -12.67 -13.19 -7.71
CA SER B 207 -13.44 -13.78 -6.61
C SER B 207 -12.86 -13.59 -5.22
N GLN B 208 -12.53 -12.35 -4.87
CA GLN B 208 -12.05 -12.05 -3.52
C GLN B 208 -13.16 -12.33 -2.51
N GLU B 209 -12.78 -12.65 -1.28
CA GLU B 209 -13.77 -12.98 -0.26
C GLU B 209 -13.42 -12.27 1.05
N CYS B 210 -13.39 -10.95 1.00
CA CYS B 210 -12.97 -10.13 2.14
C CYS B 210 -13.99 -10.12 3.29
N LEU B 211 -13.48 -9.88 4.49
CA LEU B 211 -14.31 -9.83 5.68
C LEU B 211 -13.91 -8.61 6.51
N ASN B 212 -14.86 -8.09 7.28
CA ASN B 212 -14.59 -7.00 8.20
C ASN B 212 -14.83 -7.45 9.63
N LYS B 213 -14.24 -6.74 10.58
CA LYS B 213 -14.42 -7.06 11.99
C LYS B 213 -15.86 -6.77 12.42
N PRO B 214 -16.47 -7.71 13.16
CA PRO B 214 -17.87 -7.69 13.61
C PRO B 214 -18.33 -6.33 14.15
N ILE B 215 -19.50 -5.88 13.69
CA ILE B 215 -20.10 -4.64 14.14
C ILE B 215 -21.42 -4.89 14.84
N ASN B 216 -21.74 -4.06 15.83
CA ASN B 216 -23.00 -4.16 16.52
C ASN B 216 -24.19 -3.78 15.62
N HIS B 217 -25.07 -4.75 15.40
CA HIS B 217 -26.22 -4.58 14.51
C HIS B 217 -27.26 -3.63 15.08
N GLN B 218 -27.67 -2.65 14.28
CA GLN B 218 -28.77 -1.76 14.63
C GLN B 218 -29.88 -1.84 13.58
N SER B 219 -30.98 -1.15 13.83
CA SER B 219 -32.08 -1.08 12.86
C SER B 219 -31.68 -0.21 11.67
N ASN B 220 -30.73 0.69 11.90
CA ASN B 220 -30.14 1.49 10.84
C ASN B 220 -28.63 1.34 10.87
N LEU B 221 -28.08 0.68 9.85
CA LEU B 221 -26.66 0.35 9.85
C LEU B 221 -25.91 1.01 8.68
N VAL B 222 -24.66 1.37 8.93
CA VAL B 222 -23.81 2.00 7.92
C VAL B 222 -22.35 1.59 8.09
N VAL B 223 -21.86 0.80 7.15
CA VAL B 223 -20.45 0.41 7.13
C VAL B 223 -19.75 0.99 5.91
N PRO B 224 -18.62 1.69 6.13
CA PRO B 224 -17.86 2.34 5.06
C PRO B 224 -17.33 1.35 4.02
N ASN B 225 -17.40 1.75 2.75
CA ASN B 225 -16.85 0.96 1.66
C ASN B 225 -15.33 0.88 1.80
N THR B 226 -14.80 -0.33 1.69
CA THR B 226 -13.37 -0.56 1.91
C THR B 226 -12.64 -0.79 0.60
N VAL B 227 -13.31 -1.45 -0.33
CA VAL B 227 -12.74 -1.77 -1.64
C VAL B 227 -12.10 -0.53 -2.27
N LYS B 228 -10.96 -0.73 -2.94
CA LYS B 228 -10.30 0.36 -3.64
C LYS B 228 -9.77 -0.11 -4.99
N ASN B 229 -9.68 0.81 -5.93
CA ASN B 229 -9.20 0.48 -7.27
C ASN B 229 -7.70 0.72 -7.36
N THR B 230 -7.15 0.59 -8.56
CA THR B 230 -5.72 0.77 -8.76
C THR B 230 -5.29 2.21 -8.52
N ASP B 231 -6.20 3.14 -8.76
CA ASP B 231 -5.92 4.56 -8.54
C ASP B 231 -6.29 5.01 -7.14
N GLY B 232 -6.90 4.09 -6.39
CA GLY B 232 -7.29 4.35 -5.02
C GLY B 232 -8.72 4.83 -4.88
N SER B 233 -9.50 4.70 -5.95
CA SER B 233 -10.90 5.13 -5.93
C SER B 233 -11.79 4.04 -5.36
N LEU B 234 -12.74 4.44 -4.52
CA LEU B 234 -13.68 3.49 -3.94
C LEU B 234 -14.50 2.77 -5.01
N VAL B 235 -14.15 1.53 -5.29
CA VAL B 235 -14.88 0.73 -6.25
C VAL B 235 -16.36 0.64 -5.88
N THR B 236 -17.23 1.02 -6.81
CA THR B 236 -18.67 1.07 -6.55
C THR B 236 -19.31 -0.32 -6.53
N PRO B 237 -19.96 -0.66 -5.41
CA PRO B 237 -20.57 -1.97 -5.16
C PRO B 237 -21.57 -2.36 -6.25
N GLU B 238 -21.35 -3.52 -6.86
CA GLU B 238 -22.26 -3.98 -7.91
C GLU B 238 -23.62 -4.38 -7.33
N ILE B 239 -23.65 -5.47 -6.58
CA ILE B 239 -24.89 -5.97 -6.02
C ILE B 239 -24.84 -6.02 -4.50
N ILE B 240 -25.59 -5.15 -3.84
CA ILE B 240 -25.68 -5.19 -2.39
C ILE B 240 -26.82 -6.12 -1.99
N SER B 241 -26.83 -6.56 -0.74
CA SER B 241 -27.84 -7.49 -0.28
C SER B 241 -28.70 -6.91 0.84
N ASP B 242 -29.94 -7.39 0.93
CA ASP B 242 -30.82 -7.07 2.06
C ASP B 242 -31.21 -5.59 2.12
N ASP B 243 -31.75 -5.08 1.02
CA ASP B 243 -32.16 -3.68 0.96
C ASP B 243 -30.99 -2.74 1.24
N GLY B 244 -29.88 -2.97 0.56
CA GLY B 244 -28.68 -2.17 0.76
C GLY B 244 -28.47 -1.17 -0.36
N ASP B 245 -28.19 0.08 0.02
CA ASP B 245 -27.95 1.14 -0.95
C ASP B 245 -26.57 1.77 -0.71
N TYR B 246 -25.93 2.18 -1.80
CA TYR B 246 -24.58 2.75 -1.70
C TYR B 246 -24.58 4.27 -1.78
N GLU B 247 -24.66 4.91 -0.62
CA GLU B 247 -24.50 6.37 -0.52
C GLU B 247 -23.04 6.70 -0.27
N LYS B 248 -22.27 6.85 -1.35
CA LYS B 248 -20.84 7.11 -1.28
C LYS B 248 -20.44 7.97 -0.08
N PRO B 249 -19.47 7.49 0.72
CA PRO B 249 -18.71 6.25 0.55
C PRO B 249 -19.26 5.12 1.42
N ASN B 250 -20.43 5.33 2.01
CA ASN B 250 -20.95 4.39 3.00
C ASN B 250 -22.13 3.58 2.49
N VAL B 251 -22.05 2.26 2.62
CA VAL B 251 -23.17 1.40 2.26
C VAL B 251 -24.12 1.28 3.44
N LYS B 252 -25.37 1.72 3.23
CA LYS B 252 -26.36 1.75 4.30
C LYS B 252 -27.40 0.65 4.17
N TRP B 253 -27.95 0.23 5.29
CA TRP B 253 -28.93 -0.85 5.32
C TRP B 253 -30.11 -0.52 6.22
N HIS B 254 -31.31 -0.96 5.82
CA HIS B 254 -32.48 -0.86 6.67
C HIS B 254 -32.81 -2.22 7.24
N LEU B 255 -32.33 -2.48 8.46
CA LEU B 255 -32.45 -3.81 9.07
C LEU B 255 -33.37 -3.80 10.29
N PRO B 256 -34.68 -4.03 10.06
CA PRO B 256 -35.68 -4.06 11.14
C PRO B 256 -35.34 -5.10 12.20
N GLU B 257 -35.32 -6.37 11.81
CA GLU B 257 -34.98 -7.45 12.73
C GLU B 257 -33.49 -7.74 12.69
N PHE B 258 -33.05 -8.73 13.46
CA PHE B 258 -31.62 -9.04 13.55
C PHE B 258 -31.19 -10.11 12.55
N THR B 259 -30.12 -9.81 11.82
CA THR B 259 -29.51 -10.78 10.92
C THR B 259 -28.05 -10.99 11.34
N ASN B 260 -27.48 -12.11 10.92
CA ASN B 260 -26.12 -12.45 11.31
C ASN B 260 -25.07 -11.66 10.55
N GLU B 261 -25.38 -11.29 9.32
CA GLU B 261 -24.42 -10.58 8.49
C GLU B 261 -25.07 -10.02 7.22
N VAL B 262 -24.40 -9.03 6.64
CA VAL B 262 -24.78 -8.51 5.33
C VAL B 262 -23.58 -8.58 4.39
N SER B 263 -23.83 -8.47 3.10
CA SER B 263 -22.77 -8.61 2.12
C SER B 263 -23.05 -7.76 0.88
N PHE B 264 -22.01 -7.50 0.11
CA PHE B 264 -22.17 -6.85 -1.19
C PHE B 264 -21.09 -7.26 -2.19
N ILE B 265 -21.47 -8.13 -3.11
CA ILE B 265 -20.58 -8.53 -4.21
C ILE B 265 -20.25 -7.30 -5.03
N PHE B 266 -19.00 -7.18 -5.45
CA PHE B 266 -18.58 -6.05 -6.27
C PHE B 266 -18.00 -6.52 -7.61
N TYR B 267 -17.68 -5.55 -8.45
CA TYR B 267 -17.16 -5.81 -9.79
C TYR B 267 -16.60 -4.50 -10.29
N GLN B 268 -15.48 -4.56 -11.00
CA GLN B 268 -14.80 -3.34 -11.43
C GLN B 268 -13.61 -3.67 -12.33
N PRO B 269 -13.90 -4.04 -13.59
CA PRO B 269 -12.84 -4.43 -14.53
C PRO B 269 -11.72 -3.39 -14.58
N VAL B 270 -10.50 -3.82 -14.32
CA VAL B 270 -9.34 -2.93 -14.34
C VAL B 270 -8.34 -3.30 -15.43
N THR B 271 -7.55 -2.31 -15.82
CA THR B 271 -6.48 -2.51 -16.79
C THR B 271 -5.19 -1.94 -16.23
N ILE B 272 -4.27 -2.83 -15.91
CA ILE B 272 -2.96 -2.43 -15.39
C ILE B 272 -1.91 -2.70 -16.46
N GLY B 273 -1.14 -1.66 -16.79
CA GLY B 273 -0.11 -1.77 -17.81
C GLY B 273 -0.66 -2.14 -19.16
N LYS B 274 -0.66 -3.43 -19.45
CA LYS B 274 -1.14 -3.93 -20.73
C LYS B 274 -2.11 -5.07 -20.48
N ALA B 275 -2.41 -5.33 -19.21
CA ALA B 275 -3.29 -6.42 -18.83
C ALA B 275 -4.71 -5.93 -18.54
N LYS B 276 -5.69 -6.71 -18.97
CA LYS B 276 -7.10 -6.37 -18.77
C LYS B 276 -7.80 -7.47 -17.98
N ALA B 277 -7.94 -7.25 -16.67
CA ALA B 277 -8.61 -8.21 -15.81
C ALA B 277 -9.77 -7.48 -15.14
N ARG B 278 -10.58 -8.21 -14.38
CA ARG B 278 -11.73 -7.61 -13.75
C ARG B 278 -11.77 -7.97 -12.27
N PHE B 279 -11.54 -6.97 -11.43
CA PHE B 279 -11.53 -7.15 -9.99
C PHE B 279 -12.94 -7.42 -9.48
N HIS B 280 -13.12 -8.61 -8.89
CA HIS B 280 -14.43 -9.04 -8.43
C HIS B 280 -14.30 -9.64 -7.04
N GLY B 281 -15.36 -9.55 -6.23
CA GLY B 281 -15.33 -10.11 -4.90
C GLY B 281 -16.59 -9.88 -4.09
N ARG B 282 -16.58 -10.33 -2.85
CA ARG B 282 -17.75 -10.20 -1.99
C ARG B 282 -17.36 -9.77 -0.58
N VAL B 283 -17.53 -8.49 -0.27
CA VAL B 283 -17.28 -7.96 1.06
C VAL B 283 -18.38 -8.40 2.02
N THR B 284 -18.01 -8.78 3.24
CA THR B 284 -18.98 -9.26 4.21
C THR B 284 -18.80 -8.62 5.59
N GLN B 285 -19.91 -8.40 6.28
CA GLN B 285 -19.90 -7.73 7.58
C GLN B 285 -20.67 -8.51 8.64
N PRO B 286 -19.94 -8.98 9.66
CA PRO B 286 -20.54 -9.69 10.80
C PRO B 286 -21.47 -8.77 11.59
N LEU B 287 -22.46 -9.33 12.25
CA LEU B 287 -23.43 -8.54 13.00
C LEU B 287 -23.78 -9.16 14.35
N LYS B 288 -24.08 -8.30 15.31
CA LYS B 288 -24.42 -8.72 16.66
C LYS B 288 -25.20 -7.66 17.40
N ASP C 13 -45.90 -47.85 -15.03
CA ASP C 13 -46.22 -47.46 -13.67
C ASP C 13 -47.71 -47.56 -13.38
N LEU C 14 -48.07 -48.45 -12.46
CA LEU C 14 -49.46 -48.65 -12.07
C LEU C 14 -50.09 -47.42 -11.42
N GLY C 15 -49.26 -46.62 -10.76
CA GLY C 15 -49.73 -45.41 -10.12
C GLY C 15 -50.19 -44.35 -11.12
N LYS C 16 -49.44 -44.21 -12.20
CA LYS C 16 -49.82 -43.30 -13.29
C LYS C 16 -51.10 -43.76 -13.98
N LYS C 17 -51.22 -45.06 -14.16
CA LYS C 17 -52.46 -45.65 -14.68
C LYS C 17 -53.64 -45.43 -13.74
N LEU C 18 -53.39 -45.52 -12.44
CA LEU C 18 -54.43 -45.31 -11.45
C LEU C 18 -54.91 -43.86 -11.47
N LEU C 19 -53.95 -42.94 -11.60
CA LEU C 19 -54.26 -41.52 -11.72
C LEU C 19 -55.18 -41.26 -12.92
N GLU C 20 -54.84 -41.86 -14.05
CA GLU C 20 -55.60 -41.65 -15.28
C GLU C 20 -56.98 -42.30 -15.19
N ALA C 21 -57.04 -43.49 -14.62
CA ALA C 21 -58.31 -44.17 -14.41
C ALA C 21 -59.21 -43.41 -13.45
N ALA C 22 -58.60 -42.79 -12.45
CA ALA C 22 -59.33 -42.04 -11.44
C ALA C 22 -60.12 -40.87 -12.04
N ARG C 23 -59.49 -40.13 -12.94
CA ARG C 23 -60.16 -38.99 -13.58
C ARG C 23 -61.03 -39.44 -14.74
N ALA C 24 -60.64 -40.56 -15.36
CA ALA C 24 -61.38 -41.10 -16.49
C ALA C 24 -62.75 -41.61 -16.05
N GLY C 25 -62.81 -42.17 -14.85
CA GLY C 25 -64.04 -42.76 -14.34
C GLY C 25 -64.08 -44.27 -14.44
N GLN C 26 -62.91 -44.87 -14.69
CA GLN C 26 -62.82 -46.31 -14.89
C GLN C 26 -62.61 -47.03 -13.56
N ASP C 27 -63.69 -47.16 -12.79
CA ASP C 27 -63.64 -47.77 -11.47
C ASP C 27 -63.27 -49.24 -11.51
N ASP C 28 -63.53 -49.88 -12.65
CA ASP C 28 -63.02 -51.23 -12.91
C ASP C 28 -61.49 -51.27 -12.94
N GLU C 29 -60.89 -50.31 -13.65
CA GLU C 29 -59.44 -50.26 -13.74
C GLU C 29 -58.83 -49.90 -12.39
N VAL C 30 -59.51 -48.99 -11.68
CA VAL C 30 -59.08 -48.60 -10.34
C VAL C 30 -59.00 -49.81 -9.42
N ARG C 31 -60.03 -50.62 -9.40
CA ARG C 31 -60.07 -51.80 -8.54
C ARG C 31 -59.00 -52.82 -8.96
N ILE C 32 -58.86 -53.00 -10.27
CA ILE C 32 -57.87 -53.94 -10.81
C ILE C 32 -56.45 -53.47 -10.53
N LEU C 33 -56.18 -52.19 -10.77
CA LEU C 33 -54.83 -51.66 -10.60
C LEU C 33 -54.41 -51.74 -9.15
N MET C 34 -55.34 -51.47 -8.25
CA MET C 34 -55.09 -51.58 -6.82
C MET C 34 -54.92 -53.04 -6.39
N ALA C 35 -55.63 -53.94 -7.05
CA ALA C 35 -55.41 -55.37 -6.82
C ALA C 35 -54.01 -55.79 -7.27
N ASN C 36 -53.46 -55.06 -8.22
CA ASN C 36 -52.11 -55.32 -8.70
C ASN C 36 -51.05 -54.53 -7.94
N GLY C 37 -51.48 -53.81 -6.91
CA GLY C 37 -50.58 -53.06 -6.05
C GLY C 37 -50.22 -51.68 -6.56
N ALA C 38 -51.18 -51.00 -7.17
CA ALA C 38 -50.97 -49.61 -7.58
C ALA C 38 -50.86 -48.71 -6.36
N ASP C 39 -50.07 -47.64 -6.49
CA ASP C 39 -49.91 -46.68 -5.41
C ASP C 39 -51.16 -45.83 -5.24
N VAL C 40 -51.90 -46.09 -4.17
CA VAL C 40 -53.19 -45.42 -3.94
C VAL C 40 -53.01 -43.92 -3.77
N ASN C 41 -51.82 -43.51 -3.37
CA ASN C 41 -51.51 -42.10 -3.18
C ASN C 41 -50.51 -41.60 -4.22
N ALA C 42 -50.53 -42.21 -5.41
CA ALA C 42 -49.61 -41.84 -6.49
C ALA C 42 -49.64 -40.34 -6.76
N ALA C 43 -48.72 -39.33 -6.89
CA ALA C 43 -49.01 -37.92 -7.15
C ALA C 43 -48.59 -37.47 -8.53
N ASP C 44 -49.45 -36.70 -9.19
CA ASP C 44 -49.17 -36.17 -10.53
C ASP C 44 -48.40 -34.85 -10.48
N HIS C 45 -48.32 -34.18 -11.62
CA HIS C 45 -47.56 -32.95 -11.74
C HIS C 45 -47.94 -31.94 -10.66
N TYR C 46 -49.24 -31.79 -10.40
CA TYR C 46 -49.72 -30.81 -9.44
C TYR C 46 -49.75 -31.33 -8.01
N GLY C 47 -49.27 -32.56 -7.83
CA GLY C 47 -49.25 -33.18 -6.51
C GLY C 47 -50.56 -33.86 -6.12
N GLU C 48 -51.43 -34.07 -7.11
CA GLU C 48 -52.75 -34.65 -6.84
C GLU C 48 -52.72 -36.17 -6.90
N THR C 49 -53.40 -36.80 -5.95
CA THR C 49 -53.51 -38.26 -5.89
C THR C 49 -54.71 -38.69 -6.73
N PRO C 50 -54.81 -40.00 -7.02
CA PRO C 50 -56.02 -40.51 -7.69
C PRO C 50 -57.29 -40.09 -6.97
N LEU C 51 -57.21 -39.99 -5.64
CA LEU C 51 -58.34 -39.57 -4.83
C LEU C 51 -58.71 -38.11 -5.12
N HIS C 52 -57.69 -37.26 -5.25
CA HIS C 52 -57.91 -35.88 -5.63
C HIS C 52 -58.63 -35.78 -6.96
N ARG C 53 -58.16 -36.58 -7.93
CA ARG C 53 -58.71 -36.57 -9.28
C ARG C 53 -60.14 -37.08 -9.33
N ALA C 54 -60.41 -38.15 -8.60
CA ALA C 54 -61.76 -38.71 -8.51
C ALA C 54 -62.71 -37.71 -7.85
N ALA C 55 -62.23 -37.08 -6.78
CA ALA C 55 -63.02 -36.07 -6.09
C ALA C 55 -63.26 -34.84 -6.96
N ASN C 56 -62.24 -34.46 -7.71
CA ASN C 56 -62.34 -33.30 -8.61
C ASN C 56 -63.40 -33.53 -9.69
N LYS C 57 -63.36 -34.69 -10.33
CA LYS C 57 -64.24 -35.00 -11.45
C LYS C 57 -65.64 -35.40 -10.98
N GLY C 58 -65.72 -35.97 -9.78
CA GLY C 58 -67.00 -36.38 -9.22
C GLY C 58 -67.27 -37.88 -9.26
N HIS C 59 -66.20 -38.68 -9.30
CA HIS C 59 -66.35 -40.12 -9.43
C HIS C 59 -66.50 -40.76 -8.04
N LEU C 60 -67.65 -40.53 -7.42
CA LEU C 60 -67.95 -41.05 -6.08
C LEU C 60 -67.52 -42.49 -5.89
N GLU C 61 -67.85 -43.35 -6.85
CA GLU C 61 -67.50 -44.76 -6.76
C GLU C 61 -65.99 -44.96 -6.57
N ILE C 62 -65.20 -44.30 -7.40
CA ILE C 62 -63.75 -44.42 -7.33
C ILE C 62 -63.22 -43.86 -6.01
N VAL C 63 -63.79 -42.74 -5.58
CA VAL C 63 -63.46 -42.14 -4.29
C VAL C 63 -63.60 -43.15 -3.15
N GLU C 64 -64.73 -43.84 -3.11
CA GLU C 64 -64.98 -44.84 -2.06
C GLU C 64 -64.00 -46.00 -2.15
N VAL C 65 -63.80 -46.51 -3.36
CA VAL C 65 -62.90 -47.63 -3.58
C VAL C 65 -61.48 -47.31 -3.09
N LEU C 66 -60.97 -46.15 -3.48
CA LEU C 66 -59.63 -45.73 -3.11
C LEU C 66 -59.48 -45.60 -1.60
N LEU C 67 -60.49 -45.04 -0.95
CA LEU C 67 -60.49 -44.89 0.50
C LEU C 67 -60.50 -46.25 1.19
N LYS C 68 -61.20 -47.21 0.61
CA LYS C 68 -61.25 -48.57 1.14
C LYS C 68 -59.89 -49.23 1.07
N THR C 69 -59.16 -48.96 -0.01
CA THR C 69 -57.82 -49.50 -0.20
C THR C 69 -56.77 -48.81 0.66
N GLY C 70 -57.06 -47.58 1.08
CA GLY C 70 -56.24 -46.90 2.06
C GLY C 70 -55.70 -45.58 1.54
N ALA C 71 -56.51 -44.88 0.73
CA ALA C 71 -56.15 -43.55 0.26
C ALA C 71 -56.11 -42.55 1.42
N ASP C 72 -55.19 -41.60 1.33
CA ASP C 72 -55.06 -40.57 2.36
C ASP C 72 -56.10 -39.47 2.16
N VAL C 73 -57.17 -39.52 2.94
CA VAL C 73 -58.30 -38.64 2.77
C VAL C 73 -57.93 -37.17 3.03
N ASN C 74 -56.85 -36.97 3.77
CA ASN C 74 -56.40 -35.62 4.12
C ASN C 74 -55.15 -35.15 3.37
N ALA C 75 -54.79 -35.87 2.31
CA ALA C 75 -53.64 -35.50 1.49
C ALA C 75 -53.88 -34.17 0.77
N LYS C 76 -53.55 -33.31 0.71
CA LYS C 76 -53.30 -32.03 0.08
C LYS C 76 -52.42 -32.18 -1.15
N ASP C 77 -52.79 -31.50 -2.23
CA ASP C 77 -51.94 -31.42 -3.41
C ASP C 77 -50.78 -30.44 -3.18
N ASP C 78 -49.86 -30.40 -4.13
CA ASP C 78 -48.63 -29.63 -3.97
C ASP C 78 -48.70 -28.29 -4.69
N TRP C 79 -49.87 -28.02 -5.28
CA TRP C 79 -50.04 -26.79 -6.05
C TRP C 79 -50.84 -25.75 -5.26
N SER C 80 -52.10 -26.07 -4.98
CA SER C 80 -52.97 -25.15 -4.26
C SER C 80 -53.15 -25.57 -2.82
N GLY C 81 -52.78 -26.81 -2.51
CA GLY C 81 -52.83 -27.32 -1.15
C GLY C 81 -54.23 -27.78 -0.78
N ASP C 82 -55.01 -28.14 -1.79
CA ASP C 82 -56.40 -28.57 -1.58
C ASP C 82 -56.47 -30.06 -1.32
N THR C 83 -57.35 -30.45 -0.40
CA THR C 83 -57.62 -31.86 -0.15
C THR C 83 -58.76 -32.28 -1.08
N PRO C 84 -59.00 -33.60 -1.21
CA PRO C 84 -60.17 -34.05 -1.96
C PRO C 84 -61.46 -33.40 -1.45
N LEU C 85 -61.50 -33.10 -0.17
CA LEU C 85 -62.66 -32.45 0.44
C LEU C 85 -62.83 -31.02 -0.07
N HIS C 86 -61.71 -30.28 -0.14
CA HIS C 86 -61.70 -28.96 -0.75
C HIS C 86 -62.23 -29.00 -2.18
N LEU C 87 -61.77 -29.98 -2.94
CA LEU C 87 -62.16 -30.10 -4.35
C LEU C 87 -63.65 -30.40 -4.50
N ALA C 88 -64.14 -31.33 -3.68
CA ALA C 88 -65.55 -31.70 -3.70
C ALA C 88 -66.42 -30.52 -3.29
N ALA C 89 -65.96 -29.77 -2.30
CA ALA C 89 -66.70 -28.62 -1.79
C ALA C 89 -66.84 -27.55 -2.86
N SER C 90 -65.75 -27.31 -3.59
CA SER C 90 -65.71 -26.28 -4.63
C SER C 90 -66.62 -26.64 -5.80
N HIS C 91 -66.50 -27.89 -6.26
CA HIS C 91 -67.21 -28.34 -7.45
C HIS C 91 -68.68 -28.61 -7.18
N GLY C 92 -68.99 -29.00 -5.95
CA GLY C 92 -70.36 -29.26 -5.56
C GLY C 92 -70.71 -30.73 -5.45
N HIS C 93 -69.72 -31.55 -5.15
CA HIS C 93 -69.91 -32.99 -5.08
C HIS C 93 -70.38 -33.40 -3.69
N LEU C 94 -71.62 -33.04 -3.38
CA LEU C 94 -72.18 -33.26 -2.05
C LEU C 94 -71.96 -34.67 -1.54
N GLU C 95 -72.26 -35.66 -2.39
CA GLU C 95 -72.16 -37.05 -2.00
C GLU C 95 -70.72 -37.42 -1.62
N ILE C 96 -69.75 -36.91 -2.36
CA ILE C 96 -68.36 -37.18 -2.07
C ILE C 96 -67.92 -36.49 -0.78
N VAL C 97 -68.38 -35.26 -0.59
CA VAL C 97 -68.13 -34.52 0.64
C VAL C 97 -68.53 -35.35 1.86
N GLU C 98 -69.73 -35.91 1.81
CA GLU C 98 -70.23 -36.76 2.89
C GLU C 98 -69.29 -37.93 3.16
N VAL C 99 -68.94 -38.66 2.11
CA VAL C 99 -68.08 -39.84 2.24
C VAL C 99 -66.71 -39.49 2.82
N LEU C 100 -66.13 -38.41 2.33
CA LEU C 100 -64.80 -37.99 2.76
C LEU C 100 -64.80 -37.66 4.24
N LEU C 101 -65.85 -36.98 4.69
CA LEU C 101 -66.00 -36.61 6.08
C LEU C 101 -66.21 -37.84 6.97
N LYS C 102 -66.91 -38.83 6.44
CA LYS C 102 -67.14 -40.08 7.15
C LYS C 102 -65.84 -40.89 7.19
N ALA C 103 -65.06 -40.78 6.12
CA ALA C 103 -63.76 -41.41 6.05
C ALA C 103 -62.82 -40.83 7.09
N GLY C 104 -63.01 -39.55 7.39
CA GLY C 104 -62.24 -38.88 8.42
C GLY C 104 -61.47 -37.67 7.91
N ALA C 105 -62.03 -36.97 6.93
CA ALA C 105 -61.43 -35.73 6.44
C ALA C 105 -61.55 -34.61 7.47
N ASP C 106 -60.50 -33.79 7.57
CA ASP C 106 -60.51 -32.64 8.46
C ASP C 106 -61.36 -31.51 7.88
N VAL C 107 -62.54 -31.32 8.45
CA VAL C 107 -63.52 -30.37 7.93
C VAL C 107 -63.01 -28.93 7.99
N ASN C 108 -62.03 -28.67 8.85
CA ASN C 108 -61.47 -27.33 9.00
C ASN C 108 -60.06 -27.19 8.45
N ALA C 109 -59.67 -28.11 7.59
CA ALA C 109 -58.35 -28.04 6.93
C ALA C 109 -58.30 -26.85 5.99
N MET C 110 -57.35 -26.27 5.99
CA MET C 110 -57.14 -25.10 5.15
C MET C 110 -56.17 -25.39 4.01
N ALA C 111 -56.38 -24.74 2.87
CA ALA C 111 -55.46 -24.83 1.74
C ALA C 111 -54.35 -23.80 1.89
N ASN C 112 -53.57 -23.61 0.83
CA ASN C 112 -52.45 -22.67 0.86
C ASN C 112 -52.90 -21.24 1.01
N ASP C 113 -54.15 -20.95 0.63
CA ASP C 113 -54.71 -19.62 0.78
C ASP C 113 -55.55 -19.51 2.06
N GLY C 114 -55.49 -20.55 2.88
CA GLY C 114 -56.06 -20.50 4.21
C GLY C 114 -57.56 -20.70 4.20
N GLN C 115 -58.07 -21.19 3.07
CA GLN C 115 -59.50 -21.41 2.91
C GLN C 115 -59.88 -22.86 3.21
N THR C 116 -60.99 -23.02 3.94
CA THR C 116 -61.48 -24.34 4.28
C THR C 116 -62.50 -24.74 3.22
N PRO C 117 -62.91 -26.02 3.21
CA PRO C 117 -64.00 -26.43 2.31
C PRO C 117 -65.24 -25.56 2.51
N LEU C 118 -65.44 -25.07 3.72
CA LEU C 118 -66.58 -24.21 4.02
C LEU C 118 -66.44 -22.86 3.33
N HIS C 119 -65.23 -22.30 3.36
CA HIS C 119 -64.93 -21.10 2.60
C HIS C 119 -65.30 -21.26 1.13
N LEU C 120 -64.93 -22.41 0.57
CA LEU C 120 -65.17 -22.68 -0.85
C LEU C 120 -66.66 -22.84 -1.17
N ALA C 121 -67.34 -23.68 -0.40
CA ALA C 121 -68.76 -23.92 -0.63
C ALA C 121 -69.58 -22.65 -0.47
N ALA C 122 -69.19 -21.83 0.51
CA ALA C 122 -69.87 -20.57 0.78
C ALA C 122 -69.71 -19.61 -0.38
N SER C 123 -68.52 -19.59 -0.97
CA SER C 123 -68.22 -18.68 -2.07
C SER C 123 -68.77 -19.21 -3.39
N ARG C 124 -68.93 -20.53 -3.49
CA ARG C 124 -69.44 -21.15 -4.70
C ARG C 124 -70.97 -21.16 -4.75
N GLY C 125 -71.60 -21.24 -3.58
CA GLY C 125 -73.05 -21.24 -3.51
C GLY C 125 -73.64 -22.61 -3.21
N HIS C 126 -72.83 -23.51 -2.68
CA HIS C 126 -73.26 -24.88 -2.42
C HIS C 126 -73.86 -25.00 -1.03
N LEU C 127 -75.06 -24.45 -0.87
CA LEU C 127 -75.73 -24.42 0.42
C LEU C 127 -75.81 -25.81 1.05
N GLU C 128 -76.12 -26.81 0.22
CA GLU C 128 -76.29 -28.17 0.71
C GLU C 128 -75.03 -28.64 1.42
N ILE C 129 -73.88 -28.39 0.79
CA ILE C 129 -72.59 -28.74 1.35
C ILE C 129 -72.26 -27.91 2.59
N VAL C 130 -72.57 -26.62 2.54
CA VAL C 130 -72.36 -25.74 3.68
C VAL C 130 -73.04 -26.32 4.91
N GLU C 131 -74.29 -26.75 4.74
CA GLU C 131 -75.07 -27.34 5.83
C GLU C 131 -74.41 -28.59 6.41
N VAL C 132 -73.94 -29.47 5.53
CA VAL C 132 -73.25 -30.69 5.94
C VAL C 132 -71.95 -30.39 6.69
N LEU C 133 -71.18 -29.44 6.17
CA LEU C 133 -69.92 -29.05 6.79
C LEU C 133 -70.18 -28.46 8.18
N LEU C 134 -71.23 -27.65 8.28
CA LEU C 134 -71.61 -27.06 9.57
C LEU C 134 -72.02 -28.15 10.56
N LYS C 135 -72.84 -29.09 10.11
CA LYS C 135 -73.28 -30.19 10.96
C LYS C 135 -72.11 -31.02 11.45
N HIS C 136 -71.11 -31.21 10.59
CA HIS C 136 -69.90 -31.92 10.94
C HIS C 136 -69.08 -31.16 12.00
N GLY C 137 -69.12 -29.84 11.93
CA GLY C 137 -68.44 -29.01 12.91
C GLY C 137 -67.41 -28.07 12.31
N ALA C 138 -67.72 -27.55 11.11
CA ALA C 138 -66.86 -26.55 10.49
C ALA C 138 -66.93 -25.22 11.22
N ASP C 139 -65.80 -24.52 11.28
CA ASP C 139 -65.73 -23.24 11.98
C ASP C 139 -66.17 -22.10 11.06
N VAL C 140 -67.37 -21.59 11.30
CA VAL C 140 -67.95 -20.56 10.43
C VAL C 140 -67.24 -19.21 10.60
N ASN C 141 -66.44 -19.11 11.67
CA ASN C 141 -65.70 -17.88 11.94
C ASN C 141 -64.23 -17.95 11.53
N ALA C 142 -63.85 -19.06 10.89
CA ALA C 142 -62.47 -19.25 10.45
C ALA C 142 -62.11 -18.25 9.35
N GLN C 143 -61.02 -17.24 9.59
CA GLN C 143 -60.73 -16.41 8.42
C GLN C 143 -59.67 -17.04 7.52
N ASP C 144 -59.74 -16.73 6.22
CA ASP C 144 -58.72 -17.17 5.28
C ASP C 144 -57.62 -16.11 5.21
N LYS C 145 -56.67 -16.29 4.31
CA LYS C 145 -55.53 -15.37 4.24
C LYS C 145 -55.90 -14.06 3.53
N PHE C 146 -57.16 -13.94 3.13
CA PHE C 146 -57.66 -12.70 2.56
C PHE C 146 -58.46 -11.92 3.61
N GLY C 147 -58.52 -12.48 4.81
CA GLY C 147 -59.20 -11.83 5.91
C GLY C 147 -60.71 -12.00 5.89
N LYS C 148 -61.18 -13.03 5.20
CA LYS C 148 -62.62 -13.27 5.05
C LYS C 148 -63.05 -14.59 5.67
N THR C 149 -64.24 -14.58 6.27
CA THR C 149 -64.89 -15.79 6.75
C THR C 149 -65.81 -16.35 5.66
N PRO C 150 -66.21 -17.63 5.79
CA PRO C 150 -67.20 -18.19 4.85
C PRO C 150 -68.46 -17.34 4.76
N PHE C 151 -68.88 -16.77 5.88
CA PHE C 151 -70.00 -15.84 5.91
C PHE C 151 -69.73 -14.63 5.02
N ASP C 152 -68.57 -14.02 5.20
CA ASP C 152 -68.16 -12.87 4.40
C ASP C 152 -68.16 -13.22 2.92
N LEU C 153 -67.67 -14.41 2.59
CA LEU C 153 -67.63 -14.85 1.21
C LEU C 153 -69.05 -15.06 0.65
N ALA C 154 -69.94 -15.58 1.48
CA ALA C 154 -71.34 -15.74 1.09
C ALA C 154 -71.98 -14.39 0.80
N ILE C 155 -71.69 -13.41 1.64
CA ILE C 155 -72.20 -12.05 1.44
C ILE C 155 -71.66 -11.45 0.16
N ASP C 156 -70.36 -11.60 -0.07
CA ASP C 156 -69.71 -11.06 -1.26
C ASP C 156 -70.29 -11.63 -2.55
N ASN C 157 -70.68 -12.90 -2.51
CA ASN C 157 -71.21 -13.57 -3.69
C ASN C 157 -72.74 -13.59 -3.74
N GLY C 158 -73.37 -12.86 -2.82
CA GLY C 158 -74.80 -12.71 -2.82
C GLY C 158 -75.55 -13.93 -2.32
N ASN C 159 -74.81 -14.85 -1.70
CA ASN C 159 -75.39 -16.09 -1.21
C ASN C 159 -76.04 -15.89 0.15
N GLU C 160 -77.16 -15.19 0.17
CA GLU C 160 -77.83 -14.82 1.41
C GLU C 160 -78.31 -16.04 2.20
N ASP C 161 -78.79 -17.05 1.49
CA ASP C 161 -79.25 -18.28 2.13
C ASP C 161 -78.13 -18.93 2.95
N ILE C 162 -76.94 -19.02 2.35
CA ILE C 162 -75.78 -19.54 3.05
C ILE C 162 -75.38 -18.63 4.21
N ALA C 163 -75.41 -17.32 3.96
CA ALA C 163 -75.04 -16.35 4.98
C ALA C 163 -75.90 -16.49 6.23
N GLU C 164 -77.20 -16.72 6.04
CA GLU C 164 -78.12 -16.87 7.15
C GLU C 164 -77.80 -18.11 7.96
N VAL C 165 -77.44 -19.19 7.27
CA VAL C 165 -77.06 -20.43 7.91
C VAL C 165 -75.76 -20.25 8.71
N LEU C 166 -74.80 -19.53 8.12
CA LEU C 166 -73.50 -19.34 8.75
C LEU C 166 -73.56 -18.31 9.87
N GLN C 167 -74.51 -17.37 9.77
CA GLN C 167 -74.68 -16.35 10.79
C GLN C 167 -75.22 -16.96 12.08
N LYS D 19 39.08 33.53 8.65
CA LYS D 19 39.97 34.03 9.75
C LYS D 19 39.19 34.96 10.69
N TYR D 20 38.92 34.47 11.91
CA TYR D 20 38.17 35.25 12.89
C TYR D 20 39.06 35.97 13.90
N GLN D 21 38.49 36.95 14.58
CA GLN D 21 39.19 37.81 15.51
C GLN D 21 38.49 37.78 16.88
N LEU D 22 39.09 37.07 17.82
CA LEU D 22 38.44 36.76 19.10
C LEU D 22 39.36 37.00 20.30
N PRO D 23 38.79 37.17 21.51
CA PRO D 23 39.58 37.31 22.73
C PRO D 23 40.56 36.15 22.91
N ASN D 24 41.85 36.47 22.82
CA ASN D 24 42.89 35.48 22.57
C ASN D 24 44.04 35.46 23.57
N PHE D 25 43.87 34.79 24.73
CA PHE D 25 45.01 34.62 25.66
C PHE D 25 45.97 33.43 25.44
N THR D 26 47.27 33.75 25.43
CA THR D 26 48.35 32.81 25.19
C THR D 26 49.30 32.72 26.38
N ALA D 27 49.44 31.53 26.94
CA ALA D 27 50.38 31.32 28.04
C ALA D 27 51.72 30.80 27.57
N GLU D 28 52.72 30.89 28.44
CA GLU D 28 54.07 30.42 28.11
C GLU D 28 54.26 28.91 28.30
N THR D 29 53.26 28.25 28.88
CA THR D 29 53.29 26.79 29.02
C THR D 29 51.93 26.20 28.71
N PRO D 30 51.89 24.93 28.28
CA PRO D 30 50.62 24.25 27.93
C PRO D 30 49.53 24.26 29.03
N ILE D 31 48.28 24.34 28.62
CA ILE D 31 47.15 24.43 29.56
C ILE D 31 46.46 23.11 29.81
N GLN D 32 46.53 22.58 31.02
CA GLN D 32 45.84 21.33 31.27
C GLN D 32 44.36 21.52 31.56
N ASN D 33 44.00 22.55 32.34
CA ASN D 33 42.70 22.61 33.01
C ASN D 33 42.21 24.02 33.23
N VAL D 34 40.89 24.17 33.41
CA VAL D 34 40.29 25.50 33.37
C VAL D 34 39.05 25.67 34.23
N ILE D 35 39.01 26.74 35.01
CA ILE D 35 37.89 26.99 35.91
C ILE D 35 37.48 28.43 35.77
N LEU D 36 36.16 28.66 35.81
CA LEU D 36 35.64 30.01 35.83
C LEU D 36 35.04 30.27 37.19
N HIS D 37 35.52 31.29 37.88
CA HIS D 37 35.01 31.62 39.20
C HIS D 37 34.95 33.12 39.47
N GLU D 38 33.81 33.60 39.97
CA GLU D 38 33.62 35.00 40.30
C GLU D 38 34.32 35.94 39.31
N HIS D 39 33.95 35.82 38.04
CA HIS D 39 34.44 36.73 36.98
C HIS D 39 35.95 36.66 36.73
N HIS D 40 36.56 35.53 37.05
CA HIS D 40 37.94 35.29 36.68
C HIS D 40 38.10 33.88 36.10
N ILE D 41 39.20 33.66 35.42
CA ILE D 41 39.44 32.41 34.74
C ILE D 41 40.76 31.85 35.27
N PHE D 42 40.77 30.60 35.70
CA PHE D 42 41.96 30.06 36.31
C PHE D 42 42.48 28.94 35.45
N LEU D 43 43.59 29.18 34.77
CA LEU D 43 44.19 28.11 33.97
C LEU D 43 45.16 27.28 34.82
N GLY D 44 45.04 25.96 34.77
CA GLY D 44 45.95 25.06 35.46
C GLY D 44 46.92 24.52 34.44
N ALA D 45 48.17 24.95 34.53
CA ALA D 45 49.10 24.79 33.40
C ALA D 45 50.36 24.11 33.85
N THR D 46 51.19 23.69 32.89
CA THR D 46 52.48 23.05 33.20
C THR D 46 53.34 24.02 34.01
N ASN D 47 53.56 23.65 35.26
CA ASN D 47 54.34 24.45 36.20
C ASN D 47 53.65 25.78 36.62
N TYR D 48 52.40 25.96 36.20
CA TYR D 48 51.74 27.25 36.41
C TYR D 48 50.25 27.19 36.70
N ILE D 49 49.78 28.18 37.44
CA ILE D 49 48.37 28.52 37.45
C ILE D 49 48.23 29.99 37.05
N TYR D 50 47.37 30.29 36.07
CA TYR D 50 47.11 31.68 35.68
C TYR D 50 45.74 32.18 36.09
N VAL D 51 45.62 33.49 36.15
CA VAL D 51 44.34 34.12 36.39
C VAL D 51 44.12 35.16 35.32
N LEU D 52 43.04 34.99 34.55
CA LEU D 52 42.64 35.95 33.53
C LEU D 52 41.34 36.58 33.91
N ASN D 53 41.07 37.75 33.36
CA ASN D 53 39.78 38.41 33.56
C ASN D 53 38.70 37.79 32.69
N GLU D 54 37.57 37.40 33.26
CA GLU D 54 36.47 36.81 32.47
C GLU D 54 36.14 37.66 31.24
N GLU D 55 36.17 38.98 31.42
CA GLU D 55 35.69 39.90 30.40
C GLU D 55 36.58 40.00 29.17
N ASP D 56 37.90 40.12 29.34
CA ASP D 56 38.76 40.27 28.16
C ASP D 56 39.95 39.30 28.07
N LEU D 57 40.06 38.39 29.02
CA LEU D 57 41.09 37.33 29.02
C LEU D 57 42.55 37.83 29.22
N GLN D 58 42.69 39.09 29.64
CA GLN D 58 43.98 39.62 30.08
C GLN D 58 44.44 38.90 31.33
N LYS D 59 45.71 38.51 31.36
CA LYS D 59 46.30 37.87 32.54
C LYS D 59 46.39 38.89 33.66
N VAL D 60 45.81 38.57 34.80
CA VAL D 60 45.84 39.45 35.95
C VAL D 60 46.93 38.99 36.90
N ALA D 61 47.00 37.68 37.12
CA ALA D 61 47.93 37.13 38.11
C ALA D 61 48.51 35.79 37.70
N GLU D 62 49.72 35.49 38.16
CA GLU D 62 50.25 34.15 38.04
C GLU D 62 50.60 33.55 39.39
N TYR D 63 50.69 32.23 39.43
CA TYR D 63 51.32 31.58 40.54
C TYR D 63 52.09 30.42 39.99
N LYS D 64 53.35 30.34 40.42
CA LYS D 64 54.31 29.41 39.88
C LYS D 64 54.31 28.14 40.71
N THR D 65 53.72 27.09 40.16
CA THR D 65 53.82 25.75 40.73
C THR D 65 55.09 25.15 40.18
N GLY D 66 55.74 25.93 39.30
CA GLY D 66 57.07 25.74 38.73
C GLY D 66 57.85 24.46 38.94
N PRO D 67 58.79 24.19 38.04
CA PRO D 67 59.54 22.93 38.07
C PRO D 67 59.92 22.57 39.47
N VAL D 68 59.81 21.30 39.84
CA VAL D 68 59.96 20.82 41.21
C VAL D 68 60.87 19.58 41.30
N LEU D 69 61.58 19.41 42.42
CA LEU D 69 62.60 18.34 42.56
C LEU D 69 62.17 17.04 43.28
N GLU D 70 62.24 15.92 42.56
CA GLU D 70 61.85 14.61 43.09
C GLU D 70 63.00 13.94 43.83
N HIS D 71 62.67 13.26 44.92
CA HIS D 71 63.66 12.59 45.76
C HIS D 71 63.04 11.53 46.67
N PRO D 72 63.78 10.45 46.94
CA PRO D 72 63.34 9.44 47.91
C PRO D 72 63.27 10.07 49.30
N ASP D 73 64.29 10.87 49.63
CA ASP D 73 64.42 11.52 50.92
C ASP D 73 63.51 12.74 51.05
N CYS D 74 63.34 13.48 49.97
CA CYS D 74 62.47 14.67 50.00
C CYS D 74 60.98 14.31 49.96
N PHE D 75 60.31 14.51 51.10
CA PHE D 75 58.93 14.04 51.29
C PHE D 75 57.85 15.01 50.74
N PRO D 76 56.59 14.57 50.71
CA PRO D 76 55.61 15.12 49.75
C PRO D 76 54.99 16.49 50.03
N CYS D 77 54.99 17.04 51.24
CA CYS D 77 54.46 18.39 51.36
C CYS D 77 55.51 19.40 51.79
N GLN D 78 56.71 18.88 52.08
CA GLN D 78 57.88 19.73 52.36
C GLN D 78 58.74 19.87 51.11
N ASP D 79 59.24 21.09 50.89
CA ASP D 79 59.98 21.41 49.66
C ASP D 79 61.49 21.54 49.89
N CYS D 80 62.26 21.46 48.81
CA CYS D 80 63.70 21.38 48.94
C CYS D 80 64.55 21.98 47.80
N SER D 81 65.28 23.04 48.16
CA SER D 81 66.55 23.36 47.51
C SER D 81 67.62 22.91 48.51
N SER D 82 67.15 22.26 49.57
CA SER D 82 67.99 21.62 50.59
C SER D 82 68.36 20.19 50.18
N LYS D 83 68.18 19.89 48.89
CA LYS D 83 68.70 18.67 48.26
C LYS D 83 69.00 18.88 46.78
N ALA D 84 68.95 20.14 46.35
CA ALA D 84 69.09 20.52 44.94
C ALA D 84 70.37 19.99 44.28
N ASN D 85 71.39 19.76 45.11
CA ASN D 85 72.71 19.29 44.64
C ASN D 85 72.75 17.80 44.28
N LEU D 86 71.77 17.05 44.81
CA LEU D 86 71.35 15.71 44.32
C LEU D 86 72.36 14.56 44.36
N SER D 87 71.95 13.44 44.94
CA SER D 87 72.72 12.19 44.83
C SER D 87 71.97 11.16 44.00
N GLY D 88 70.65 11.26 44.01
CA GLY D 88 69.77 10.48 43.15
C GLY D 88 68.40 11.12 43.05
N GLY D 89 68.39 12.42 42.72
CA GLY D 89 67.17 13.19 42.68
C GLY D 89 67.02 13.99 41.40
N VAL D 90 65.83 13.91 40.80
CA VAL D 90 65.57 14.53 39.49
C VAL D 90 64.64 15.75 39.56
N TRP D 91 64.89 16.72 38.69
CA TRP D 91 64.07 17.92 38.56
C TRP D 91 62.90 17.62 37.63
N LYS D 92 61.69 17.97 38.05
CA LYS D 92 60.47 17.49 37.37
C LYS D 92 59.42 18.56 37.06
N ASP D 93 58.79 18.40 35.88
CA ASP D 93 57.76 19.29 35.39
C ASP D 93 56.45 18.99 36.06
N ASN D 94 55.80 20.04 36.55
CA ASN D 94 54.62 19.91 37.38
C ASN D 94 53.31 20.03 36.60
N ILE D 95 52.93 18.96 35.91
CA ILE D 95 51.67 18.96 35.14
C ILE D 95 50.41 19.10 36.05
N ASN D 96 49.55 20.06 35.75
CA ASN D 96 48.30 20.17 36.47
C ASN D 96 47.36 19.05 36.11
N MET D 97 46.83 18.38 37.12
CA MET D 97 45.96 17.27 36.87
C MET D 97 44.54 17.57 37.26
N ALA D 98 44.38 18.40 38.28
CA ALA D 98 43.05 18.71 38.74
C ALA D 98 43.00 20.17 39.15
N LEU D 99 41.80 20.74 39.15
CA LEU D 99 41.61 22.11 39.56
C LEU D 99 40.15 22.31 39.92
N VAL D 100 39.92 22.63 41.19
CA VAL D 100 38.59 22.70 41.81
C VAL D 100 38.50 23.99 42.60
N VAL D 101 37.48 24.81 42.33
CA VAL D 101 37.15 25.89 43.25
C VAL D 101 36.19 25.32 44.28
N ASP D 102 36.40 25.61 45.56
CA ASP D 102 35.48 25.15 46.60
C ASP D 102 34.92 26.33 47.30
N THR D 103 33.65 26.24 47.67
CA THR D 103 32.99 27.44 48.14
C THR D 103 32.07 27.23 49.31
N TYR D 104 32.04 25.98 49.78
CA TYR D 104 31.35 25.56 50.98
C TYR D 104 32.18 26.10 52.13
N TYR D 105 33.48 25.84 52.11
CA TYR D 105 34.35 26.48 53.08
C TYR D 105 34.62 27.87 52.57
N ASP D 106 35.47 28.62 53.25
CA ASP D 106 35.87 29.94 52.78
C ASP D 106 36.54 29.77 51.42
N ASP D 107 36.10 30.56 50.43
CA ASP D 107 36.37 30.39 48.99
C ASP D 107 37.82 30.12 48.77
N GLN D 108 38.11 29.04 48.06
CA GLN D 108 39.48 28.61 47.87
C GLN D 108 39.65 27.89 46.56
N LEU D 109 40.82 28.06 45.94
CA LEU D 109 41.20 27.24 44.82
C LEU D 109 42.00 26.02 45.32
N ILE D 110 41.52 24.82 45.01
CA ILE D 110 42.23 23.60 45.33
C ILE D 110 42.83 23.09 44.02
N SER D 111 44.14 22.84 43.98
CA SER D 111 44.77 22.35 42.76
C SER D 111 45.68 21.17 43.01
N CYS D 112 45.69 20.21 42.08
CA CYS D 112 46.39 18.97 42.34
C CYS D 112 47.32 18.64 41.22
N GLY D 113 48.61 18.76 41.51
CA GLY D 113 49.67 18.49 40.55
C GLY D 113 50.09 17.04 40.43
N SER D 114 50.87 16.74 39.41
CA SER D 114 51.30 15.37 39.12
C SER D 114 52.47 14.90 39.99
N VAL D 115 52.99 15.78 40.82
CA VAL D 115 54.41 15.71 41.05
C VAL D 115 54.83 15.15 42.41
N ASN D 116 54.23 15.62 43.49
CA ASN D 116 54.67 15.13 44.81
C ASN D 116 53.77 14.02 45.34
N ARG D 117 53.71 12.96 44.55
CA ARG D 117 52.83 11.82 44.75
C ARG D 117 51.38 12.23 44.66
N GLY D 118 51.08 13.19 43.80
CA GLY D 118 49.71 13.65 43.56
C GLY D 118 49.00 14.37 44.71
N THR D 119 49.61 15.47 45.12
CA THR D 119 49.37 16.07 46.40
C THR D 119 48.85 17.51 46.22
N CYS D 120 47.56 17.72 46.53
CA CYS D 120 46.89 19.01 46.28
C CYS D 120 47.27 20.13 47.22
N GLN D 121 47.21 21.37 46.74
CA GLN D 121 47.29 22.52 47.64
C GLN D 121 46.07 23.44 47.52
N ARG D 122 45.75 24.13 48.62
CA ARG D 122 44.71 25.14 48.58
C ARG D 122 45.23 26.59 48.54
N HIS D 123 44.72 27.38 47.60
CA HIS D 123 44.96 28.81 47.55
C HIS D 123 43.73 29.50 48.09
N VAL D 124 43.85 30.24 49.19
CA VAL D 124 42.67 30.88 49.78
C VAL D 124 42.56 32.33 49.37
N PHE D 125 41.53 32.66 48.61
CA PHE D 125 41.26 34.03 48.17
C PHE D 125 41.02 34.91 49.38
N PRO D 126 41.76 36.02 49.48
CA PRO D 126 41.45 37.07 50.47
C PRO D 126 40.08 37.64 50.21
N HIS D 127 39.48 38.27 51.22
CA HIS D 127 38.06 38.61 51.15
C HIS D 127 37.67 39.74 50.17
N ASN D 128 38.58 40.09 49.26
CA ASN D 128 38.23 40.93 48.11
C ASN D 128 39.03 40.73 46.81
N HIS D 129 40.37 40.69 46.90
CA HIS D 129 41.15 40.37 45.72
C HIS D 129 40.95 38.88 45.36
N THR D 130 40.39 38.62 44.18
CA THR D 130 40.07 37.26 43.76
C THR D 130 41.17 36.68 42.87
N ALA D 131 42.09 37.51 42.43
CA ALA D 131 43.17 37.03 41.60
C ALA D 131 44.34 36.59 42.49
N ASP D 132 44.11 36.60 43.79
CA ASP D 132 45.17 36.32 44.74
C ASP D 132 45.28 34.85 45.12
N ILE D 133 45.74 34.07 44.15
CA ILE D 133 46.15 32.67 44.26
C ILE D 133 47.43 32.50 45.12
N GLN D 134 47.98 33.63 45.58
CA GLN D 134 49.40 33.77 45.87
C GLN D 134 49.70 33.97 47.34
N SER D 135 48.94 34.84 47.99
CA SER D 135 49.25 35.25 49.35
C SER D 135 49.02 34.17 50.45
N GLU D 136 47.91 33.43 50.40
CA GLU D 136 47.68 32.34 51.37
C GLU D 136 47.42 30.96 50.72
N VAL D 137 48.46 30.12 50.73
CA VAL D 137 48.46 28.84 50.04
C VAL D 137 49.01 27.81 50.99
N HIS D 138 48.23 26.80 51.34
CA HIS D 138 48.66 25.67 52.16
C HIS D 138 48.71 24.40 51.36
N CYS D 139 49.80 23.65 51.48
CA CYS D 139 49.89 22.30 50.91
C CYS D 139 49.02 21.35 51.74
N ILE D 140 48.38 20.35 51.13
CA ILE D 140 47.52 19.45 51.89
C ILE D 140 48.08 18.05 51.98
N PHE D 141 48.78 17.79 53.10
CA PHE D 141 49.28 16.46 53.42
C PHE D 141 49.45 16.32 54.93
N SER D 142 48.43 15.78 55.59
CA SER D 142 48.51 15.44 57.01
C SER D 142 49.23 14.10 57.21
N PRO D 143 50.22 14.03 58.11
CA PRO D 143 51.00 12.79 58.29
C PRO D 143 50.15 11.65 58.84
N GLN D 144 50.42 10.42 58.41
CA GLN D 144 49.51 9.30 58.60
C GLN D 144 49.87 8.40 59.78
N ILE D 145 48.96 8.28 60.75
CA ILE D 145 49.33 7.69 62.05
C ILE D 145 48.56 6.42 62.49
N GLU D 146 47.25 6.40 62.24
CA GLU D 146 46.42 5.23 62.57
C GLU D 146 46.79 4.05 61.65
N GLU D 147 46.62 4.24 60.35
CA GLU D 147 47.06 3.28 59.34
C GLU D 147 48.16 3.88 58.46
N PRO D 148 49.42 3.85 58.91
CA PRO D 148 50.56 4.45 58.18
C PRO D 148 50.81 3.87 56.78
N SER D 149 49.99 2.90 56.40
CA SER D 149 50.07 2.27 55.08
C SER D 149 49.37 3.12 54.03
N GLN D 150 48.31 3.81 54.46
CA GLN D 150 47.46 4.58 53.55
C GLN D 150 48.02 5.96 53.23
N CYS D 151 47.50 6.57 52.15
CA CYS D 151 47.90 7.91 51.74
C CYS D 151 46.77 8.68 51.09
N PRO D 152 45.92 9.25 51.92
CA PRO D 152 44.69 9.87 51.41
C PRO D 152 44.95 11.30 50.97
N ASP D 153 46.19 11.75 51.06
CA ASP D 153 46.46 13.09 50.62
C ASP D 153 47.16 12.99 49.27
N CYS D 154 47.36 11.75 48.85
CA CYS D 154 47.91 11.46 47.55
C CYS D 154 46.73 11.29 46.60
N VAL D 155 46.28 12.39 46.02
CA VAL D 155 45.03 12.34 45.30
C VAL D 155 45.23 11.94 43.86
N VAL D 156 46.06 12.69 43.16
CA VAL D 156 46.06 12.64 41.70
C VAL D 156 47.16 11.73 41.13
N SER D 157 46.94 11.16 39.93
CA SER D 157 48.00 10.37 39.30
C SER D 157 48.63 11.08 38.09
N ALA D 158 49.95 11.21 38.19
CA ALA D 158 50.80 11.77 37.17
C ALA D 158 50.44 11.26 35.80
N LEU D 159 49.95 10.02 35.74
CA LEU D 159 49.67 9.44 34.43
C LEU D 159 48.20 9.29 34.11
N GLY D 160 47.40 10.23 34.61
CA GLY D 160 46.02 10.41 34.21
C GLY D 160 45.07 10.34 35.37
N ALA D 161 44.35 11.45 35.60
CA ALA D 161 43.37 11.59 36.70
C ALA D 161 42.14 12.34 36.26
N LYS D 162 40.98 12.01 36.83
CA LYS D 162 39.84 12.93 36.81
C LYS D 162 39.27 13.08 38.19
N VAL D 163 39.04 14.33 38.56
CA VAL D 163 38.65 14.65 39.92
C VAL D 163 37.37 15.38 39.88
N LEU D 164 36.41 14.91 40.65
CA LEU D 164 35.13 15.58 40.67
C LEU D 164 34.79 15.79 42.13
N SER D 165 34.49 17.04 42.51
CA SER D 165 34.28 17.34 43.93
C SER D 165 32.87 17.78 44.13
N SER D 166 32.23 17.31 45.18
CA SER D 166 30.84 17.69 45.47
C SER D 166 30.54 17.73 46.97
N VAL D 167 29.69 18.65 47.38
CA VAL D 167 29.35 18.74 48.80
C VAL D 167 28.24 17.77 49.12
N LYS D 168 28.40 17.02 50.21
CA LYS D 168 27.44 16.01 50.59
C LYS D 168 27.56 15.69 52.09
N ASP D 169 26.44 15.81 52.78
CA ASP D 169 26.37 15.60 54.22
C ASP D 169 27.22 16.57 55.04
N ARG D 170 27.33 17.81 54.56
CA ARG D 170 28.16 18.85 55.19
C ARG D 170 29.65 18.62 55.04
N PHE D 171 30.03 17.58 54.29
CA PHE D 171 31.45 17.36 53.96
C PHE D 171 31.75 17.65 52.49
N ILE D 172 32.88 18.30 52.20
CA ILE D 172 33.37 18.30 50.81
C ILE D 172 33.93 16.90 50.37
N ASN D 173 33.29 16.29 49.37
CA ASN D 173 33.72 14.96 48.91
C ASN D 173 34.47 15.00 47.58
N PHE D 174 35.50 14.18 47.46
CA PHE D 174 36.26 14.08 46.24
C PHE D 174 36.17 12.70 45.66
N PHE D 175 35.54 12.59 44.49
CA PHE D 175 35.54 11.36 43.70
C PHE D 175 36.62 11.45 42.68
N VAL D 176 37.39 10.37 42.50
CA VAL D 176 38.63 10.46 41.74
C VAL D 176 39.00 9.21 40.93
N GLY D 177 39.02 9.40 39.62
CA GLY D 177 39.53 8.39 38.70
C GLY D 177 41.01 8.56 38.44
N ASN D 178 41.76 7.46 38.54
CA ASN D 178 43.19 7.52 38.38
C ASN D 178 43.75 6.33 37.63
N THR D 179 44.39 6.60 36.49
CA THR D 179 45.16 5.59 35.77
C THR D 179 46.38 5.27 36.58
N ILE D 180 46.71 3.99 36.65
CA ILE D 180 47.64 3.50 37.66
C ILE D 180 48.59 2.43 37.09
N ASN D 181 49.86 2.46 37.50
CA ASN D 181 50.88 1.76 36.71
C ASN D 181 51.89 0.87 37.41
N SER D 182 51.57 0.46 38.63
CA SER D 182 52.39 -0.52 39.38
C SER D 182 53.77 -0.06 39.82
N SER D 183 54.09 1.22 39.65
CA SER D 183 55.17 1.81 40.41
C SER D 183 54.79 1.66 41.90
N TYR D 184 55.04 0.45 42.41
CA TYR D 184 54.87 0.09 43.81
C TYR D 184 55.52 1.19 44.64
N PHE D 185 54.71 2.15 45.07
CA PHE D 185 55.20 3.19 45.96
C PHE D 185 54.96 2.77 47.42
N PRO D 186 56.04 2.51 48.15
CA PRO D 186 55.95 2.23 49.59
C PRO D 186 55.23 3.36 50.32
N ASP D 187 54.14 3.00 50.96
CA ASP D 187 53.34 3.88 51.82
C ASP D 187 52.64 5.10 51.16
N HIS D 188 52.79 5.26 49.83
CA HIS D 188 52.01 6.24 49.04
C HIS D 188 51.38 5.64 47.77
N PRO D 189 50.44 4.71 47.90
CA PRO D 189 49.90 4.08 46.70
C PRO D 189 48.85 5.05 46.16
N LEU D 190 48.31 4.72 45.00
CA LEU D 190 47.25 5.49 44.43
C LEU D 190 46.07 4.54 44.24
N HIS D 191 44.87 5.06 44.01
CA HIS D 191 43.75 4.17 43.81
C HIS D 191 43.09 4.46 42.47
N SER D 192 42.54 3.41 41.85
CA SER D 192 41.91 3.59 40.55
C SER D 192 40.61 4.42 40.57
N ILE D 193 39.68 4.10 41.47
CA ILE D 193 38.59 5.02 41.85
C ILE D 193 38.47 4.97 43.35
N SER D 194 37.96 6.05 43.89
CA SER D 194 38.01 6.25 45.31
C SER D 194 37.15 7.44 45.64
N VAL D 195 36.82 7.53 46.91
CA VAL D 195 36.07 8.66 47.43
C VAL D 195 36.58 9.07 48.81
N ARG D 196 37.05 10.31 48.93
CA ARG D 196 37.53 10.79 50.21
C ARG D 196 37.02 12.17 50.47
N ARG D 197 36.87 12.52 51.75
CA ARG D 197 36.43 13.85 52.11
C ARG D 197 37.56 14.69 52.67
N LEU D 198 37.44 16.01 52.63
CA LEU D 198 38.37 16.91 53.32
C LEU D 198 38.11 16.84 54.80
N LYS D 199 39.07 17.25 55.61
CA LYS D 199 38.83 17.36 57.02
C LYS D 199 38.32 18.80 57.19
N GLU D 200 37.45 19.05 58.18
CA GLU D 200 37.00 20.42 58.43
C GLU D 200 38.20 21.20 58.89
N THR D 201 39.23 20.49 59.31
CA THR D 201 40.46 21.19 59.63
C THR D 201 41.26 21.55 58.37
N LYS D 202 40.75 21.18 57.21
CA LYS D 202 41.27 21.67 55.91
C LYS D 202 42.72 21.28 55.62
N ASP D 203 43.20 20.31 56.36
CA ASP D 203 44.61 20.02 56.36
C ASP D 203 44.81 18.57 56.04
N GLY D 204 43.80 17.95 55.44
CA GLY D 204 43.93 16.56 55.04
C GLY D 204 42.66 15.90 54.58
N PHE D 205 42.81 15.03 53.59
CA PHE D 205 41.72 14.18 53.15
C PHE D 205 41.69 12.89 53.98
N MET D 206 40.50 12.32 54.13
CA MET D 206 40.37 11.01 54.73
C MET D 206 39.44 10.03 53.99
N PHE D 207 39.87 8.76 53.88
CA PHE D 207 39.06 7.68 53.29
C PHE D 207 38.22 7.16 54.40
N LEU D 208 36.91 7.05 54.17
CA LEU D 208 35.99 6.76 55.28
C LEU D 208 36.01 5.32 55.77
N THR D 209 36.14 4.37 54.86
CA THR D 209 36.34 2.95 55.17
C THR D 209 37.09 2.30 54.03
N ASP D 210 37.49 1.03 54.20
CA ASP D 210 38.30 0.33 53.21
C ASP D 210 37.50 0.00 51.96
N GLN D 211 36.20 0.30 52.02
CA GLN D 211 35.30 0.12 50.90
C GLN D 211 35.19 1.38 50.04
N SER D 212 36.05 2.35 50.30
CA SER D 212 35.97 3.66 49.68
C SER D 212 36.90 3.76 48.49
N TYR D 213 37.63 2.70 48.18
CA TYR D 213 38.35 2.64 46.90
C TYR D 213 38.18 1.30 46.28
N ILE D 214 38.24 1.27 44.96
CA ILE D 214 38.33 0.04 44.20
C ILE D 214 39.59 0.11 43.36
N ASP D 215 40.47 -0.87 43.51
CA ASP D 215 41.75 -0.82 42.82
C ASP D 215 41.98 -1.96 41.83
N VAL D 216 42.46 -1.63 40.64
CA VAL D 216 43.06 -2.66 39.77
C VAL D 216 43.97 -3.57 40.60
N LEU D 217 43.82 -4.89 40.44
CA LEU D 217 44.65 -5.85 41.17
C LEU D 217 46.12 -5.67 40.82
N PRO D 218 47.00 -5.76 41.81
CA PRO D 218 48.44 -5.65 41.61
C PRO D 218 48.97 -6.38 40.36
N GLU D 219 48.41 -7.57 40.07
CA GLU D 219 48.82 -8.37 38.93
C GLU D 219 48.55 -7.72 37.57
N PHE D 220 47.43 -7.01 37.45
CA PHE D 220 47.02 -6.40 36.19
C PHE D 220 47.32 -4.91 36.09
N ARG D 221 47.80 -4.35 37.19
CA ARG D 221 48.19 -2.94 37.32
C ARG D 221 49.03 -2.42 36.15
N ASP D 222 49.63 -3.34 35.41
CA ASP D 222 50.40 -3.00 34.23
C ASP D 222 49.68 -3.56 33.00
N SER D 223 49.31 -4.85 33.07
CA SER D 223 48.75 -5.65 31.96
C SER D 223 48.18 -4.76 30.87
N TYR D 224 47.07 -4.10 31.18
CA TYR D 224 46.85 -2.74 30.68
C TYR D 224 45.74 -1.89 31.36
N PRO D 225 45.77 -0.60 31.12
CA PRO D 225 45.23 0.33 32.09
C PRO D 225 43.87 0.89 31.71
N ILE D 226 43.43 1.88 32.52
CA ILE D 226 42.11 2.48 32.47
C ILE D 226 42.18 4.00 32.36
N LYS D 227 42.06 4.55 31.15
CA LYS D 227 42.03 5.99 30.99
C LYS D 227 40.69 6.50 31.51
N TYR D 228 40.72 7.60 32.24
CA TYR D 228 39.49 8.23 32.71
C TYR D 228 39.21 9.53 31.93
N VAL D 229 38.22 9.49 31.03
CA VAL D 229 37.95 10.62 30.15
C VAL D 229 37.11 11.73 30.77
N HIS D 230 36.13 11.34 31.58
CA HIS D 230 35.18 12.30 32.09
C HIS D 230 34.48 11.74 33.32
N ALA D 231 34.08 12.64 34.20
CA ALA D 231 33.21 12.29 35.31
C ALA D 231 32.17 13.38 35.51
N PHE D 232 31.01 13.01 36.02
CA PHE D 232 29.96 13.96 36.38
C PHE D 232 28.94 13.35 37.34
N GLU D 233 28.30 14.21 38.12
CA GLU D 233 27.30 13.77 39.08
C GLU D 233 25.99 14.10 38.45
N SER D 234 25.03 13.18 38.49
CA SER D 234 23.67 13.48 38.08
C SER D 234 22.70 12.48 38.65
N ASN D 235 21.60 12.99 39.21
CA ASN D 235 20.49 12.18 39.68
C ASN D 235 20.78 11.43 40.95
N ASN D 236 21.84 11.85 41.65
CA ASN D 236 22.28 11.19 42.87
C ASN D 236 23.23 9.98 42.70
N PHE D 237 23.67 9.75 41.47
CA PHE D 237 24.84 8.92 41.23
C PHE D 237 26.06 9.73 40.74
N ILE D 238 27.23 9.14 40.87
CA ILE D 238 28.40 9.69 40.25
C ILE D 238 28.68 8.80 39.06
N TYR D 239 29.05 9.43 37.94
CA TYR D 239 29.36 8.69 36.73
C TYR D 239 30.80 8.94 36.30
N PHE D 240 31.49 7.86 35.91
CA PHE D 240 32.74 8.04 35.22
C PHE D 240 32.71 7.49 33.80
N LEU D 241 33.39 8.18 32.91
CA LEU D 241 33.57 7.71 31.55
C LEU D 241 35.00 7.23 31.32
N THR D 242 35.13 6.13 30.60
CA THR D 242 36.34 5.34 30.70
C THR D 242 36.73 4.59 29.43
N VAL D 243 38.03 4.38 29.25
CA VAL D 243 38.53 3.63 28.09
C VAL D 243 39.48 2.54 28.55
N GLN D 244 39.11 1.28 28.30
CA GLN D 244 39.80 0.13 28.89
C GLN D 244 39.34 -1.22 28.39
N ARG D 245 40.29 -2.01 27.90
CA ARG D 245 40.31 -3.50 27.92
C ARG D 245 38.97 -4.21 27.84
N GLU D 246 38.46 -4.45 26.63
CA GLU D 246 37.17 -5.14 26.50
C GLU D 246 37.11 -6.27 27.52
N THR D 247 38.24 -6.97 27.66
CA THR D 247 38.54 -7.84 28.79
C THR D 247 40.05 -7.82 29.03
N LEU D 248 40.49 -8.34 30.17
CA LEU D 248 41.90 -8.30 30.54
C LEU D 248 42.70 -9.22 29.63
N ASP D 249 44.00 -8.93 29.50
CA ASP D 249 44.86 -9.45 28.41
C ASP D 249 44.14 -9.73 27.09
N ALA D 250 43.04 -9.02 26.86
CA ALA D 250 42.20 -9.23 25.69
C ALA D 250 42.31 -8.11 24.66
N GLN D 251 43.48 -8.00 24.05
CA GLN D 251 43.73 -7.26 22.80
C GLN D 251 43.00 -5.92 22.54
N THR D 252 41.67 -5.96 22.42
CA THR D 252 40.86 -4.86 21.90
C THR D 252 40.26 -3.93 22.98
N PHE D 253 40.18 -2.64 22.64
CA PHE D 253 39.69 -1.60 23.57
C PHE D 253 38.25 -1.14 23.31
N HIS D 254 37.80 -0.13 24.07
CA HIS D 254 36.48 -0.19 24.68
C HIS D 254 36.18 1.03 25.57
N THR D 255 34.95 1.53 25.51
CA THR D 255 34.51 2.61 26.41
C THR D 255 33.42 2.09 27.36
N ARG D 256 33.53 2.37 28.65
CA ARG D 256 32.43 2.07 29.56
C ARG D 256 31.91 3.29 30.32
N ILE D 257 30.71 3.15 30.91
CA ILE D 257 30.31 4.01 32.02
C ILE D 257 30.61 3.27 33.32
N ILE D 258 30.93 4.06 34.33
CA ILE D 258 31.02 3.58 35.69
C ILE D 258 30.05 4.40 36.48
N ARG D 259 29.25 3.74 37.31
CA ARG D 259 28.26 4.45 38.08
C ARG D 259 28.27 3.91 39.50
N PHE D 260 28.15 4.81 40.48
CA PHE D 260 28.01 4.41 41.88
C PHE D 260 27.30 5.46 42.69
N CYS D 261 26.74 5.02 43.81
CA CYS D 261 25.96 5.87 44.68
C CYS D 261 26.84 6.94 45.25
N SER D 262 26.30 8.15 45.29
CA SER D 262 26.97 9.35 45.78
C SER D 262 27.13 9.35 47.33
N ILE D 263 28.13 8.63 47.84
CA ILE D 263 28.31 8.61 49.28
C ILE D 263 29.77 8.67 49.77
N ASN D 264 29.98 9.58 50.72
CA ASN D 264 31.14 9.61 51.61
C ASN D 264 31.63 8.25 52.03
N SER D 265 30.66 7.51 52.58
CA SER D 265 30.89 6.29 53.35
C SER D 265 31.61 5.22 52.55
N GLY D 266 31.66 5.40 51.24
CA GLY D 266 32.27 4.44 50.35
C GLY D 266 31.58 4.35 49.01
N LEU D 267 32.20 3.62 48.10
CA LEU D 267 31.62 3.41 46.79
C LEU D 267 30.59 2.34 46.94
N HIS D 268 29.34 2.66 46.60
CA HIS D 268 28.28 1.70 46.91
C HIS D 268 27.70 0.85 45.79
N SER D 269 26.88 1.39 44.90
CA SER D 269 26.33 0.45 43.94
C SER D 269 27.11 0.41 42.63
N TYR D 270 28.35 -0.06 42.74
CA TYR D 270 29.32 0.07 41.67
C TYR D 270 29.09 -0.89 40.51
N MET D 271 29.12 -0.37 39.28
CA MET D 271 28.89 -1.18 38.08
C MET D 271 29.50 -0.47 36.89
N GLU D 272 30.24 -1.19 36.07
CA GLU D 272 30.73 -0.61 34.83
C GLU D 272 29.97 -1.24 33.68
N MET D 273 29.38 -0.42 32.82
CA MET D 273 28.69 -0.96 31.67
C MET D 273 29.23 -0.35 30.39
N PRO D 274 29.67 -1.21 29.47
CA PRO D 274 30.15 -0.80 28.14
C PRO D 274 29.20 0.07 27.33
N LEU D 275 29.77 0.94 26.49
CA LEU D 275 29.04 1.85 25.60
C LEU D 275 29.54 1.69 24.15
N GLU D 276 28.61 1.71 23.19
CA GLU D 276 28.93 1.50 21.78
C GLU D 276 28.40 2.64 20.93
N CYS D 277 29.27 3.29 20.16
CA CYS D 277 28.82 4.19 19.10
C CYS D 277 29.04 3.54 17.75
N ILE D 278 28.02 3.56 16.90
CA ILE D 278 28.10 2.92 15.58
C ILE D 278 27.64 3.82 14.41
N LEU D 279 28.16 3.51 13.22
CA LEU D 279 27.88 4.25 11.99
C LEU D 279 26.59 3.83 11.26
N THR D 280 26.30 2.52 11.24
CA THR D 280 25.13 1.94 10.56
C THR D 280 25.14 2.17 9.05
N LYS D 290 28.37 -3.89 11.79
CA LYS D 290 28.50 -2.77 12.73
C LYS D 290 29.86 -2.10 12.62
N GLU D 291 29.87 -0.79 12.39
CA GLU D 291 31.08 0.00 12.43
C GLU D 291 31.16 0.81 13.74
N VAL D 292 31.95 0.32 14.70
CA VAL D 292 31.92 0.80 16.07
C VAL D 292 33.03 1.79 16.44
N PHE D 293 32.68 2.78 17.25
CA PHE D 293 33.62 3.79 17.70
C PHE D 293 33.89 3.63 19.19
N ASN D 294 34.91 2.83 19.46
CA ASN D 294 35.12 2.26 20.77
C ASN D 294 35.96 3.13 21.69
N ILE D 295 36.50 4.22 21.15
CA ILE D 295 37.32 5.12 21.96
C ILE D 295 36.72 6.53 22.12
N LEU D 296 36.02 6.71 23.24
CA LEU D 296 35.49 7.99 23.64
C LEU D 296 36.62 8.99 23.81
N GLN D 297 36.41 10.18 23.24
CA GLN D 297 37.45 11.20 23.09
C GLN D 297 37.21 12.39 23.99
N ALA D 298 35.94 12.73 24.13
CA ALA D 298 35.52 13.82 24.99
C ALA D 298 34.03 13.62 25.17
N ALA D 299 33.44 14.38 26.11
CA ALA D 299 32.02 14.28 26.41
C ALA D 299 31.56 15.46 27.23
N TYR D 300 30.36 15.94 26.93
CA TYR D 300 29.68 16.96 27.72
C TYR D 300 28.30 16.43 28.10
N VAL D 301 27.74 16.97 29.18
CA VAL D 301 26.43 16.56 29.68
C VAL D 301 25.54 17.78 29.81
N SER D 302 24.38 17.75 29.19
CA SER D 302 23.51 18.92 29.18
C SER D 302 22.09 18.48 28.96
N LYS D 303 21.19 19.46 29.02
CA LYS D 303 19.80 19.19 28.75
C LYS D 303 19.64 19.31 27.25
N PRO D 304 18.60 18.70 26.66
CA PRO D 304 18.33 18.87 25.23
C PRO D 304 17.40 20.06 24.93
N GLY D 305 17.36 20.46 23.66
CA GLY D 305 16.32 21.34 23.15
C GLY D 305 15.18 20.51 22.59
N ALA D 306 14.03 21.12 22.39
CA ALA D 306 12.84 20.38 21.99
C ALA D 306 13.02 19.47 20.77
N GLN D 307 13.66 19.98 19.71
CA GLN D 307 13.81 19.21 18.47
C GLN D 307 14.53 17.91 18.74
N LEU D 308 15.75 18.01 19.27
CA LEU D 308 16.48 16.82 19.65
C LEU D 308 15.70 16.00 20.65
N ALA D 309 15.07 16.67 21.62
CA ALA D 309 14.36 15.99 22.68
C ALA D 309 13.41 14.99 22.06
N ARG D 310 12.34 15.49 21.44
CA ARG D 310 11.39 14.68 20.68
C ARG D 310 12.04 13.43 20.10
N GLN D 311 13.17 13.62 19.43
CA GLN D 311 13.84 12.56 18.66
C GLN D 311 14.49 11.41 19.44
N ILE D 312 15.10 11.68 20.58
CA ILE D 312 15.92 10.67 21.26
C ILE D 312 15.30 10.05 22.51
N GLY D 313 14.06 10.40 22.83
CA GLY D 313 13.47 9.94 24.07
C GLY D 313 13.12 11.06 25.03
N ALA D 314 13.55 12.28 24.68
CA ALA D 314 12.94 13.53 25.15
C ALA D 314 13.08 13.84 26.63
N SER D 315 12.10 14.61 27.13
CA SER D 315 12.11 15.26 28.43
C SER D 315 12.96 16.54 28.41
N LEU D 316 12.28 17.65 28.14
CA LEU D 316 12.87 18.98 28.06
C LEU D 316 13.94 19.22 29.13
N ASN D 317 13.71 18.63 30.30
CA ASN D 317 14.52 18.81 31.47
C ASN D 317 15.26 17.51 31.85
N ASP D 318 15.94 16.92 30.89
CA ASP D 318 16.68 15.69 31.12
C ASP D 318 18.18 15.79 30.81
N ASP D 319 19.00 15.10 31.58
CA ASP D 319 20.43 15.07 31.33
C ASP D 319 20.80 14.08 30.22
N ILE D 320 21.54 14.56 29.23
CA ILE D 320 22.05 13.70 28.18
C ILE D 320 23.55 13.78 28.09
N LEU D 321 24.17 12.63 27.90
CA LEU D 321 25.59 12.53 27.73
C LEU D 321 25.91 12.57 26.23
N PHE D 322 26.41 13.72 25.78
CA PHE D 322 26.92 13.82 24.43
C PHE D 322 28.36 13.35 24.45
N GLY D 323 28.64 12.32 23.66
CA GLY D 323 29.97 11.74 23.63
C GLY D 323 30.59 11.68 22.24
N VAL D 324 31.73 12.33 22.09
CA VAL D 324 32.41 12.32 20.81
C VAL D 324 33.41 11.16 20.79
N PHE D 325 33.14 10.15 19.97
CA PHE D 325 33.90 8.89 19.96
C PHE D 325 34.86 8.79 18.79
N ALA D 326 35.45 7.61 18.61
CA ALA D 326 36.47 7.39 17.59
C ALA D 326 36.80 5.89 17.40
N GLN D 327 37.25 5.53 16.22
CA GLN D 327 37.57 4.15 15.88
C GLN D 327 39.03 3.80 16.21
N SER D 328 39.20 2.61 16.79
CA SER D 328 40.48 2.11 17.21
C SER D 328 41.32 1.66 16.04
N LYS D 329 42.62 1.97 16.11
CA LYS D 329 43.61 1.30 15.28
C LYS D 329 43.63 -0.15 15.77
N PRO D 330 43.49 -1.12 14.87
CA PRO D 330 43.25 -2.51 15.28
C PRO D 330 44.26 -3.02 16.30
N ASP D 331 43.72 -3.70 17.33
CA ASP D 331 44.48 -4.23 18.48
C ASP D 331 45.05 -3.16 19.40
N SER D 332 44.52 -1.94 19.32
CA SER D 332 45.05 -0.83 20.11
C SER D 332 44.00 0.03 20.83
N ALA D 333 44.48 1.10 21.45
CA ALA D 333 43.66 2.04 22.21
C ALA D 333 43.82 3.46 21.64
N GLU D 334 44.86 3.63 20.83
CA GLU D 334 45.10 4.85 20.08
C GLU D 334 44.02 5.02 19.00
N PRO D 335 43.59 6.25 18.77
CA PRO D 335 42.51 6.53 17.83
C PRO D 335 43.00 6.92 16.44
N MET D 336 42.30 6.41 15.43
CA MET D 336 42.48 6.84 14.05
C MET D 336 41.67 8.10 13.79
N ASP D 337 41.88 8.77 12.65
CA ASP D 337 41.16 10.00 12.35
C ASP D 337 39.71 9.76 11.89
N ARG D 338 38.99 8.89 12.59
CA ARG D 338 37.61 8.58 12.27
C ARG D 338 36.71 8.91 13.46
N SER D 339 35.77 9.83 13.27
CA SER D 339 34.92 10.21 14.39
C SER D 339 33.43 10.08 14.15
N ALA D 340 32.71 9.99 15.24
CA ALA D 340 31.25 9.97 15.27
C ALA D 340 30.85 10.38 16.67
N MET D 341 29.83 11.22 16.80
CA MET D 341 29.32 11.56 18.12
C MET D 341 27.94 10.97 18.28
N CYS D 342 27.62 10.53 19.50
CA CYS D 342 26.27 10.05 19.79
C CYS D 342 25.91 10.18 21.27
N ALA D 343 24.61 10.34 21.53
CA ALA D 343 24.12 10.89 22.79
C ALA D 343 23.29 9.92 23.61
N PHE D 344 23.64 9.79 24.89
CA PHE D 344 22.94 8.88 25.79
C PHE D 344 22.25 9.67 26.87
N PRO D 345 20.93 9.62 26.95
CA PRO D 345 20.24 10.24 28.09
C PRO D 345 20.52 9.39 29.33
N ILE D 346 20.94 10.04 30.41
CA ILE D 346 21.36 9.27 31.57
C ILE D 346 20.17 8.51 32.15
N LYS D 347 18.96 8.99 31.85
CA LYS D 347 17.76 8.31 32.33
C LYS D 347 17.72 6.88 31.77
N TYR D 348 18.15 6.69 30.53
CA TYR D 348 18.19 5.35 29.92
C TYR D 348 19.39 4.55 30.38
N VAL D 349 20.54 5.20 30.48
CA VAL D 349 21.71 4.61 31.11
C VAL D 349 21.31 3.88 32.40
N ASN D 350 20.62 4.58 33.31
CA ASN D 350 20.13 3.98 34.55
C ASN D 350 19.24 2.78 34.32
N ASP D 351 18.29 2.90 33.40
CA ASP D 351 17.40 1.79 33.11
C ASP D 351 18.24 0.57 32.78
N PHE D 352 19.16 0.73 31.84
CA PHE D 352 20.07 -0.33 31.45
C PHE D 352 20.87 -0.89 32.61
N PHE D 353 21.18 -0.04 33.58
CA PHE D 353 21.89 -0.44 34.79
C PHE D 353 20.96 -1.19 35.74
N ASN D 354 19.73 -0.69 35.90
CA ASN D 354 18.79 -1.20 36.89
C ASN D 354 18.11 -2.51 36.48
N LYS D 355 17.58 -2.54 35.26
CA LYS D 355 16.69 -3.62 34.83
C LYS D 355 17.25 -5.06 34.92
N ILE D 356 16.38 -6.05 35.07
CA ILE D 356 16.89 -7.42 35.15
C ILE D 356 18.39 -7.43 35.36
N ASN D 361 23.66 -12.93 32.11
CA ASN D 361 23.18 -11.56 32.32
C ASN D 361 24.30 -10.60 32.75
N VAL D 362 24.81 -10.78 33.97
CA VAL D 362 25.74 -9.85 34.58
C VAL D 362 27.03 -10.55 35.02
N ARG D 363 28.17 -10.03 34.59
CA ARG D 363 29.47 -10.59 34.97
C ARG D 363 29.94 -10.05 36.33
N CYS D 364 31.21 -10.26 36.64
CA CYS D 364 31.80 -9.77 37.88
C CYS D 364 33.13 -9.07 37.58
N LEU D 365 33.49 -8.11 38.42
CA LEU D 365 34.55 -7.15 38.12
C LEU D 365 35.94 -7.75 37.98
N GLN D 366 36.26 -8.19 36.78
CA GLN D 366 37.44 -9.01 36.52
C GLN D 366 38.78 -8.40 36.96
N HIS D 367 38.87 -7.08 36.97
CA HIS D 367 40.12 -6.40 37.26
C HIS D 367 40.31 -6.05 38.76
N PHE D 368 39.28 -6.26 39.56
CA PHE D 368 39.27 -5.87 40.97
C PHE D 368 39.20 -7.08 41.89
N TYR D 369 38.31 -8.00 41.55
CA TYR D 369 38.26 -9.33 42.12
C TYR D 369 39.22 -10.14 41.28
N GLY D 370 39.47 -11.39 41.66
CA GLY D 370 40.11 -12.31 40.74
C GLY D 370 39.11 -12.59 39.62
N PRO D 371 39.59 -13.17 38.51
CA PRO D 371 38.67 -13.86 37.59
C PRO D 371 38.15 -15.11 38.31
N ASN D 372 38.93 -15.58 39.28
CA ASN D 372 38.54 -16.73 40.10
C ASN D 372 38.26 -16.32 41.54
N HIS D 373 38.10 -17.35 42.40
CA HIS D 373 37.72 -17.20 43.82
C HIS D 373 36.32 -16.62 44.05
N GLU D 374 35.89 -16.64 45.32
CA GLU D 374 34.53 -16.29 45.74
C GLU D 374 34.00 -14.96 45.20
N HIS D 375 32.74 -14.68 45.49
CA HIS D 375 32.01 -13.52 44.95
C HIS D 375 31.77 -13.69 43.45
N CYS D 376 32.82 -14.05 42.71
CA CYS D 376 32.76 -14.23 41.27
C CYS D 376 32.08 -15.53 40.87
N PHE D 377 32.11 -16.53 41.75
CA PHE D 377 31.40 -17.78 41.54
C PHE D 377 30.20 -17.86 42.52
N ASN D 378 29.43 -16.77 42.56
CA ASN D 378 28.36 -16.61 43.56
C ASN D 378 27.00 -16.10 43.03
N ARG D 379 26.65 -14.87 43.40
CA ARG D 379 25.29 -14.29 43.26
C ARG D 379 24.22 -15.16 43.91
N ASP D 393 26.97 -1.61 47.76
CA ASP D 393 27.59 -1.92 49.04
C ASP D 393 28.64 -3.04 48.88
N GLU D 394 28.18 -4.26 48.60
CA GLU D 394 29.00 -5.47 48.74
C GLU D 394 29.61 -5.99 47.44
N TYR D 395 28.81 -6.08 46.39
CA TYR D 395 29.26 -6.64 45.10
C TYR D 395 29.54 -5.59 44.02
N ARG D 396 30.38 -5.95 43.07
CA ARG D 396 30.91 -5.04 42.07
C ARG D 396 30.76 -5.64 40.68
N THR D 397 29.82 -5.09 39.92
CA THR D 397 29.27 -5.77 38.73
C THR D 397 29.66 -5.17 37.38
N GLU D 398 30.32 -6.01 36.57
CA GLU D 398 30.55 -5.72 35.16
C GLU D 398 29.32 -6.14 34.36
N PHE D 399 29.10 -5.52 33.20
CA PHE D 399 28.02 -5.88 32.31
C PHE D 399 28.63 -6.47 31.05
N THR D 400 27.92 -7.41 30.45
CA THR D 400 28.46 -8.17 29.33
C THR D 400 28.08 -7.61 27.97
N THR D 401 27.03 -6.77 27.93
CA THR D 401 26.60 -6.12 26.69
C THR D 401 26.54 -4.60 26.82
N ALA D 402 26.86 -3.92 25.72
CA ALA D 402 26.87 -2.46 25.67
C ALA D 402 25.47 -1.88 25.47
N LEU D 403 25.34 -0.61 25.80
CA LEU D 403 24.19 0.18 25.42
C LEU D 403 24.65 0.89 24.15
N GLN D 404 24.03 0.54 23.03
CA GLN D 404 24.44 1.14 21.77
C GLN D 404 23.49 2.21 21.28
N ARG D 405 24.07 3.19 20.58
CA ARG D 405 23.36 4.27 19.94
C ARG D 405 24.13 4.61 18.67
N VAL D 406 23.44 5.25 17.74
CA VAL D 406 23.98 5.54 16.42
C VAL D 406 24.54 6.95 16.31
N ASP D 407 25.51 7.13 15.41
CA ASP D 407 26.05 8.45 15.11
C ASP D 407 24.91 9.42 14.77
N LEU D 408 24.98 10.59 15.37
CA LEU D 408 23.97 11.61 15.17
C LEU D 408 24.37 12.51 14.01
N PHE D 409 25.61 12.34 13.57
CA PHE D 409 26.15 13.12 12.47
C PHE D 409 26.13 12.17 11.28
N MET D 410 25.95 10.88 11.58
CA MET D 410 25.85 9.83 10.56
C MET D 410 27.02 9.81 9.53
N GLY D 411 28.22 9.95 10.07
CA GLY D 411 29.41 10.03 9.25
C GLY D 411 29.94 11.37 8.79
N GLN D 412 29.15 12.43 8.99
CA GLN D 412 29.56 13.80 8.69
C GLN D 412 31.02 14.05 9.08
N PHE D 413 31.51 13.25 10.02
CA PHE D 413 32.81 13.47 10.63
C PHE D 413 33.68 12.22 10.66
N SER D 414 33.42 11.32 9.73
CA SER D 414 34.08 10.01 9.74
C SER D 414 35.47 10.02 9.10
N GLU D 415 35.99 11.20 8.82
CA GLU D 415 37.34 11.33 8.27
C GLU D 415 38.28 12.23 9.08
N VAL D 416 37.74 12.85 10.15
CA VAL D 416 38.49 13.69 11.10
C VAL D 416 38.37 13.17 12.53
N LEU D 417 39.32 13.57 13.39
CA LEU D 417 39.35 13.17 14.81
C LEU D 417 38.84 14.25 15.77
N LEU D 418 37.54 14.18 16.08
CA LEU D 418 36.90 15.09 17.02
C LEU D 418 37.48 14.88 18.40
N THR D 419 37.94 15.96 19.02
CA THR D 419 38.70 15.85 20.25
C THR D 419 38.06 16.63 21.36
N SER D 420 36.99 17.34 21.03
CA SER D 420 36.29 18.13 22.02
C SER D 420 34.83 18.44 21.67
N ILE D 421 33.92 18.25 22.62
CA ILE D 421 32.51 18.57 22.41
C ILE D 421 31.92 19.34 23.59
N SER D 422 30.93 20.15 23.26
CA SER D 422 30.22 20.98 24.21
C SER D 422 28.84 21.21 23.55
N THR D 423 27.84 21.66 24.30
CA THR D 423 26.47 21.63 23.80
C THR D 423 25.56 22.76 24.32
N PHE D 424 24.71 23.30 23.46
CA PHE D 424 23.75 24.30 23.93
C PHE D 424 22.46 24.36 23.16
N ILE D 425 21.47 24.98 23.80
CA ILE D 425 20.13 25.13 23.24
C ILE D 425 20.00 26.53 22.66
N LYS D 426 19.46 26.63 21.47
CA LYS D 426 18.93 27.90 20.95
C LYS D 426 17.48 27.64 20.54
N GLY D 427 16.55 28.20 21.31
CA GLY D 427 15.15 27.94 21.12
C GLY D 427 14.80 26.46 21.08
N ASP D 428 14.64 25.93 19.87
CA ASP D 428 14.31 24.53 19.70
C ASP D 428 15.53 23.74 19.33
N LEU D 429 16.59 24.46 18.98
CA LEU D 429 17.76 23.82 18.43
C LEU D 429 18.72 23.38 19.51
N THR D 430 19.37 22.24 19.26
CA THR D 430 20.48 21.78 20.09
C THR D 430 21.78 21.90 19.29
N ILE D 431 22.76 22.62 19.86
CA ILE D 431 24.01 22.88 19.14
C ILE D 431 25.30 22.34 19.78
N ALA D 432 25.99 21.49 19.02
CA ALA D 432 27.32 21.02 19.38
C ALA D 432 28.37 22.09 19.10
N ASN D 433 29.34 22.21 20.00
CA ASN D 433 30.56 22.95 19.75
C ASN D 433 31.69 21.95 19.57
N LEU D 434 32.21 21.82 18.37
CA LEU D 434 33.16 20.75 18.11
C LEU D 434 34.59 21.23 17.93
N GLY D 435 35.54 20.33 18.23
CA GLY D 435 36.96 20.60 18.14
C GLY D 435 37.70 19.39 17.58
N THR D 436 38.84 19.65 16.96
CA THR D 436 39.49 18.69 16.06
C THR D 436 40.99 18.66 16.28
N SER D 437 41.62 17.52 15.98
CA SER D 437 43.07 17.40 16.07
C SER D 437 43.81 18.35 15.11
N GLU D 438 43.16 18.71 14.01
CA GLU D 438 43.76 19.61 13.02
C GLU D 438 43.69 21.07 13.51
N GLY D 439 42.89 21.33 14.53
CA GLY D 439 42.76 22.66 15.10
C GLY D 439 41.43 23.32 14.77
N ARG D 440 40.57 22.61 14.03
CA ARG D 440 39.34 23.21 13.57
C ARG D 440 38.27 23.23 14.66
N PHE D 441 37.64 24.40 14.84
CA PHE D 441 36.51 24.55 15.74
C PHE D 441 35.24 24.79 14.96
N MET D 442 34.17 24.10 15.30
CA MET D 442 32.93 24.26 14.51
C MET D 442 31.62 24.02 15.25
N GLN D 443 30.65 24.88 14.98
CA GLN D 443 29.32 24.79 15.57
C GLN D 443 28.35 24.05 14.64
N VAL D 444 27.81 22.91 15.11
CA VAL D 444 26.80 22.14 14.37
C VAL D 444 25.47 22.05 15.10
N VAL D 445 24.41 21.83 14.33
CA VAL D 445 23.08 21.52 14.87
C VAL D 445 22.90 20.00 14.98
N VAL D 446 22.42 19.56 16.13
CA VAL D 446 22.24 18.15 16.42
C VAL D 446 20.85 17.68 15.99
N SER D 447 20.81 16.64 15.16
CA SER D 447 19.53 16.08 14.70
C SER D 447 19.65 14.69 14.08
N ARG D 448 18.59 13.89 14.26
CA ARG D 448 18.43 12.64 13.55
C ARG D 448 17.86 12.99 12.19
N SER D 449 16.68 13.59 12.22
CA SER D 449 15.99 14.11 11.04
C SER D 449 16.68 15.37 10.56
N GLY D 450 17.55 15.22 9.56
CA GLY D 450 18.39 16.32 9.10
C GLY D 450 19.85 15.98 9.35
N PRO D 451 20.65 15.92 8.28
CA PRO D 451 22.06 15.52 8.38
C PRO D 451 22.97 16.74 8.41
N SER D 452 22.68 17.66 9.32
CA SER D 452 23.15 19.05 9.21
C SER D 452 24.66 19.26 9.08
N THR D 453 24.98 20.31 8.32
CA THR D 453 26.34 20.73 8.07
C THR D 453 26.60 21.97 8.90
N PRO D 454 27.83 22.10 9.39
CA PRO D 454 28.17 23.11 10.39
C PRO D 454 28.04 24.50 9.83
N HIS D 455 27.45 25.40 10.60
CA HIS D 455 27.33 26.79 10.18
C HIS D 455 28.53 27.63 10.62
N VAL D 456 29.34 27.08 11.52
CA VAL D 456 30.62 27.68 11.85
C VAL D 456 31.74 26.63 11.69
N ASN D 457 32.82 27.01 11.02
CA ASN D 457 33.92 26.10 10.72
C ASN D 457 35.18 26.88 10.39
N PHE D 458 36.23 26.68 11.19
CA PHE D 458 37.46 27.45 11.05
C PHE D 458 38.63 26.99 11.92
N LEU D 459 39.80 27.60 11.68
CA LEU D 459 41.03 27.24 12.34
C LEU D 459 41.29 28.04 13.62
N LEU D 460 41.36 27.31 14.73
CA LEU D 460 42.01 27.80 15.94
C LEU D 460 43.47 27.33 15.91
N ASP D 461 44.31 27.89 16.77
CA ASP D 461 45.76 27.66 16.71
C ASP D 461 46.16 26.22 16.40
N SER D 462 47.01 26.06 15.39
CA SER D 462 47.41 24.77 14.84
C SER D 462 47.50 23.58 15.81
N HIS D 463 47.65 23.85 17.10
CA HIS D 463 47.64 22.80 18.10
C HIS D 463 46.21 22.26 18.29
N PRO D 464 46.06 20.96 18.54
CA PRO D 464 44.72 20.34 18.59
C PRO D 464 43.78 21.04 19.57
N VAL D 465 42.50 20.70 19.52
CA VAL D 465 41.52 21.26 20.45
C VAL D 465 41.40 20.37 21.69
N SER D 466 41.36 21.01 22.86
CA SER D 466 41.41 20.29 24.12
C SER D 466 40.01 19.92 24.59
N PRO D 467 39.87 18.73 25.17
CA PRO D 467 38.58 18.22 25.64
C PRO D 467 38.09 19.00 26.85
N GLU D 468 39.02 19.64 27.58
CA GLU D 468 38.68 20.49 28.70
C GLU D 468 38.04 21.78 28.18
N VAL D 469 36.76 21.98 28.49
CA VAL D 469 36.01 23.11 27.93
C VAL D 469 35.07 23.76 28.94
N ILE D 470 34.81 25.06 28.75
CA ILE D 470 33.82 25.76 29.59
C ILE D 470 32.70 26.42 28.76
N VAL D 471 31.46 26.22 29.20
CA VAL D 471 30.34 26.96 28.63
C VAL D 471 29.69 27.80 29.70
N GLU D 472 29.45 29.08 29.43
CA GLU D 472 28.74 29.86 30.41
C GLU D 472 27.70 30.73 29.79
N HIS D 473 26.48 30.57 30.27
CA HIS D 473 25.35 31.29 29.74
C HIS D 473 25.19 32.66 30.38
N THR D 474 24.49 33.52 29.67
CA THR D 474 24.12 34.82 30.19
C THR D 474 22.68 35.06 29.78
N LEU D 475 22.00 35.95 30.49
CA LEU D 475 20.56 36.18 30.31
C LEU D 475 20.17 36.32 28.83
N ASN D 476 19.04 35.69 28.47
CA ASN D 476 18.44 35.72 27.13
C ASN D 476 19.03 34.70 26.13
N GLN D 477 19.73 33.69 26.66
CA GLN D 477 20.18 32.52 25.87
C GLN D 477 21.42 32.70 24.98
N ASN D 478 22.29 33.66 25.28
CA ASN D 478 23.65 33.64 24.73
C ASN D 478 24.71 33.20 25.76
N GLY D 479 25.93 33.72 25.63
CA GLY D 479 27.07 33.28 26.44
C GLY D 479 28.26 32.92 25.57
N TYR D 480 29.19 32.14 26.09
CA TYR D 480 30.43 31.84 25.39
C TYR D 480 31.02 30.51 25.80
N THR D 481 31.89 29.95 24.96
CA THR D 481 32.69 28.80 25.33
C THR D 481 34.09 29.28 25.45
N LEU D 482 34.80 28.76 26.45
CA LEU D 482 36.23 28.95 26.54
C LEU D 482 36.87 27.69 26.00
N VAL D 483 37.80 27.87 25.08
CA VAL D 483 38.34 26.77 24.30
C VAL D 483 39.86 26.80 24.19
N ILE D 484 40.47 25.78 24.82
CA ILE D 484 41.93 25.61 24.94
C ILE D 484 42.56 24.91 23.74
N THR D 485 43.64 25.50 23.23
CA THR D 485 44.31 25.02 22.05
C THR D 485 45.80 25.12 22.31
N GLY D 486 46.49 23.99 22.40
CA GLY D 486 47.88 23.99 22.83
C GLY D 486 48.06 24.74 24.15
N LYS D 487 48.49 26.00 24.04
CA LYS D 487 48.59 26.88 25.20
C LYS D 487 47.89 28.23 25.00
N LYS D 488 46.73 28.21 24.34
CA LYS D 488 45.93 29.40 24.13
C LYS D 488 44.45 29.16 24.43
N ILE D 489 43.85 30.05 25.21
CA ILE D 489 42.43 29.95 25.50
C ILE D 489 41.65 31.06 24.79
N THR D 490 40.58 30.67 24.12
CA THR D 490 39.86 31.55 23.22
C THR D 490 38.42 31.64 23.68
N LYS D 491 37.81 32.81 23.56
CA LYS D 491 36.45 33.02 24.08
C LYS D 491 35.44 33.11 22.96
N ILE D 492 35.12 31.96 22.40
CA ILE D 492 34.17 31.88 21.28
C ILE D 492 32.73 32.06 21.75
N PRO D 493 32.09 33.14 21.31
CA PRO D 493 30.67 33.38 21.59
C PRO D 493 29.82 32.25 21.09
N LEU D 494 28.78 31.88 21.81
CA LEU D 494 27.89 30.81 21.38
C LEU D 494 27.08 31.14 20.13
N ASN D 495 26.88 32.43 19.84
CA ASN D 495 25.78 32.81 18.96
C ASN D 495 26.01 33.62 17.68
N GLY D 496 26.60 34.81 17.81
CA GLY D 496 26.69 35.70 16.67
C GLY D 496 27.49 35.19 15.47
N LEU D 497 28.39 34.24 15.74
CA LEU D 497 29.53 33.95 14.89
C LEU D 497 29.20 33.52 13.46
N GLY D 498 30.83 39.80 13.49
CA GLY D 498 29.77 38.99 14.07
C GLY D 498 28.72 38.63 13.05
N CYS D 499 27.72 39.49 12.91
CA CYS D 499 26.67 39.33 11.91
C CYS D 499 27.21 39.64 10.52
N ARG D 500 28.36 40.31 10.50
CA ARG D 500 29.01 40.76 9.28
C ARG D 500 29.98 39.71 8.72
N HIS D 501 29.93 38.51 9.28
CA HIS D 501 30.70 37.39 8.73
C HIS D 501 30.24 36.99 7.33
N PHE D 502 28.92 36.95 7.15
CA PHE D 502 28.35 36.44 5.92
C PHE D 502 28.54 37.44 4.79
N GLN D 503 28.94 36.93 3.62
CA GLN D 503 29.37 37.81 2.54
C GLN D 503 28.40 37.83 1.38
N SER D 504 27.69 36.73 1.16
CA SER D 504 26.68 36.69 0.10
C SER D 504 25.28 36.85 0.69
N CYS D 505 24.35 37.29 -0.14
CA CYS D 505 22.96 37.51 0.28
C CYS D 505 22.30 36.22 0.74
N SER D 506 22.62 35.12 0.06
CA SER D 506 22.04 33.82 0.39
C SER D 506 22.54 33.29 1.73
N GLN D 507 23.85 33.42 1.94
CA GLN D 507 24.45 32.98 3.19
C GLN D 507 23.93 33.83 4.35
N CYS D 508 23.65 35.10 4.05
CA CYS D 508 23.17 36.04 5.04
C CYS D 508 21.79 35.66 5.56
N LEU D 509 20.90 35.28 4.66
CA LEU D 509 19.54 34.92 5.04
C LEU D 509 19.48 33.47 5.53
N SER D 510 20.58 32.75 5.36
CA SER D 510 20.72 31.39 5.88
C SER D 510 21.29 31.42 7.30
N ALA D 511 21.67 32.61 7.75
CA ALA D 511 22.26 32.79 9.07
C ALA D 511 21.25 32.39 10.14
N PRO D 512 21.75 31.89 11.28
CA PRO D 512 20.85 31.43 12.34
C PRO D 512 19.94 32.56 12.81
N PRO D 513 18.68 32.23 13.12
CA PRO D 513 17.65 33.24 13.42
C PRO D 513 18.02 34.19 14.55
N PHE D 514 18.75 33.71 15.56
CA PHE D 514 19.04 34.52 16.73
C PHE D 514 19.94 35.72 16.43
N VAL D 515 20.76 35.62 15.39
CA VAL D 515 21.65 36.71 15.03
C VAL D 515 20.85 37.88 14.45
N GLN D 516 19.66 37.55 13.93
CA GLN D 516 18.70 38.51 13.37
C GLN D 516 19.36 39.29 12.24
N CYS D 517 19.83 38.58 11.23
CA CYS D 517 20.56 39.21 10.13
C CYS D 517 19.67 39.49 8.92
N GLY D 518 20.03 40.55 8.19
CA GLY D 518 19.37 40.88 6.95
C GLY D 518 20.39 41.39 5.95
N TRP D 519 19.96 41.57 4.70
CA TRP D 519 20.88 41.97 3.65
C TRP D 519 20.63 43.41 3.23
N CYS D 520 21.69 44.21 3.27
CA CYS D 520 21.60 45.65 3.02
C CYS D 520 22.40 46.00 1.76
N HIS D 521 21.84 45.62 0.62
CA HIS D 521 22.47 45.84 -0.69
C HIS D 521 23.76 45.04 -0.83
N ASP D 522 24.77 45.37 -0.03
CA ASP D 522 26.07 44.73 -0.21
C ASP D 522 26.69 44.15 1.06
N LYS D 523 25.93 44.14 2.15
CA LYS D 523 26.46 43.62 3.41
C LYS D 523 25.41 42.88 4.22
N CYS D 524 25.85 41.84 4.93
CA CYS D 524 24.98 41.16 5.89
C CYS D 524 25.08 41.92 7.20
N VAL D 525 23.97 42.50 7.62
CA VAL D 525 23.93 43.50 8.69
C VAL D 525 22.56 43.51 9.35
N ARG D 526 22.50 43.90 10.63
CA ARG D 526 21.22 44.05 11.32
C ARG D 526 20.48 45.32 10.88
N SER D 527 19.16 45.30 11.02
CA SER D 527 18.30 46.37 10.51
C SER D 527 18.50 47.70 11.21
N GLU D 528 18.89 47.67 12.47
CA GLU D 528 19.09 48.90 13.23
C GLU D 528 20.27 49.72 12.71
N GLU D 529 21.14 49.09 11.92
CA GLU D 529 22.32 49.77 11.42
C GLU D 529 22.39 49.79 9.89
N CYS D 530 21.25 49.60 9.24
CA CYS D 530 21.12 49.65 7.79
C CYS D 530 20.85 51.10 7.34
N LEU D 531 21.65 51.61 6.40
CA LEU D 531 21.57 53.02 6.02
C LEU D 531 20.82 53.29 4.70
N SER D 532 20.47 52.25 3.96
CA SER D 532 19.48 52.38 2.90
C SER D 532 18.20 51.62 3.24
N GLY D 533 17.10 51.96 2.57
CA GLY D 533 15.85 51.28 2.79
C GLY D 533 15.76 50.00 1.97
N THR D 534 16.85 49.25 1.94
CA THR D 534 16.94 48.08 1.08
C THR D 534 17.17 46.81 1.89
N TRP D 535 17.08 46.93 3.21
CA TRP D 535 17.28 45.81 4.12
C TRP D 535 16.20 44.76 3.92
N THR D 536 16.59 43.49 3.85
CA THR D 536 15.63 42.42 3.64
C THR D 536 16.07 41.10 4.26
N GLN D 537 15.10 40.23 4.52
CA GLN D 537 15.39 38.90 5.03
C GLN D 537 14.77 37.86 4.11
N GLN D 538 14.29 38.30 2.95
CA GLN D 538 13.58 37.39 2.05
C GLN D 538 14.03 37.50 0.60
N ILE D 539 14.34 38.71 0.15
CA ILE D 539 14.60 38.96 -1.27
C ILE D 539 16.08 38.83 -1.66
N CYS D 540 15.04 34.91 -0.57
CA CYS D 540 16.29 34.98 -1.32
C CYS D 540 16.03 34.91 -2.84
N LEU D 541 16.21 36.03 -3.53
CA LEU D 541 15.99 36.07 -4.98
C LEU D 541 17.17 35.50 -5.76
N PRO D 542 16.87 34.73 -6.82
CA PRO D 542 17.89 34.06 -7.65
C PRO D 542 18.65 35.01 -8.58
N ALA D 543 19.84 34.59 -9.02
CA ALA D 543 20.67 35.40 -9.90
C ALA D 543 21.71 34.54 -10.63
N ILE D 544 21.75 34.65 -11.96
CA ILE D 544 22.75 33.97 -12.79
C ILE D 544 23.84 34.93 -13.28
N TYR D 545 25.09 34.47 -13.37
CA TYR D 545 26.12 35.28 -14.00
C TYR D 545 26.95 34.53 -15.04
N LYS D 546 26.89 33.20 -15.06
CA LYS D 546 27.55 32.47 -16.15
C LYS D 546 26.90 31.09 -16.41
N VAL D 547 26.85 30.70 -17.67
CA VAL D 547 26.30 29.40 -18.07
C VAL D 547 27.17 28.73 -19.14
N PHE D 548 27.65 27.53 -18.86
CA PHE D 548 28.47 26.77 -19.81
C PHE D 548 28.06 25.31 -19.76
N PRO D 549 28.03 24.62 -20.93
CA PRO D 549 28.26 25.10 -22.30
C PRO D 549 27.17 26.03 -22.85
N ASN D 550 27.56 26.84 -23.82
CA ASN D 550 26.69 27.83 -24.42
C ASN D 550 25.64 27.25 -25.37
N SER D 551 25.86 26.02 -25.81
CA SER D 551 24.98 25.39 -26.80
C SER D 551 25.02 23.87 -26.72
N ALA D 552 23.97 23.24 -27.26
CA ALA D 552 23.85 21.80 -27.25
C ALA D 552 23.40 21.25 -28.60
N PRO D 553 23.84 20.03 -28.94
CA PRO D 553 23.33 19.39 -30.16
C PRO D 553 21.83 19.09 -30.03
N LEU D 554 21.12 19.01 -31.14
CA LEU D 554 19.67 18.85 -31.12
C LEU D 554 19.22 17.65 -30.31
N GLU D 555 20.05 16.62 -30.28
CA GLU D 555 19.74 15.40 -29.55
C GLU D 555 19.73 15.62 -28.03
N GLY D 556 20.33 16.71 -27.58
CA GLY D 556 20.38 17.04 -26.18
C GLY D 556 21.22 16.06 -25.38
N GLY D 557 20.95 15.98 -24.07
CA GLY D 557 21.71 15.11 -23.20
C GLY D 557 22.83 15.90 -22.56
N THR D 558 22.98 17.15 -22.99
CA THR D 558 24.05 18.02 -22.53
C THR D 558 23.75 18.46 -21.12
N ARG D 559 24.73 18.39 -20.22
CA ARG D 559 24.48 18.86 -18.87
C ARG D 559 25.04 20.28 -18.71
N LEU D 560 24.15 21.22 -18.41
CA LEU D 560 24.52 22.61 -18.23
C LEU D 560 25.14 22.85 -16.87
N THR D 561 25.91 23.92 -16.75
CA THR D 561 26.47 24.32 -15.47
C THR D 561 26.16 25.80 -15.24
N ILE D 562 25.13 26.06 -14.44
CA ILE D 562 24.67 27.42 -14.21
C ILE D 562 25.20 27.98 -12.89
N CYS D 563 26.23 28.81 -12.98
CA CYS D 563 26.79 29.46 -11.80
C CYS D 563 26.04 30.73 -11.44
N GLY D 564 25.92 31.01 -10.14
CA GLY D 564 25.18 32.16 -9.67
C GLY D 564 24.99 32.18 -8.17
N TRP D 565 23.87 32.76 -7.72
CA TRP D 565 23.58 32.82 -6.29
C TRP D 565 22.12 32.56 -5.95
N ASP D 566 21.92 31.95 -4.78
CA ASP D 566 20.60 31.81 -4.16
C ASP D 566 19.58 31.10 -5.05
N PHE D 567 19.98 29.96 -5.60
CA PHE D 567 19.08 29.18 -6.45
C PHE D 567 18.12 28.31 -5.65
N GLY D 568 18.37 28.20 -4.36
CA GLY D 568 17.54 27.36 -3.49
C GLY D 568 16.39 28.10 -2.85
N PHE D 569 15.70 27.39 -1.96
CA PHE D 569 14.49 27.89 -1.33
C PHE D 569 14.45 27.41 0.12
N ARG D 570 14.36 28.34 1.06
CA ARG D 570 14.39 27.97 2.47
C ARG D 570 13.01 27.50 2.93
N ARG D 571 12.82 26.18 2.92
CA ARG D 571 11.59 25.59 3.42
C ARG D 571 11.76 25.07 4.84
N ASN D 572 10.83 25.47 5.71
CA ASN D 572 10.85 25.05 7.11
C ASN D 572 12.19 25.37 7.76
N ASN D 573 12.71 26.55 7.43
CA ASN D 573 14.03 27.02 7.89
C ASN D 573 15.16 26.06 7.52
N LYS D 574 15.09 25.49 6.33
CA LYS D 574 16.14 24.63 5.82
C LYS D 574 16.18 24.68 4.30
N PHE D 575 17.33 25.06 3.75
CA PHE D 575 17.49 25.17 2.31
C PHE D 575 17.58 23.82 1.60
N ASP D 576 16.99 23.77 0.41
CA ASP D 576 17.16 22.65 -0.51
C ASP D 576 16.87 23.14 -1.92
N LEU D 577 17.08 22.28 -2.92
CA LEU D 577 16.81 22.65 -4.30
C LEU D 577 15.50 22.07 -4.80
N LYS D 578 14.65 21.63 -3.85
CA LYS D 578 13.38 20.99 -4.19
C LYS D 578 12.38 21.94 -4.84
N LYS D 579 12.48 23.22 -4.54
CA LYS D 579 11.59 24.23 -5.12
C LYS D 579 12.17 24.82 -6.40
N THR D 580 13.43 24.50 -6.68
CA THR D 580 14.14 25.04 -7.83
C THR D 580 13.66 24.47 -9.16
N ARG D 581 13.40 25.35 -10.12
CA ARG D 581 12.91 24.95 -11.44
C ARG D 581 13.76 25.60 -12.53
N VAL D 582 14.22 24.80 -13.50
CA VAL D 582 15.01 25.33 -14.60
C VAL D 582 14.28 25.18 -15.94
N LEU D 583 13.87 26.30 -16.50
CA LEU D 583 13.16 26.31 -17.78
C LEU D 583 14.01 26.80 -18.94
N LEU D 584 14.31 25.90 -19.88
CA LEU D 584 14.91 26.27 -21.16
C LEU D 584 13.84 26.44 -22.24
N GLY D 585 13.29 27.63 -22.36
CA GLY D 585 12.16 27.84 -23.25
C GLY D 585 10.88 27.22 -22.73
N ASN D 586 10.32 26.25 -23.45
CA ASN D 586 9.06 25.62 -23.05
C ASN D 586 9.33 24.24 -22.42
N GLU D 587 10.48 23.65 -22.73
CA GLU D 587 10.91 22.46 -22.02
C GLU D 587 11.74 22.82 -20.79
N SER D 588 11.84 21.87 -19.86
CA SER D 588 12.63 22.05 -18.65
C SER D 588 13.83 21.11 -18.58
N CYS D 589 14.96 21.65 -18.12
CA CYS D 589 16.14 20.83 -17.83
C CYS D 589 16.05 20.17 -16.46
N THR D 590 16.17 18.84 -16.41
CA THR D 590 16.05 18.15 -15.13
C THR D 590 17.34 18.30 -14.32
N LEU D 591 17.20 18.80 -13.10
CA LEU D 591 18.35 19.04 -12.21
C LEU D 591 18.94 17.76 -11.69
N THR D 592 20.27 17.71 -11.55
CA THR D 592 20.91 16.65 -10.79
C THR D 592 21.32 17.19 -9.43
N LEU D 593 20.56 16.80 -8.40
CA LEU D 593 20.71 17.39 -7.07
C LEU D 593 22.06 17.05 -6.42
N SER D 594 22.58 15.87 -6.72
CA SER D 594 23.82 15.40 -6.11
C SER D 594 25.03 16.21 -6.56
N GLU D 595 24.93 16.89 -7.68
CA GLU D 595 26.01 17.72 -8.19
C GLU D 595 25.65 19.20 -8.19
N SER D 596 24.51 19.53 -7.59
CA SER D 596 24.07 20.92 -7.55
C SER D 596 24.18 21.50 -6.14
N THR D 597 24.31 22.82 -6.08
CA THR D 597 24.34 23.55 -4.82
C THR D 597 23.54 24.83 -4.95
N MET D 598 23.60 25.66 -3.91
CA MET D 598 22.97 26.97 -3.93
C MET D 598 23.59 27.92 -4.95
N ASN D 599 24.89 27.79 -5.22
CA ASN D 599 25.56 28.74 -6.11
C ASN D 599 25.73 28.22 -7.53
N THR D 600 25.73 26.90 -7.71
CA THR D 600 25.79 26.33 -9.05
C THR D 600 24.82 25.19 -9.25
N LEU D 601 24.16 25.20 -10.41
CA LEU D 601 23.17 24.19 -10.75
C LEU D 601 23.70 23.27 -11.86
N LYS D 602 23.24 22.03 -11.87
CA LYS D 602 23.60 21.09 -12.93
C LYS D 602 22.35 20.40 -13.46
N CYS D 603 22.17 20.42 -14.77
CA CYS D 603 20.95 19.88 -15.37
C CYS D 603 21.14 19.44 -16.81
N THR D 604 20.48 18.36 -17.19
CA THR D 604 20.57 17.84 -18.54
C THR D 604 19.45 18.41 -19.42
N VAL D 605 19.84 19.01 -20.55
CA VAL D 605 18.86 19.52 -21.50
C VAL D 605 18.28 18.37 -22.30
N GLY D 606 17.02 18.50 -22.69
CA GLY D 606 16.40 17.49 -23.51
C GLY D 606 16.67 17.70 -24.98
N PRO D 607 16.16 16.79 -25.81
CA PRO D 607 16.33 16.89 -27.26
C PRO D 607 15.41 17.94 -27.88
N ALA D 608 15.89 18.57 -28.94
CA ALA D 608 15.05 19.43 -29.78
C ALA D 608 15.16 18.92 -31.23
N MET D 609 14.20 19.30 -32.07
CA MET D 609 14.23 18.94 -33.48
C MET D 609 14.48 20.14 -34.39
N ASN D 610 14.29 21.34 -33.86
CA ASN D 610 14.59 22.51 -34.66
C ASN D 610 15.84 23.16 -34.12
N LYS D 611 16.55 23.85 -35.02
CA LYS D 611 17.63 24.70 -34.58
C LYS D 611 16.94 25.82 -33.83
N HIS D 612 17.54 26.30 -32.75
CA HIS D 612 17.03 27.51 -32.12
C HIS D 612 18.20 28.24 -31.53
N PHE D 613 18.24 29.54 -31.78
CA PHE D 613 19.39 30.32 -31.40
C PHE D 613 18.94 31.42 -30.48
N ASN D 614 19.78 31.76 -29.52
CA ASN D 614 19.48 32.84 -28.59
C ASN D 614 18.23 32.59 -27.74
N MET D 615 18.11 31.36 -27.27
CA MET D 615 17.01 30.93 -26.42
C MET D 615 17.21 31.33 -24.97
N SER D 616 16.11 31.45 -24.22
CA SER D 616 16.15 31.97 -22.86
C SER D 616 16.13 30.87 -21.79
N ILE D 617 17.06 30.97 -20.83
CA ILE D 617 17.09 30.10 -19.65
C ILE D 617 16.48 30.81 -18.43
N ILE D 618 15.32 30.35 -17.98
CA ILE D 618 14.69 30.92 -16.79
C ILE D 618 14.85 30.01 -15.57
N ILE D 619 15.21 30.59 -14.43
CA ILE D 619 15.33 29.83 -13.19
C ILE D 619 14.50 30.43 -12.07
N SER D 620 13.52 29.68 -11.57
CA SER D 620 12.71 30.11 -10.42
C SER D 620 13.11 29.36 -9.15
N ASN D 621 13.23 30.09 -8.05
CA ASN D 621 13.61 29.48 -6.78
C ASN D 621 12.52 29.55 -5.71
N GLY D 622 11.28 29.79 -6.13
CA GLY D 622 10.18 29.92 -5.19
C GLY D 622 9.79 31.36 -4.92
N HIS D 623 10.78 32.21 -4.67
CA HIS D 623 10.53 33.64 -4.45
C HIS D 623 10.57 34.47 -5.72
N GLY D 624 11.42 34.12 -6.66
CA GLY D 624 11.50 34.86 -7.91
C GLY D 624 12.18 34.13 -9.04
N THR D 625 12.31 34.80 -10.18
CA THR D 625 12.92 34.22 -11.35
C THR D 625 14.02 35.13 -11.91
N THR D 626 14.96 34.52 -12.62
CA THR D 626 16.05 35.26 -13.25
C THR D 626 16.37 34.62 -14.59
N GLN D 627 16.78 35.44 -15.55
CA GLN D 627 16.90 34.97 -16.93
C GLN D 627 18.33 35.04 -17.48
N TYR D 628 18.56 34.31 -18.56
CA TYR D 628 19.81 34.23 -19.30
C TYR D 628 19.50 33.95 -20.77
N SER D 629 19.52 35.02 -21.56
CA SER D 629 19.15 34.98 -22.97
C SER D 629 20.25 34.63 -23.99
N THR D 630 20.93 33.50 -23.82
CA THR D 630 22.07 33.24 -24.72
C THR D 630 22.26 31.77 -25.15
N PHE D 631 21.25 30.91 -24.99
CA PHE D 631 21.49 29.49 -25.24
C PHE D 631 20.96 29.11 -26.63
N SER D 632 21.63 28.14 -27.27
CA SER D 632 21.25 27.73 -28.61
C SER D 632 21.25 26.22 -28.83
N TYR D 633 20.26 25.73 -29.58
CA TYR D 633 20.28 24.36 -30.07
C TYR D 633 20.87 24.31 -31.48
N VAL D 634 22.11 23.86 -31.58
CA VAL D 634 22.79 23.74 -32.86
C VAL D 634 22.74 22.32 -33.40
N ASP D 635 22.36 22.16 -34.97
CA ASP D 635 22.30 20.96 -35.80
C ASP D 635 23.62 20.76 -36.55
N PRO D 636 24.58 20.07 -35.92
CA PRO D 636 25.94 19.90 -36.45
C PRO D 636 25.96 19.26 -37.84
N VAL D 637 26.86 19.76 -38.69
CA VAL D 637 26.94 19.29 -40.08
C VAL D 637 28.40 19.14 -40.50
N ILE D 638 28.70 18.09 -41.24
CA ILE D 638 30.03 17.92 -41.82
C ILE D 638 30.01 18.29 -43.31
N THR D 639 30.68 19.38 -43.64
CA THR D 639 30.71 19.87 -45.02
C THR D 639 31.74 19.15 -45.87
N SER D 640 32.86 18.73 -45.26
CA SER D 640 33.90 18.02 -46.00
C SER D 640 34.91 17.33 -45.09
N ILE D 641 35.72 16.45 -45.68
CA ILE D 641 36.85 15.87 -44.98
C ILE D 641 38.10 15.93 -45.87
N SER D 642 39.27 16.05 -45.25
CA SER D 642 40.52 16.08 -46.01
C SER D 642 41.69 15.58 -45.15
N PRO D 643 42.57 14.75 -45.73
CA PRO D 643 42.43 14.16 -47.06
C PRO D 643 41.45 12.99 -47.07
N LYS D 644 41.00 12.59 -48.25
CA LYS D 644 40.02 11.52 -48.36
C LYS D 644 40.65 10.12 -48.36
N TYR D 645 41.98 10.07 -48.30
CA TYR D 645 42.68 8.78 -48.25
C TYR D 645 43.93 8.87 -47.39
N GLY D 646 44.45 7.70 -47.00
CA GLY D 646 45.65 7.62 -46.18
C GLY D 646 46.18 6.19 -46.06
N PRO D 647 47.37 6.04 -45.45
CA PRO D 647 48.00 4.72 -45.26
C PRO D 647 47.26 3.84 -44.26
N MET D 648 47.37 2.52 -44.37
CA MET D 648 46.78 1.62 -43.39
C MET D 648 47.38 1.77 -41.99
N ALA D 649 48.59 2.33 -41.94
CA ALA D 649 49.23 2.58 -40.65
C ALA D 649 48.44 3.59 -39.83
N GLY D 650 47.66 4.40 -40.50
CA GLY D 650 46.94 5.47 -39.83
C GLY D 650 47.90 6.60 -39.53
N GLY D 651 47.49 7.51 -38.67
CA GLY D 651 48.31 8.66 -38.33
C GLY D 651 48.11 9.82 -39.27
N THR D 652 47.24 9.64 -40.26
CA THR D 652 46.85 10.73 -41.15
C THR D 652 46.13 11.79 -40.32
N LEU D 653 46.50 13.04 -40.49
CA LEU D 653 45.80 14.12 -39.81
C LEU D 653 44.54 14.42 -40.61
N LEU D 654 43.41 13.90 -40.14
CA LEU D 654 42.14 14.07 -40.82
C LEU D 654 41.43 15.33 -40.38
N THR D 655 41.13 16.19 -41.35
CA THR D 655 40.42 17.43 -41.08
C THR D 655 38.95 17.34 -41.46
N LEU D 656 38.07 17.31 -40.45
CA LEU D 656 36.65 17.42 -40.70
C LEU D 656 36.26 18.89 -40.67
N THR D 657 35.35 19.28 -41.55
CA THR D 657 34.99 20.68 -41.67
C THR D 657 33.47 20.82 -41.69
N GLY D 658 32.95 21.83 -40.99
CA GLY D 658 31.52 22.03 -40.93
C GLY D 658 31.10 23.13 -39.96
N ASN D 659 30.00 22.89 -39.25
CA ASN D 659 29.49 23.87 -38.31
C ASN D 659 28.92 23.18 -37.07
N TYR D 660 28.99 23.86 -35.93
CA TYR D 660 28.48 23.35 -34.66
C TYR D 660 29.14 22.02 -34.27
N LEU D 661 30.43 21.90 -34.56
CA LEU D 661 31.15 20.68 -34.26
C LEU D 661 31.76 20.72 -32.86
N ASN D 662 31.54 21.80 -32.12
CA ASN D 662 32.06 21.89 -30.75
C ASN D 662 30.99 21.87 -29.67
N SER D 663 29.76 21.52 -30.05
CA SER D 663 28.71 21.20 -29.10
C SER D 663 28.67 19.68 -28.96
N GLY D 664 28.24 19.14 -27.82
CA GLY D 664 28.04 19.86 -26.58
C GLY D 664 29.03 19.29 -25.56
N ASN D 665 28.78 18.08 -25.08
CA ASN D 665 29.68 17.44 -24.11
C ASN D 665 30.94 16.85 -24.73
N SER D 666 30.79 15.88 -25.63
CA SER D 666 31.98 15.24 -26.17
C SER D 666 31.81 14.82 -27.63
N ARG D 667 32.90 15.04 -28.38
CA ARG D 667 33.01 14.69 -29.77
C ARG D 667 33.66 13.30 -29.88
N HIS D 668 33.10 12.38 -30.66
CA HIS D 668 33.82 11.14 -30.93
C HIS D 668 33.79 10.70 -32.40
N ILE D 669 34.80 11.12 -33.15
CA ILE D 669 35.01 10.68 -34.54
C ILE D 669 35.54 9.24 -34.57
N SER D 670 35.10 8.47 -35.56
CA SER D 670 35.56 7.09 -35.71
C SER D 670 35.57 6.63 -37.16
N ILE D 671 36.43 5.66 -37.45
CA ILE D 671 36.55 5.11 -38.80
C ILE D 671 36.76 3.60 -38.70
N GLY D 672 35.87 2.83 -39.32
CA GLY D 672 35.95 1.39 -39.26
C GLY D 672 35.61 0.84 -37.89
N GLY D 673 34.99 1.68 -37.05
CA GLY D 673 34.67 1.28 -35.70
C GLY D 673 35.84 1.51 -34.76
N LYS D 674 36.96 1.97 -35.31
CA LYS D 674 38.12 2.29 -34.49
C LYS D 674 38.17 3.78 -34.23
N THR D 675 38.66 4.15 -33.05
CA THR D 675 38.66 5.55 -32.63
C THR D 675 39.61 6.44 -33.41
N CYS D 676 39.10 7.59 -33.84
CA CYS D 676 39.88 8.60 -34.52
C CYS D 676 40.27 9.68 -33.53
N THR D 677 41.44 9.51 -32.90
CA THR D 677 41.86 10.34 -31.77
C THR D 677 41.98 11.81 -32.11
N LEU D 678 41.36 12.65 -31.27
CA LEU D 678 41.28 14.09 -31.53
C LEU D 678 42.62 14.81 -31.37
N LYS D 679 42.88 15.76 -32.25
CA LYS D 679 44.05 16.63 -32.12
C LYS D 679 43.59 18.02 -31.69
N SER D 680 42.52 18.52 -32.32
CA SER D 680 41.99 19.83 -31.98
C SER D 680 40.51 19.94 -32.32
N VAL D 681 39.76 20.68 -31.50
CA VAL D 681 38.33 20.86 -31.72
C VAL D 681 37.94 22.33 -31.81
N SER D 682 36.95 22.61 -32.66
CA SER D 682 36.42 23.96 -32.81
C SER D 682 35.04 23.87 -33.44
N ASN D 683 34.38 25.02 -33.57
CA ASN D 683 33.06 25.06 -34.20
C ASN D 683 33.09 24.57 -35.64
N SER D 684 34.18 24.86 -36.33
CA SER D 684 34.21 24.67 -37.77
C SER D 684 35.09 23.50 -38.20
N ILE D 685 36.14 23.23 -37.43
CA ILE D 685 37.09 22.19 -37.80
C ILE D 685 37.35 21.19 -36.68
N LEU D 686 37.36 19.91 -37.05
CA LEU D 686 37.76 18.85 -36.14
C LEU D 686 38.92 18.09 -36.76
N GLU D 687 40.11 18.26 -36.18
CA GLU D 687 41.27 17.49 -36.61
C GLU D 687 41.45 16.26 -35.72
N CYS D 688 41.82 15.15 -36.36
CA CYS D 688 42.04 13.89 -35.64
C CYS D 688 42.97 13.00 -36.44
N TYR D 689 43.64 12.09 -35.75
CA TYR D 689 44.53 11.14 -36.41
C TYR D 689 43.81 9.83 -36.70
N THR D 690 43.85 9.41 -37.96
CA THR D 690 43.14 8.21 -38.39
C THR D 690 43.70 6.96 -37.74
N PRO D 691 42.82 6.07 -37.26
CA PRO D 691 43.21 4.81 -36.64
C PRO D 691 43.83 3.81 -37.62
N ALA D 692 44.64 2.91 -37.10
CA ALA D 692 45.28 1.89 -37.93
C ALA D 692 44.34 0.72 -38.21
N GLN D 693 44.04 0.50 -39.49
CA GLN D 693 43.27 -0.66 -39.92
C GLN D 693 44.24 -1.79 -40.27
N THR D 694 43.78 -3.03 -40.22
CA THR D 694 44.63 -4.16 -40.60
C THR D 694 44.36 -4.63 -42.03
N ILE D 695 43.49 -3.90 -42.72
CA ILE D 695 43.14 -4.20 -44.11
C ILE D 695 43.05 -2.89 -44.89
N SER D 696 43.48 -2.89 -46.14
CA SER D 696 43.32 -1.72 -46.99
C SER D 696 41.90 -1.74 -47.53
N THR D 697 41.07 -0.85 -46.99
CA THR D 697 39.65 -0.82 -47.35
C THR D 697 39.05 0.54 -47.05
N GLU D 698 37.80 0.72 -47.46
CA GLU D 698 37.10 1.99 -47.29
C GLU D 698 36.16 2.01 -46.09
N PHE D 699 36.03 3.18 -45.47
CA PHE D 699 35.06 3.39 -44.40
C PHE D 699 34.48 4.80 -44.46
N ALA D 700 33.21 4.95 -44.13
CA ALA D 700 32.63 6.27 -43.95
C ALA D 700 33.15 6.83 -42.64
N VAL D 701 33.41 8.13 -42.59
CA VAL D 701 33.85 8.75 -41.36
C VAL D 701 32.64 9.14 -40.53
N LYS D 702 32.46 8.47 -39.40
CA LYS D 702 31.32 8.71 -38.54
C LYS D 702 31.67 9.58 -37.34
N LEU D 703 30.90 10.66 -37.17
CA LEU D 703 31.09 11.56 -36.05
C LEU D 703 29.97 11.33 -35.05
N LYS D 704 30.33 11.25 -33.78
CA LYS D 704 29.31 11.04 -32.75
C LYS D 704 29.34 12.21 -31.79
N ILE D 705 28.24 12.93 -31.73
CA ILE D 705 28.07 14.01 -30.76
C ILE D 705 26.87 13.69 -29.91
N ASP D 706 27.14 13.11 -28.74
CA ASP D 706 26.11 12.73 -27.80
C ASP D 706 25.16 11.74 -28.49
N LEU D 707 23.89 12.10 -28.61
CA LEU D 707 22.94 11.22 -29.29
C LEU D 707 22.87 11.48 -30.80
N ALA D 708 23.54 12.53 -31.25
CA ALA D 708 23.60 12.84 -32.68
C ALA D 708 24.64 11.98 -33.40
N ASN D 709 24.25 11.45 -34.57
CA ASN D 709 25.16 10.69 -35.40
C ASN D 709 25.28 11.35 -36.78
N ARG D 710 26.49 11.38 -37.31
CA ARG D 710 26.74 11.99 -38.61
C ARG D 710 27.73 11.18 -39.42
N GLU D 711 27.35 10.84 -40.66
CA GLU D 711 28.31 10.24 -41.56
C GLU D 711 28.74 11.29 -42.56
N THR D 712 29.89 11.06 -43.17
CA THR D 712 30.40 11.95 -44.21
C THR D 712 31.16 11.11 -45.24
N SER D 713 32.11 11.73 -45.92
CA SER D 713 32.81 11.10 -47.03
C SER D 713 33.48 9.79 -46.62
N ILE D 714 33.60 8.88 -47.59
CA ILE D 714 34.34 7.66 -47.37
C ILE D 714 35.82 7.99 -47.26
N PHE D 715 36.54 7.28 -46.40
CA PHE D 715 37.97 7.48 -46.27
C PHE D 715 38.69 6.20 -46.67
N SER D 716 39.44 6.26 -47.77
CA SER D 716 40.12 5.09 -48.28
C SER D 716 41.45 4.85 -47.57
N TYR D 717 41.68 3.60 -47.19
CA TYR D 717 42.97 3.21 -46.61
C TYR D 717 43.83 2.53 -47.67
N ARG D 718 44.75 3.29 -48.26
CA ARG D 718 45.64 2.75 -49.28
C ARG D 718 46.80 1.98 -48.66
N GLU D 719 47.38 1.06 -49.45
CA GLU D 719 48.57 0.31 -49.06
C GLU D 719 49.83 0.93 -49.62
N MET E 3 -12.01 35.80 -21.30
CA MET E 3 -13.21 36.50 -21.72
C MET E 3 -13.34 37.87 -21.03
N GLU E 4 -12.53 38.08 -20.01
CA GLU E 4 -12.57 39.33 -19.26
C GLU E 4 -11.74 40.42 -19.93
N THR E 5 -12.43 41.43 -20.46
CA THR E 5 -11.78 42.49 -21.22
C THR E 5 -12.37 43.87 -20.90
N ILE E 6 -11.58 44.71 -20.22
CA ILE E 6 -11.99 46.09 -20.02
C ILE E 6 -11.80 46.88 -21.30
N THR E 7 -12.91 47.35 -21.86
CA THR E 7 -12.88 48.05 -23.15
C THR E 7 -12.57 49.53 -22.97
N VAL E 8 -12.86 50.06 -21.79
CA VAL E 8 -12.62 51.47 -21.50
C VAL E 8 -11.50 51.67 -20.50
N PRO E 9 -10.66 52.71 -20.70
CA PRO E 9 -9.60 53.06 -19.75
C PRO E 9 -10.16 53.24 -18.35
N THR E 10 -9.77 52.36 -17.43
CA THR E 10 -10.26 52.37 -16.07
C THR E 10 -9.10 52.36 -15.08
N PRO E 11 -9.20 53.18 -14.01
CA PRO E 11 -8.20 53.21 -12.96
C PRO E 11 -7.97 51.84 -12.32
N ILE E 12 -6.81 51.63 -11.72
CA ILE E 12 -6.45 50.35 -11.14
C ILE E 12 -7.21 50.10 -9.84
N LYS E 13 -7.60 51.17 -9.16
CA LYS E 13 -8.32 51.07 -7.91
C LYS E 13 -9.68 50.39 -8.08
N GLN E 14 -10.32 50.63 -9.22
CA GLN E 14 -11.65 50.09 -9.49
C GLN E 14 -11.61 48.64 -9.95
N ILE E 15 -10.57 48.29 -10.69
CA ILE E 15 -10.40 46.92 -11.19
C ILE E 15 -10.25 45.93 -10.05
N PHE E 16 -9.18 46.08 -9.29
CA PHE E 16 -8.91 45.23 -8.14
C PHE E 16 -9.47 45.87 -6.89
N SER E 17 -10.51 45.26 -6.33
CA SER E 17 -11.21 45.82 -5.17
C SER E 17 -10.34 45.82 -3.91
N ASP E 18 -9.43 44.86 -3.81
CA ASP E 18 -8.54 44.78 -2.65
C ASP E 18 -7.42 45.80 -2.73
N ASP E 19 -7.36 46.68 -1.73
CA ASP E 19 -6.38 47.77 -1.70
C ASP E 19 -4.97 47.25 -1.95
N ALA E 20 -4.61 46.18 -1.25
CA ALA E 20 -3.27 45.62 -1.34
C ALA E 20 -2.91 45.16 -2.75
N PHE E 21 -3.72 44.27 -3.31
CA PHE E 21 -3.43 43.70 -4.62
C PHE E 21 -3.44 44.76 -5.71
N ALA E 22 -4.20 45.84 -5.47
CA ALA E 22 -4.28 46.95 -6.41
C ALA E 22 -2.94 47.68 -6.48
N GLU E 23 -2.38 47.99 -5.31
CA GLU E 23 -1.08 48.64 -5.23
C GLU E 23 -0.01 47.78 -5.89
N THR E 24 -0.09 46.47 -5.68
CA THR E 24 0.85 45.54 -6.27
C THR E 24 0.92 45.74 -7.78
N ILE E 25 -0.24 45.71 -8.43
CA ILE E 25 -0.32 45.89 -9.87
C ILE E 25 0.21 47.28 -10.25
N LYS E 26 -0.04 48.26 -9.38
CA LYS E 26 0.41 49.63 -9.60
C LYS E 26 1.92 49.68 -9.74
N ASP E 27 2.63 49.12 -8.77
CA ASP E 27 4.08 49.09 -8.78
C ASP E 27 4.58 48.30 -9.98
N ASN E 28 3.88 47.23 -10.29
CA ASN E 28 4.23 46.38 -11.43
C ASN E 28 4.24 47.18 -12.72
N LEU E 29 3.26 48.07 -12.87
CA LEU E 29 3.08 48.84 -14.12
C LEU E 29 3.76 50.21 -14.08
N LYS E 30 4.67 50.39 -13.13
CA LYS E 30 5.44 51.63 -13.03
C LYS E 30 4.54 52.85 -12.83
N LYS E 31 3.29 52.60 -12.43
CA LYS E 31 2.31 53.66 -12.27
C LYS E 31 2.63 54.58 -11.08
N LYS E 32 1.90 55.68 -10.99
CA LYS E 32 2.12 56.67 -9.94
C LYS E 32 1.21 56.44 -8.74
N SER E 33 0.00 55.95 -9.00
CA SER E 33 -0.96 55.69 -7.93
C SER E 33 -2.04 54.72 -8.40
N VAL E 34 -2.90 54.30 -7.48
CA VAL E 34 -3.99 53.39 -7.80
C VAL E 34 -5.07 54.11 -8.59
N THR E 35 -4.98 55.44 -8.62
CA THR E 35 -5.98 56.25 -9.33
C THR E 35 -5.63 56.41 -10.81
N ASP E 36 -4.53 55.81 -11.24
CA ASP E 36 -4.10 55.88 -12.63
C ASP E 36 -4.91 54.93 -13.51
N ALA E 37 -5.28 55.41 -14.70
CA ALA E 37 -6.04 54.60 -15.64
C ALA E 37 -5.12 53.60 -16.34
N VAL E 38 -5.68 52.46 -16.74
CA VAL E 38 -4.92 51.43 -17.44
C VAL E 38 -5.74 50.81 -18.56
N THR E 39 -5.06 50.28 -19.57
CA THR E 39 -5.71 49.66 -20.71
C THR E 39 -5.58 48.14 -20.66
N GLN E 40 -6.38 47.45 -21.47
CA GLN E 40 -6.36 45.99 -21.52
C GLN E 40 -5.04 45.51 -22.12
N ASN E 41 -4.43 46.32 -22.97
CA ASN E 41 -3.12 46.00 -23.53
C ASN E 41 -2.05 45.95 -22.45
N GLU E 42 -2.11 46.91 -21.53
CA GLU E 42 -1.19 46.97 -20.42
C GLU E 42 -1.39 45.78 -19.48
N LEU E 43 -2.63 45.33 -19.37
CA LEU E 43 -2.97 44.19 -18.53
C LEU E 43 -2.52 42.88 -19.17
N ASN E 44 -2.55 42.82 -20.50
CA ASN E 44 -2.16 41.62 -21.22
C ASN E 44 -0.67 41.33 -21.11
N SER E 45 0.13 42.40 -21.05
CA SER E 45 1.58 42.28 -21.00
C SER E 45 2.13 41.93 -19.61
N ILE E 46 1.22 41.67 -18.67
CA ILE E 46 1.61 41.27 -17.33
C ILE E 46 1.79 39.75 -17.25
N ASP E 47 3.05 39.31 -17.23
CA ASP E 47 3.34 37.89 -17.23
C ASP E 47 3.63 37.36 -15.83
N GLN E 48 4.35 38.15 -15.05
CA GLN E 48 4.78 37.71 -13.72
C GLN E 48 4.47 38.72 -12.63
N ILE E 49 3.56 38.33 -11.72
CA ILE E 49 3.30 39.12 -10.53
C ILE E 49 4.04 38.54 -9.35
N ILE E 50 4.64 39.40 -8.53
CA ILE E 50 5.35 38.96 -7.33
C ILE E 50 4.81 39.70 -6.12
N ALA E 51 3.96 39.04 -5.35
CA ALA E 51 3.27 39.68 -4.24
C ALA E 51 3.24 38.83 -2.98
N ASN E 52 4.41 38.35 -2.56
CA ASN E 52 4.51 37.60 -1.32
C ASN E 52 4.48 38.54 -0.11
N ASN E 53 3.65 38.21 0.87
CA ASN E 53 3.51 39.00 2.08
C ASN E 53 3.05 40.44 1.79
N SER E 54 1.91 40.54 1.12
CA SER E 54 1.34 41.83 0.73
C SER E 54 0.02 42.08 1.45
N ASP E 55 -0.37 41.14 2.31
CA ASP E 55 -1.62 41.23 3.05
C ASP E 55 -2.82 41.24 2.12
N ILE E 56 -2.62 40.80 0.89
CA ILE E 56 -3.69 40.73 -0.09
C ILE E 56 -4.78 39.78 0.40
N LYS E 57 -6.02 40.27 0.44
CA LYS E 57 -7.14 39.47 0.92
C LYS E 57 -7.92 38.83 -0.23
N SER E 58 -7.88 39.46 -1.40
CA SER E 58 -8.56 38.95 -2.57
C SER E 58 -7.83 39.40 -3.83
N VAL E 59 -7.89 38.58 -4.87
CA VAL E 59 -7.25 38.91 -6.13
C VAL E 59 -8.29 39.19 -7.21
N GLN E 60 -9.39 39.82 -6.81
CA GLN E 60 -10.45 40.14 -7.74
C GLN E 60 -9.99 41.18 -8.75
N GLY E 61 -9.94 40.78 -10.01
CA GLY E 61 -9.49 41.65 -11.08
C GLY E 61 -8.40 40.97 -11.88
N ILE E 62 -7.90 39.86 -11.36
CA ILE E 62 -6.83 39.12 -12.00
C ILE E 62 -7.30 38.49 -13.31
N GLN E 63 -8.61 38.37 -13.47
CA GLN E 63 -9.18 37.77 -14.68
C GLN E 63 -8.76 38.52 -15.94
N TYR E 64 -8.41 39.78 -15.78
CA TYR E 64 -8.06 40.62 -16.92
C TYR E 64 -6.58 40.51 -17.28
N LEU E 65 -5.91 39.53 -16.68
CA LEU E 65 -4.50 39.27 -16.97
C LEU E 65 -4.36 37.85 -17.50
N PRO E 66 -4.78 37.63 -18.76
CA PRO E 66 -4.80 36.30 -19.36
C PRO E 66 -3.41 35.70 -19.52
N ASN E 67 -2.42 36.55 -19.78
CA ASN E 67 -1.07 36.08 -20.03
C ASN E 67 -0.19 35.98 -18.79
N VAL E 68 -0.81 35.69 -17.65
CA VAL E 68 -0.07 35.55 -16.40
C VAL E 68 0.31 34.08 -16.15
N THR E 69 1.62 33.81 -16.11
CA THR E 69 2.11 32.44 -15.93
C THR E 69 3.04 32.31 -14.73
N LYS E 70 3.15 33.37 -13.93
CA LYS E 70 3.92 33.33 -12.70
C LYS E 70 3.18 34.08 -11.60
N LEU E 71 2.79 33.34 -10.56
CA LEU E 71 2.09 33.96 -9.43
C LEU E 71 2.77 33.65 -8.10
N PHE E 72 2.99 34.70 -7.31
CA PHE E 72 3.60 34.55 -6.01
C PHE E 72 2.74 35.27 -4.99
N LEU E 73 2.04 34.50 -4.16
CA LEU E 73 1.10 35.08 -3.21
C LEU E 73 1.21 34.47 -1.83
N ASN E 74 2.36 33.84 -1.56
CA ASN E 74 2.64 33.32 -0.23
C ASN E 74 2.61 34.45 0.79
N GLY E 75 2.10 34.15 1.98
CA GLY E 75 2.08 35.13 3.05
C GLY E 75 0.98 36.17 2.90
N ASN E 76 -0.19 35.72 2.45
CA ASN E 76 -1.32 36.61 2.29
C ASN E 76 -2.51 36.17 3.14
N LYS E 77 -3.69 36.61 2.75
CA LYS E 77 -4.90 36.28 3.49
C LYS E 77 -5.90 35.63 2.54
N LEU E 78 -5.40 35.20 1.39
CA LEU E 78 -6.25 34.62 0.34
C LEU E 78 -7.09 33.47 0.87
N THR E 79 -8.39 33.53 0.60
CA THR E 79 -9.30 32.49 1.04
C THR E 79 -10.13 32.00 -0.14
N ASP E 80 -10.04 32.73 -1.25
CA ASP E 80 -10.75 32.37 -2.46
C ASP E 80 -9.80 32.35 -3.65
N ILE E 81 -10.05 31.44 -4.58
CA ILE E 81 -9.26 31.36 -5.81
C ILE E 81 -10.16 31.23 -7.03
N LYS E 82 -11.39 31.72 -6.92
CA LYS E 82 -12.30 31.75 -8.04
C LYS E 82 -11.82 32.66 -9.18
N PRO E 83 -11.21 33.81 -8.81
CA PRO E 83 -10.65 34.70 -9.85
C PRO E 83 -9.64 33.98 -10.74
N LEU E 84 -8.84 33.09 -10.14
CA LEU E 84 -7.81 32.36 -10.85
C LEU E 84 -8.40 31.25 -11.70
N ALA E 85 -9.67 30.93 -11.46
CA ALA E 85 -10.32 29.77 -12.07
C ALA E 85 -10.16 29.72 -13.59
N ASN E 86 -10.06 30.89 -14.21
CA ASN E 86 -9.92 30.95 -15.65
C ASN E 86 -8.75 31.81 -16.12
N LEU E 87 -7.57 31.57 -15.55
CA LEU E 87 -6.34 32.18 -16.04
C LEU E 87 -5.64 31.18 -16.94
N LYS E 88 -5.97 31.24 -18.23
CA LYS E 88 -5.58 30.23 -19.21
C LYS E 88 -4.15 29.70 -19.08
N ASN E 89 -3.17 30.59 -19.10
CA ASN E 89 -1.76 30.17 -19.19
C ASN E 89 -0.99 30.13 -17.87
N LEU E 90 -1.69 30.11 -16.74
CA LEU E 90 -1.04 30.07 -15.44
C LEU E 90 -0.10 28.87 -15.36
N GLY E 91 1.19 29.14 -15.24
CA GLY E 91 2.20 28.10 -15.17
C GLY E 91 2.59 27.74 -13.75
N TRP E 92 3.23 28.67 -13.06
CA TRP E 92 3.59 28.49 -11.66
C TRP E 92 2.63 29.22 -10.74
N LEU E 93 2.28 28.58 -9.62
CA LEU E 93 1.40 29.17 -8.62
C LEU E 93 1.87 28.84 -7.20
N PHE E 94 1.87 29.86 -6.34
CA PHE E 94 2.30 29.69 -4.95
C PHE E 94 1.39 30.45 -3.99
N LEU E 95 0.57 29.71 -3.25
CA LEU E 95 -0.40 30.29 -2.33
C LEU E 95 -0.16 29.85 -0.89
N ASP E 96 1.10 29.73 -0.51
CA ASP E 96 1.42 29.25 0.83
C ASP E 96 1.02 30.24 1.92
N GLU E 97 0.91 29.74 3.14
CA GLU E 97 0.58 30.54 4.31
C GLU E 97 -0.71 31.33 4.12
N ASN E 98 -1.68 30.72 3.44
CA ASN E 98 -2.99 31.30 3.24
C ASN E 98 -4.09 30.44 3.83
N LYS E 99 -5.28 30.51 3.24
CA LYS E 99 -6.39 29.67 3.65
C LYS E 99 -7.19 29.18 2.46
N VAL E 100 -6.52 29.02 1.33
CA VAL E 100 -7.15 28.45 0.16
C VAL E 100 -7.49 27.00 0.46
N LYS E 101 -8.75 26.62 0.27
CA LYS E 101 -9.19 25.26 0.57
C LYS E 101 -10.04 24.68 -0.56
N ASP E 102 -10.82 25.53 -1.21
CA ASP E 102 -11.64 25.12 -2.35
C ASP E 102 -10.77 24.99 -3.60
N LEU E 103 -9.70 24.21 -3.48
CA LEU E 103 -8.74 24.00 -4.56
C LEU E 103 -9.38 23.51 -5.85
N SER E 104 -10.66 23.12 -5.76
CA SER E 104 -11.41 22.72 -6.95
C SER E 104 -11.45 23.87 -7.96
N SER E 105 -11.17 25.08 -7.49
CA SER E 105 -11.23 26.27 -8.32
C SER E 105 -10.12 26.31 -9.38
N LEU E 106 -9.25 25.30 -9.37
CA LEU E 106 -8.17 25.22 -10.33
C LEU E 106 -8.50 24.25 -11.45
N LYS E 107 -9.58 23.50 -11.29
CA LYS E 107 -9.99 22.45 -12.23
C LYS E 107 -9.50 22.63 -13.66
N ASP E 108 -9.84 23.75 -14.27
CA ASP E 108 -9.49 24.00 -15.67
C ASP E 108 -8.24 24.86 -15.80
N LEU E 109 -7.15 24.42 -15.17
CA LEU E 109 -5.87 25.08 -15.29
C LEU E 109 -4.84 24.11 -15.85
N LYS E 110 -5.15 23.55 -17.02
CA LYS E 110 -4.35 22.48 -17.60
C LYS E 110 -2.97 22.92 -18.11
N LYS E 111 -2.62 24.18 -17.82
CA LYS E 111 -1.28 24.66 -18.15
C LYS E 111 -0.46 24.91 -16.88
N LEU E 112 -1.03 24.53 -15.74
CA LEU E 112 -0.37 24.69 -14.45
C LEU E 112 0.65 23.58 -14.25
N LYS E 113 1.87 23.97 -13.90
CA LYS E 113 2.97 23.03 -13.67
C LYS E 113 3.28 22.88 -12.18
N SER E 114 3.77 23.95 -11.58
CA SER E 114 4.20 23.92 -10.19
C SER E 114 3.22 24.63 -9.26
N LEU E 115 2.54 23.85 -8.41
CA LEU E 115 1.59 24.39 -7.44
C LEU E 115 2.08 24.24 -6.00
N SER E 116 1.85 25.25 -5.18
CA SER E 116 2.24 25.20 -3.78
C SER E 116 1.12 25.69 -2.86
N LEU E 117 0.73 24.87 -1.90
CA LEU E 117 -0.39 25.20 -1.02
C LEU E 117 -0.13 24.86 0.46
N GLU E 118 1.14 24.85 0.85
CA GLU E 118 1.52 24.54 2.23
C GLU E 118 0.96 25.57 3.19
N HIS E 119 0.76 25.17 4.45
CA HIS E 119 0.30 26.08 5.50
C HIS E 119 -1.12 26.60 5.28
N ASN E 120 -1.88 25.94 4.42
CA ASN E 120 -3.24 26.39 4.11
C ASN E 120 -4.35 25.67 4.89
N GLY E 121 -3.96 24.86 5.86
CA GLY E 121 -4.91 24.12 6.67
C GLY E 121 -5.80 23.21 5.84
N ILE E 122 -5.24 22.70 4.75
CA ILE E 122 -5.98 21.88 3.80
C ILE E 122 -6.25 20.47 4.34
N SER E 123 -7.52 20.08 4.35
CA SER E 123 -7.92 18.75 4.80
C SER E 123 -8.03 17.79 3.62
N ASP E 124 -8.89 18.13 2.67
CA ASP E 124 -9.02 17.34 1.45
C ASP E 124 -8.23 17.97 0.30
N ILE E 125 -7.81 17.13 -0.64
CA ILE E 125 -7.00 17.57 -1.77
C ILE E 125 -7.47 16.96 -3.07
N ASN E 126 -8.58 16.22 -2.99
CA ASN E 126 -9.07 15.45 -4.13
C ASN E 126 -9.22 16.27 -5.40
N GLY E 127 -9.42 17.57 -5.25
CA GLY E 127 -9.58 18.44 -6.40
C GLY E 127 -8.42 18.35 -7.37
N LEU E 128 -7.27 17.95 -6.84
CA LEU E 128 -6.03 17.91 -7.64
C LEU E 128 -6.10 16.89 -8.77
N VAL E 129 -7.05 15.98 -8.71
CA VAL E 129 -7.25 14.98 -9.76
C VAL E 129 -7.29 15.64 -11.13
N HIS E 130 -7.87 16.84 -11.18
CA HIS E 130 -8.05 17.57 -12.44
C HIS E 130 -6.76 18.23 -12.90
N LEU E 131 -5.63 17.77 -12.37
CA LEU E 131 -4.34 18.29 -12.81
C LEU E 131 -3.32 17.17 -13.02
N PRO E 132 -3.61 16.22 -13.93
CA PRO E 132 -2.68 15.15 -14.28
C PRO E 132 -1.41 15.71 -14.94
N GLN E 133 -1.36 17.02 -15.15
CA GLN E 133 -0.23 17.66 -15.81
C GLN E 133 0.73 18.29 -14.81
N LEU E 134 0.33 18.32 -13.55
CA LEU E 134 1.17 18.86 -12.48
C LEU E 134 2.56 18.25 -12.54
N GLU E 135 3.57 19.06 -12.25
CA GLU E 135 4.95 18.58 -12.26
C GLU E 135 5.68 18.86 -10.93
N SER E 136 5.10 19.70 -10.09
CA SER E 136 5.68 20.02 -8.79
C SER E 136 4.59 20.32 -7.76
N LEU E 137 4.21 19.33 -6.96
CA LEU E 137 3.21 19.55 -5.92
C LEU E 137 3.88 19.88 -4.58
N TYR E 138 3.25 20.75 -3.80
CA TYR E 138 3.81 21.20 -2.52
C TYR E 138 2.72 21.32 -1.46
N LEU E 139 2.36 20.19 -0.86
CA LEU E 139 1.27 20.16 0.10
C LEU E 139 1.75 19.96 1.55
N GLY E 140 2.93 20.49 1.86
CA GLY E 140 3.47 20.36 3.19
C GLY E 140 2.70 21.17 4.21
N ASN E 141 3.01 20.96 5.49
CA ASN E 141 2.48 21.75 6.59
C ASN E 141 0.95 21.91 6.58
N ASN E 142 0.25 20.78 6.50
CA ASN E 142 -1.21 20.80 6.47
C ASN E 142 -1.86 19.76 7.38
N LYS E 143 -3.07 19.35 7.02
CA LYS E 143 -3.83 18.36 7.77
C LYS E 143 -4.33 17.25 6.86
N ILE E 144 -3.59 16.99 5.78
CA ILE E 144 -3.99 15.96 4.82
C ILE E 144 -3.92 14.57 5.43
N THR E 145 -4.97 13.79 5.22
CA THR E 145 -5.03 12.42 5.72
C THR E 145 -4.90 11.44 4.56
N ASP E 146 -5.94 11.32 3.76
CA ASP E 146 -5.90 10.47 2.58
C ASP E 146 -5.13 11.15 1.45
N ILE E 147 -4.57 10.36 0.54
CA ILE E 147 -3.82 10.92 -0.58
C ILE E 147 -3.98 10.13 -1.88
N THR E 148 -4.97 9.25 -1.94
CA THR E 148 -5.13 8.37 -3.10
C THR E 148 -5.23 9.17 -4.39
N VAL E 149 -5.60 10.44 -4.26
CA VAL E 149 -5.70 11.35 -5.39
C VAL E 149 -4.41 11.42 -6.20
N LEU E 150 -3.29 11.49 -5.49
CA LEU E 150 -1.98 11.68 -6.09
C LEU E 150 -1.61 10.57 -7.07
N SER E 151 -2.36 9.47 -7.01
CA SER E 151 -2.13 8.31 -7.88
C SER E 151 -2.16 8.69 -9.35
N ARG E 152 -2.74 9.85 -9.65
CA ARG E 152 -2.99 10.22 -11.04
C ARG E 152 -2.15 11.42 -11.46
N LEU E 153 -1.50 12.05 -10.49
CA LEU E 153 -0.54 13.12 -10.77
C LEU E 153 0.77 12.49 -11.21
N THR E 154 0.67 11.62 -12.22
CA THR E 154 1.80 10.81 -12.67
C THR E 154 2.75 11.58 -13.57
N LYS E 155 3.04 12.83 -13.18
CA LYS E 155 3.98 13.64 -13.93
C LYS E 155 4.91 14.36 -12.94
N LEU E 156 4.47 14.45 -11.70
CA LEU E 156 5.22 15.11 -10.64
C LEU E 156 6.65 14.60 -10.54
N ASP E 157 7.62 15.45 -10.82
CA ASP E 157 9.03 15.09 -10.61
C ASP E 157 9.46 15.56 -9.21
N THR E 158 8.61 16.36 -8.59
CA THR E 158 8.79 16.81 -7.23
C THR E 158 7.51 16.55 -6.48
N LEU E 159 7.55 16.65 -5.15
CA LEU E 159 6.37 16.40 -4.34
C LEU E 159 6.67 16.58 -2.87
N SER E 160 6.07 17.59 -2.25
CA SER E 160 6.14 17.74 -0.80
C SER E 160 4.98 16.97 -0.21
N LEU E 161 4.89 16.96 1.12
CA LEU E 161 3.81 16.31 1.86
C LEU E 161 4.19 16.27 3.33
N GLU E 162 5.33 16.89 3.64
CA GLU E 162 5.85 16.91 4.99
C GLU E 162 4.89 17.55 5.98
N ASP E 163 4.91 17.05 7.22
CA ASP E 163 4.05 17.54 8.29
C ASP E 163 2.57 17.48 7.95
N ASN E 164 2.05 16.28 7.80
CA ASN E 164 0.62 16.07 7.72
C ASN E 164 0.22 14.92 8.64
N GLN E 165 -0.70 14.09 8.17
CA GLN E 165 -1.13 12.92 8.94
C GLN E 165 -1.24 11.73 8.02
N ILE E 166 -0.43 11.77 6.96
CA ILE E 166 -0.39 10.68 5.99
C ILE E 166 0.09 9.40 6.68
N SER E 167 -0.81 8.43 6.80
CA SER E 167 -0.48 7.15 7.42
C SER E 167 -0.26 6.11 6.32
N ASP E 168 -1.05 6.20 5.27
CA ASP E 168 -0.89 5.34 4.11
C ASP E 168 -0.27 6.11 2.97
N ILE E 169 0.87 5.62 2.47
CA ILE E 169 1.55 6.27 1.36
C ILE E 169 1.51 5.42 0.10
N VAL E 170 0.86 4.26 0.20
CA VAL E 170 0.77 3.32 -0.91
C VAL E 170 0.44 4.00 -2.25
N PRO E 171 -0.51 4.95 -2.25
CA PRO E 171 -0.90 5.63 -3.49
C PRO E 171 0.31 6.12 -4.32
N LEU E 172 1.38 6.54 -3.65
CA LEU E 172 2.56 7.05 -4.34
C LEU E 172 3.28 5.97 -5.15
N ALA E 173 2.84 4.73 -5.00
CA ALA E 173 3.53 3.57 -5.60
C ALA E 173 3.93 3.75 -7.07
N GLY E 174 2.97 4.13 -7.91
CA GLY E 174 3.19 4.17 -9.34
C GLY E 174 3.79 5.45 -9.89
N LEU E 175 4.24 6.33 -9.00
CA LEU E 175 4.79 7.63 -9.40
C LEU E 175 6.25 7.52 -9.81
N THR E 176 6.55 6.54 -10.66
CA THR E 176 7.93 6.21 -11.02
C THR E 176 8.70 7.37 -11.67
N LYS E 177 7.98 8.37 -12.16
CA LYS E 177 8.63 9.53 -12.75
C LYS E 177 8.98 10.57 -11.68
N LEU E 178 8.86 10.18 -10.42
CA LEU E 178 9.25 11.04 -9.31
C LEU E 178 10.77 11.25 -9.29
N GLN E 179 11.25 11.93 -8.26
CA GLN E 179 12.68 12.22 -8.14
C GLN E 179 13.00 12.87 -6.79
N ASN E 180 12.15 13.82 -6.39
CA ASN E 180 12.36 14.52 -5.14
C ASN E 180 11.13 14.42 -4.25
N LEU E 181 11.13 13.43 -3.36
CA LEU E 181 10.00 13.17 -2.48
C LEU E 181 10.32 13.61 -1.04
N TYR E 182 9.31 14.12 -0.34
CA TYR E 182 9.49 14.67 0.99
C TYR E 182 8.34 14.24 1.90
N LEU E 183 8.58 13.22 2.73
CA LEU E 183 7.52 12.64 3.55
C LEU E 183 7.77 12.76 5.06
N SER E 184 8.54 13.78 5.46
CA SER E 184 8.87 13.99 6.86
C SER E 184 7.63 14.20 7.71
N LYS E 185 7.81 14.26 9.03
CA LYS E 185 6.78 14.70 9.98
C LYS E 185 5.40 14.04 9.84
N ASN E 186 5.34 12.90 9.14
CA ASN E 186 4.08 12.20 8.95
C ASN E 186 3.95 10.98 9.86
N HIS E 187 2.93 10.18 9.63
CA HIS E 187 2.73 8.95 10.41
C HIS E 187 3.09 7.75 9.54
N ILE E 188 4.30 7.77 9.00
CA ILE E 188 4.75 6.71 8.11
C ILE E 188 5.21 5.47 8.88
N SER E 189 4.40 4.42 8.88
CA SER E 189 4.80 3.17 9.50
C SER E 189 5.43 2.24 8.46
N ASP E 190 4.70 2.02 7.38
CA ASP E 190 5.15 1.16 6.29
C ASP E 190 6.05 1.91 5.32
N LEU E 191 6.81 1.17 4.53
CA LEU E 191 7.68 1.76 3.52
C LEU E 191 7.72 0.91 2.26
N ARG E 192 7.17 -0.30 2.35
CA ARG E 192 7.12 -1.19 1.20
C ARG E 192 6.52 -0.47 0.00
N ALA E 193 5.76 0.58 0.29
CA ALA E 193 5.06 1.36 -0.72
C ALA E 193 5.98 1.88 -1.82
N LEU E 194 7.00 2.63 -1.43
CA LEU E 194 7.86 3.32 -2.37
C LEU E 194 8.90 2.40 -2.99
N ALA E 195 8.67 1.10 -2.86
CA ALA E 195 9.61 0.09 -3.33
C ALA E 195 10.05 0.27 -4.79
N GLY E 196 9.26 1.02 -5.56
CA GLY E 196 9.51 1.12 -6.98
C GLY E 196 9.95 2.45 -7.53
N LEU E 197 10.23 3.41 -6.66
CA LEU E 197 10.64 4.75 -7.10
C LEU E 197 12.08 4.77 -7.62
N LYS E 198 12.37 3.90 -8.57
CA LYS E 198 13.73 3.64 -9.04
C LYS E 198 14.38 4.84 -9.73
N ASN E 199 13.73 6.00 -9.66
CA ASN E 199 14.28 7.20 -10.25
C ASN E 199 14.53 8.32 -9.23
N LEU E 200 14.26 8.03 -7.96
CA LEU E 200 14.48 9.02 -6.91
C LEU E 200 15.90 9.58 -6.93
N ASP E 201 16.07 10.74 -6.32
CA ASP E 201 17.36 11.42 -6.25
C ASP E 201 17.51 12.04 -4.87
N VAL E 202 16.42 12.62 -4.37
CA VAL E 202 16.37 13.21 -3.06
C VAL E 202 15.15 12.68 -2.30
N LEU E 203 15.34 12.38 -1.03
CA LEU E 203 14.26 11.83 -0.21
C LEU E 203 14.36 12.29 1.23
N GLU E 204 13.22 12.45 1.89
CA GLU E 204 13.20 12.82 3.29
C GLU E 204 12.10 12.09 4.05
N LEU E 205 12.47 10.92 4.58
CA LEU E 205 11.55 10.14 5.41
C LEU E 205 11.87 10.52 6.84
N PHE E 206 11.58 11.74 7.23
CA PHE E 206 11.89 12.17 8.58
C PHE E 206 10.96 12.49 9.72
N SER E 207 11.22 11.92 10.89
CA SER E 207 10.47 12.20 12.12
C SER E 207 9.00 11.77 12.10
N GLN E 208 8.75 10.52 11.73
CA GLN E 208 7.39 9.98 11.77
C GLN E 208 6.91 9.94 13.22
N GLU E 209 5.59 10.03 13.40
CA GLU E 209 5.03 10.03 14.75
C GLU E 209 3.82 9.10 14.82
N CYS E 210 4.07 7.82 14.55
CA CYS E 210 2.99 6.83 14.48
C CYS E 210 2.40 6.49 15.83
N LEU E 211 1.15 6.05 15.81
CA LEU E 211 0.42 5.65 17.02
C LEU E 211 -0.29 4.33 16.78
N ASN E 212 -0.50 3.58 17.85
CA ASN E 212 -1.27 2.34 17.78
C ASN E 212 -2.53 2.46 18.63
N LYS E 213 -3.51 1.62 18.34
CA LYS E 213 -4.75 1.61 19.11
C LYS E 213 -4.49 1.11 20.52
N PRO E 214 -5.05 1.81 21.53
CA PRO E 214 -4.87 1.57 22.96
C PRO E 214 -4.94 0.10 23.37
N ILE E 215 -3.97 -0.35 24.16
CA ILE E 215 -3.95 -1.71 24.67
C ILE E 215 -4.06 -1.73 26.19
N ASN E 216 -4.68 -2.77 26.72
CA ASN E 216 -4.79 -2.94 28.16
C ASN E 216 -3.44 -3.23 28.81
N HIS E 217 -3.03 -2.32 29.70
CA HIS E 217 -1.73 -2.40 30.35
C HIS E 217 -1.66 -3.54 31.36
N GLN E 218 -0.61 -4.36 31.24
CA GLN E 218 -0.33 -5.39 32.23
C GLN E 218 1.06 -5.20 32.84
N SER E 219 1.40 -6.03 33.83
CA SER E 219 2.73 -5.98 34.42
C SER E 219 3.78 -6.54 33.45
N ASN E 220 3.31 -7.38 32.53
CA ASN E 220 4.15 -7.88 31.46
C ASN E 220 3.47 -7.60 30.12
N LEU E 221 4.05 -6.69 29.34
CA LEU E 221 3.42 -6.24 28.11
C LEU E 221 4.25 -6.57 26.87
N VAL E 222 3.56 -6.86 25.77
CA VAL E 222 4.21 -7.18 24.50
C VAL E 222 3.40 -6.70 23.31
N VAL E 223 3.92 -5.67 22.63
CA VAL E 223 3.29 -5.17 21.41
C VAL E 223 4.18 -5.41 20.21
N PRO E 224 3.63 -6.02 19.15
CA PRO E 224 4.37 -6.37 17.94
C PRO E 224 4.93 -5.13 17.22
N ASN E 225 6.17 -5.26 16.72
CA ASN E 225 6.78 -4.21 15.93
C ASN E 225 6.01 -4.03 14.63
N THR E 226 5.69 -2.77 14.30
CA THR E 226 4.88 -2.47 13.14
C THR E 226 5.71 -1.90 12.00
N VAL E 227 6.73 -1.13 12.35
CA VAL E 227 7.60 -0.49 11.38
C VAL E 227 8.10 -1.49 10.35
N LYS E 228 8.19 -1.06 9.10
CA LYS E 228 8.71 -1.91 8.04
C LYS E 228 9.64 -1.12 7.12
N ASN E 229 10.59 -1.81 6.51
CA ASN E 229 11.54 -1.16 5.61
C ASN E 229 11.03 -1.24 4.19
N THR E 230 11.86 -0.80 3.24
CA THR E 230 11.48 -0.80 1.84
C THR E 230 11.31 -2.22 1.29
N ASP E 231 12.06 -3.17 1.86
CA ASP E 231 11.97 -4.56 1.45
C ASP E 231 10.93 -5.33 2.27
N GLY E 232 10.36 -4.65 3.26
CA GLY E 232 9.34 -5.23 4.10
C GLY E 232 9.87 -5.86 5.38
N SER E 233 11.14 -5.58 5.69
CA SER E 233 11.77 -6.12 6.88
C SER E 233 11.46 -5.26 8.10
N LEU E 234 11.16 -5.92 9.22
CA LEU E 234 10.89 -5.20 10.46
C LEU E 234 12.07 -4.35 10.90
N VAL E 235 11.97 -3.05 10.69
CA VAL E 235 13.03 -2.13 11.12
C VAL E 235 13.28 -2.26 12.61
N THR E 236 14.54 -2.50 12.97
CA THR E 236 14.91 -2.74 14.36
C THR E 236 14.94 -1.45 15.19
N PRO E 237 14.16 -1.41 16.27
CA PRO E 237 13.98 -0.24 17.15
C PRO E 237 15.30 0.27 17.69
N GLU E 238 15.59 1.54 17.46
CA GLU E 238 16.82 2.14 17.95
C GLU E 238 16.81 2.28 19.46
N ILE E 239 15.97 3.18 19.97
CA ILE E 239 15.91 3.43 21.40
C ILE E 239 14.52 3.17 21.95
N ILE E 240 14.37 2.11 22.73
CA ILE E 240 13.11 1.83 23.39
C ILE E 240 13.08 2.55 24.73
N SER E 241 11.88 2.70 25.31
CA SER E 241 11.74 3.43 26.57
C SER E 241 11.19 2.55 27.68
N ASP E 242 11.54 2.89 28.91
CA ASP E 242 10.95 2.25 30.09
C ASP E 242 11.54 0.84 30.16
N ASP E 243 12.85 0.74 30.02
CA ASP E 243 13.51 -0.57 29.98
C ASP E 243 12.75 -1.59 29.08
N GLY E 244 12.78 -1.29 27.79
CA GLY E 244 12.01 -2.04 26.83
C GLY E 244 13.08 -2.76 26.03
N ASP E 245 12.82 -4.03 25.72
CA ASP E 245 13.75 -4.84 24.94
C ASP E 245 13.07 -5.36 23.68
N TYR E 246 13.83 -5.49 22.60
CA TYR E 246 13.29 -5.93 21.32
C TYR E 246 13.59 -7.40 21.03
N GLU E 247 12.69 -8.28 21.45
CA GLU E 247 12.77 -9.70 21.11
C GLU E 247 11.98 -9.94 19.83
N LYS E 248 12.65 -9.80 18.68
CA LYS E 248 12.03 -9.94 17.36
C LYS E 248 10.93 -10.99 17.32
N PRO E 249 9.74 -10.61 16.84
CA PRO E 249 9.38 -9.29 16.30
C PRO E 249 8.65 -8.43 17.32
N ASN E 250 8.64 -8.86 18.57
CA ASN E 250 7.82 -8.21 19.59
C ASN E 250 8.64 -7.41 20.60
N VAL E 251 8.29 -6.15 20.79
CA VAL E 251 8.94 -5.34 21.81
C VAL E 251 8.25 -5.57 23.16
N LYS E 252 9.02 -6.04 24.13
CA LYS E 252 8.47 -6.41 25.43
C LYS E 252 8.86 -5.40 26.51
N TRP E 253 8.01 -5.28 27.53
CA TRP E 253 8.23 -4.31 28.60
C TRP E 253 7.97 -4.94 29.97
N HIS E 254 8.75 -4.53 30.96
CA HIS E 254 8.49 -4.92 32.35
C HIS E 254 7.89 -3.74 33.09
N LEU E 255 6.57 -3.70 33.18
CA LEU E 255 5.86 -2.55 33.75
C LEU E 255 5.14 -2.90 35.06
N PRO E 256 5.86 -2.76 36.19
CA PRO E 256 5.30 -3.05 37.51
C PRO E 256 4.05 -2.22 37.82
N GLU E 257 4.19 -0.90 37.83
CA GLU E 257 3.05 -0.02 38.08
C GLU E 257 2.42 0.40 36.75
N PHE E 258 1.40 1.24 36.83
CA PHE E 258 0.68 1.66 35.63
C PHE E 258 1.22 2.95 35.02
N THR E 259 1.49 2.90 33.72
CA THR E 259 1.89 4.10 32.98
C THR E 259 0.87 4.35 31.87
N ASN E 260 0.83 5.57 31.37
CA ASN E 260 -0.14 5.95 30.35
C ASN E 260 0.23 5.43 28.96
N GLU E 261 1.52 5.31 28.70
CA GLU E 261 1.99 4.88 27.40
C GLU E 261 3.47 4.54 27.40
N VAL E 262 3.88 3.76 26.40
CA VAL E 262 5.29 3.50 26.15
C VAL E 262 5.62 3.88 24.71
N SER E 263 6.90 4.03 24.41
CA SER E 263 7.32 4.47 23.08
C SER E 263 8.67 3.89 22.71
N PHE E 264 8.98 3.88 21.43
CA PHE E 264 10.31 3.52 20.97
C PHE E 264 10.70 4.21 19.67
N ILE E 265 11.55 5.22 19.79
CA ILE E 265 12.09 5.92 18.64
C ILE E 265 12.90 4.94 17.81
N PHE E 266 12.76 5.02 16.49
CA PHE E 266 13.51 4.14 15.59
C PHE E 266 14.39 4.93 14.63
N TYR E 267 15.18 4.20 13.85
CA TYR E 267 16.10 4.79 12.91
C TYR E 267 16.52 3.66 11.97
N GLN E 268 16.69 3.96 10.70
CA GLN E 268 16.99 2.94 9.70
C GLN E 268 17.26 3.55 8.34
N PRO E 269 18.44 4.16 8.16
CA PRO E 269 18.79 4.83 6.91
C PRO E 269 18.54 3.93 5.71
N VAL E 270 17.72 4.41 4.77
CA VAL E 270 17.40 3.66 3.57
C VAL E 270 17.90 4.32 2.30
N THR E 271 18.08 3.53 1.26
CA THR E 271 18.48 4.02 -0.04
C THR E 271 17.54 3.46 -1.10
N ILE E 272 16.71 4.34 -1.66
CA ILE E 272 15.78 3.96 -2.71
C ILE E 272 16.25 4.54 -4.03
N GLY E 273 16.40 3.67 -5.02
CA GLY E 273 16.86 4.08 -6.34
C GLY E 273 18.25 4.69 -6.30
N LYS E 274 18.30 6.00 -6.21
CA LYS E 274 19.57 6.72 -6.18
C LYS E 274 19.57 7.69 -5.00
N ALA E 275 18.52 7.63 -4.20
CA ALA E 275 18.36 8.54 -3.07
C ALA E 275 18.78 7.88 -1.75
N LYS E 276 19.45 8.64 -0.90
CA LYS E 276 19.89 8.15 0.39
C LYS E 276 19.30 8.97 1.52
N ALA E 277 18.23 8.48 2.12
CA ALA E 277 17.58 9.16 3.24
C ALA E 277 17.50 8.47 4.58
N ARG E 278 17.07 9.20 5.60
CA ARG E 278 16.81 8.59 6.89
C ARG E 278 15.51 8.28 7.65
N PHE E 279 15.04 7.05 7.46
CA PHE E 279 13.75 6.63 7.95
C PHE E 279 13.83 6.67 9.47
N HIS E 280 13.19 7.67 10.07
CA HIS E 280 13.24 7.87 11.51
C HIS E 280 11.85 8.18 12.03
N GLY E 281 11.59 7.83 13.29
CA GLY E 281 10.28 8.10 13.87
C GLY E 281 10.13 7.58 15.29
N ARG E 282 8.94 7.75 15.84
CA ARG E 282 8.67 7.33 17.21
C ARG E 282 7.31 6.66 17.34
N VAL E 283 7.31 5.32 17.39
CA VAL E 283 6.09 4.55 17.60
C VAL E 283 5.62 4.68 19.04
N THR E 284 4.31 4.82 19.24
CA THR E 284 3.76 4.99 20.58
C THR E 284 2.56 4.09 20.85
N GLN E 285 2.43 3.63 22.08
CA GLN E 285 1.37 2.71 22.46
C GLN E 285 0.62 3.18 23.69
N PRO E 286 -0.68 3.48 23.53
CA PRO E 286 -1.55 3.87 24.64
C PRO E 286 -1.73 2.72 25.62
N LEU E 287 -2.00 3.05 26.87
CA LEU E 287 -2.14 2.03 27.91
C LEU E 287 -3.30 2.30 28.85
N LYS E 288 -3.91 1.24 29.36
CA LYS E 288 -5.05 1.34 30.26
C LYS E 288 -5.22 0.07 31.08
N ASP F 13 25.21 44.61 42.33
CA ASP F 13 24.16 43.97 43.11
C ASP F 13 24.48 43.97 44.60
N LEU F 14 23.66 44.66 45.37
CA LEU F 14 23.84 44.76 46.82
C LEU F 14 23.68 43.40 47.52
N GLY F 15 22.87 42.52 46.94
CA GLY F 15 22.66 41.20 47.49
C GLY F 15 23.89 40.32 47.41
N LYS F 16 24.61 40.40 46.29
CA LYS F 16 25.87 39.69 46.12
C LYS F 16 26.93 40.21 47.06
N LYS F 17 26.96 41.53 47.25
CA LYS F 17 27.84 42.15 48.23
C LYS F 17 27.50 41.71 49.66
N LEU F 18 26.20 41.59 49.94
CA LEU F 18 25.76 41.17 51.27
C LEU F 18 26.20 39.73 51.54
N LEU F 19 26.06 38.89 50.53
CA LEU F 19 26.49 37.50 50.61
C LEU F 19 27.98 37.42 50.96
N GLU F 20 28.78 38.22 50.26
CA GLU F 20 30.23 38.20 50.48
C GLU F 20 30.61 38.77 51.84
N ALA F 21 29.93 39.84 52.23
CA ALA F 21 30.16 40.44 53.55
C ALA F 21 29.78 39.47 54.65
N ALA F 22 28.71 38.71 54.43
CA ALA F 22 28.20 37.77 55.41
C ALA F 22 29.23 36.71 55.78
N ARG F 23 29.90 36.16 54.77
CA ARG F 23 30.91 35.12 55.02
C ARG F 23 32.24 35.75 55.41
N ALA F 24 32.49 36.96 54.93
CA ALA F 24 33.73 37.67 55.23
C ALA F 24 33.80 38.05 56.71
N GLY F 25 32.66 38.38 57.28
CA GLY F 25 32.60 38.83 58.67
C GLY F 25 32.49 40.32 58.82
N GLN F 26 32.16 41.00 57.73
CA GLN F 26 32.09 42.46 57.70
C GLN F 26 30.70 42.95 58.10
N ASP F 27 30.42 42.90 59.40
CA ASP F 27 29.11 43.26 59.94
C ASP F 27 28.78 44.73 59.73
N ASP F 28 29.82 45.55 59.59
CA ASP F 28 29.65 46.93 59.17
C ASP F 28 29.07 47.04 57.77
N GLU F 29 29.60 46.25 56.84
CA GLU F 29 29.11 46.27 55.47
C GLU F 29 27.70 45.69 55.41
N VAL F 30 27.46 44.66 56.20
CA VAL F 30 26.14 44.04 56.29
C VAL F 30 25.09 45.07 56.70
N ARG F 31 25.37 45.83 57.74
CA ARG F 31 24.44 46.84 58.22
C ARG F 31 24.24 47.95 57.19
N ILE F 32 25.34 48.37 56.57
CA ILE F 32 25.29 49.41 55.55
C ILE F 32 24.53 48.97 54.31
N LEU F 33 24.83 47.76 53.84
CA LEU F 33 24.22 47.24 52.62
C LEU F 33 22.72 47.09 52.80
N MET F 34 22.32 46.63 53.99
CA MET F 34 20.91 46.50 54.32
C MET F 34 20.24 47.86 54.48
N ALA F 35 20.99 48.84 54.97
CA ALA F 35 20.50 50.21 55.00
C ALA F 35 20.28 50.76 53.60
N ASN F 36 21.02 50.23 52.63
CA ASN F 36 20.86 50.63 51.24
C ASN F 36 19.88 49.74 50.48
N GLY F 37 19.22 48.84 51.21
CA GLY F 37 18.20 47.99 50.64
C GLY F 37 18.71 46.73 49.97
N ALA F 38 19.75 46.13 50.54
CA ALA F 38 20.24 44.85 50.06
C ALA F 38 19.23 43.74 50.33
N ASP F 39 19.18 42.75 49.45
CA ASP F 39 18.29 41.62 49.62
C ASP F 39 18.76 40.71 50.74
N VAL F 40 18.05 40.75 51.87
CA VAL F 40 18.46 40.01 53.06
C VAL F 40 18.45 38.50 52.82
N ASN F 41 17.67 38.08 51.83
CA ASN F 41 17.59 36.66 51.47
C ASN F 41 18.20 36.39 50.10
N ALA F 42 19.19 37.19 49.73
CA ALA F 42 19.86 37.06 48.43
C ALA F 42 20.33 35.63 48.19
N ALA F 43 20.23 34.69 47.19
CA ALA F 43 20.78 33.34 47.21
C ALA F 43 21.94 33.15 46.23
N ASP F 44 22.99 32.47 46.69
CA ASP F 44 24.16 32.21 45.86
C ASP F 44 24.01 30.93 45.04
N HIS F 45 25.10 30.48 44.44
CA HIS F 45 25.09 29.31 43.58
C HIS F 45 24.41 28.11 44.25
N TYR F 46 24.72 27.88 45.52
CA TYR F 46 24.18 26.72 46.23
C TYR F 46 22.83 26.99 46.87
N GLY F 47 22.29 28.17 46.64
CA GLY F 47 21.00 28.56 47.19
C GLY F 47 21.08 29.11 48.60
N GLU F 48 22.28 29.45 49.05
CA GLU F 48 22.49 29.94 50.41
C GLU F 48 22.31 31.45 50.52
N THR F 49 21.63 31.87 51.58
CA THR F 49 21.41 33.29 51.84
C THR F 49 22.58 33.82 52.67
N PRO F 50 22.70 35.15 52.79
CA PRO F 50 23.71 35.72 53.68
C PRO F 50 23.62 35.15 55.09
N LEU F 51 22.41 34.81 55.51
CA LEU F 51 22.19 34.21 56.83
C LEU F 51 22.82 32.82 56.90
N HIS F 52 22.64 32.05 55.84
CA HIS F 52 23.29 30.74 55.74
C HIS F 52 24.79 30.86 55.87
N ARG F 53 25.36 31.82 55.15
CA ARG F 53 26.80 32.05 55.12
C ARG F 53 27.36 32.50 56.47
N ALA F 54 26.64 33.41 57.11
CA ALA F 54 27.02 33.89 58.43
C ALA F 54 26.95 32.76 59.44
N ALA F 55 25.89 31.96 59.37
CA ALA F 55 25.72 30.82 60.25
C ALA F 55 26.79 29.76 60.01
N ASN F 56 27.12 29.55 58.74
CA ASN F 56 28.14 28.58 58.36
C ASN F 56 29.50 28.94 58.93
N LYS F 57 29.89 30.21 58.77
CA LYS F 57 31.21 30.67 59.18
C LYS F 57 31.29 30.93 60.68
N GLY F 58 30.16 31.28 61.28
CA GLY F 58 30.10 31.54 62.70
C GLY F 58 30.02 33.01 63.10
N HIS F 59 29.51 33.84 62.19
CA HIS F 59 29.47 35.28 62.42
C HIS F 59 28.19 35.65 63.17
N LEU F 60 28.12 35.29 64.44
CA LEU F 60 26.97 35.54 65.29
C LEU F 60 26.39 36.95 65.12
N GLU F 61 27.27 37.95 65.13
CA GLU F 61 26.85 39.33 64.99
C GLU F 61 26.04 39.54 63.71
N ILE F 62 26.57 39.07 62.58
CA ILE F 62 25.91 39.23 61.30
C ILE F 62 24.58 38.47 61.28
N VAL F 63 24.58 37.27 61.85
CA VAL F 63 23.38 36.47 61.98
C VAL F 63 22.25 37.25 62.66
N GLU F 64 22.57 37.88 63.79
CA GLU F 64 21.58 38.67 64.52
C GLU F 64 21.09 39.86 63.72
N VAL F 65 22.03 40.58 63.11
CA VAL F 65 21.69 41.76 62.32
C VAL F 65 20.74 41.41 61.19
N LEU F 66 21.06 40.35 60.45
CA LEU F 66 20.24 39.93 59.31
C LEU F 66 18.83 39.53 59.75
N LEU F 67 18.74 38.84 60.87
CA LEU F 67 17.44 38.44 61.41
C LEU F 67 16.62 39.65 61.83
N LYS F 68 17.30 40.67 62.34
CA LYS F 68 16.64 41.91 62.75
C LYS F 68 16.06 42.63 61.54
N THR F 69 16.78 42.57 60.42
CA THR F 69 16.33 43.19 59.18
C THR F 69 15.24 42.39 58.48
N GLY F 70 15.16 41.09 58.79
CA GLY F 70 14.04 40.28 58.35
C GLY F 70 14.50 39.11 57.51
N ALA F 71 15.64 38.53 57.87
CA ALA F 71 16.11 37.32 57.22
C ALA F 71 15.21 36.13 57.52
N ASP F 72 15.06 35.25 56.55
CA ASP F 72 14.23 34.05 56.73
C ASP F 72 14.99 32.97 57.48
N VAL F 73 14.70 32.85 58.78
CA VAL F 73 15.45 31.96 59.65
C VAL F 73 15.27 30.49 59.26
N ASN F 74 14.19 30.20 58.54
CA ASN F 74 13.89 28.83 58.13
C ASN F 74 14.15 28.54 56.64
N ALA F 75 14.85 29.45 55.97
CA ALA F 75 15.19 29.27 54.56
C ALA F 75 16.13 28.09 54.36
N LYS F 76 16.18 27.26 53.95
CA LYS F 76 16.84 26.12 53.34
C LYS F 76 17.57 26.51 52.07
N ASP F 77 18.80 26.03 51.92
CA ASP F 77 19.54 26.18 50.67
C ASP F 77 19.01 25.23 49.61
N ASP F 78 19.51 25.37 48.38
CA ASP F 78 18.97 24.64 47.24
C ASP F 78 19.85 23.45 46.89
N TRP F 79 20.90 23.24 47.69
CA TRP F 79 21.85 22.16 47.43
C TRP F 79 21.60 20.98 48.35
N SER F 80 21.80 21.19 49.65
CA SER F 80 21.65 20.13 50.64
C SER F 80 20.35 20.29 51.41
N GLY F 81 19.74 21.46 51.31
CA GLY F 81 18.45 21.72 51.94
C GLY F 81 18.61 22.06 53.41
N ASP F 82 19.79 22.56 53.78
CA ASP F 82 20.09 22.89 55.16
C ASP F 82 19.66 24.32 55.50
N THR F 83 19.13 24.50 56.70
CA THR F 83 18.81 25.83 57.20
C THR F 83 20.04 26.37 57.92
N PRO F 84 20.06 27.68 58.22
CA PRO F 84 21.14 28.22 59.04
C PRO F 84 21.30 27.44 60.35
N LEU F 85 20.19 26.92 60.87
CA LEU F 85 20.22 26.13 62.09
C LEU F 85 20.94 24.80 61.89
N HIS F 86 20.67 24.14 60.77
CA HIS F 86 21.41 22.94 60.39
C HIS F 86 22.90 23.21 60.32
N LEU F 87 23.28 24.33 59.71
CA LEU F 87 24.68 24.68 59.52
C LEU F 87 25.36 24.95 60.86
N ALA F 88 24.69 25.70 61.73
CA ALA F 88 25.22 26.01 63.04
C ALA F 88 25.37 24.75 63.88
N ALA F 89 24.40 23.85 63.77
CA ALA F 89 24.40 22.61 64.53
C ALA F 89 25.59 21.73 64.12
N SER F 90 25.85 21.67 62.82
CA SER F 90 26.92 20.85 62.27
C SER F 90 28.29 21.37 62.68
N HIS F 91 28.48 22.68 62.52
CA HIS F 91 29.76 23.31 62.75
C HIS F 91 30.07 23.47 64.24
N GLY F 92 29.03 23.63 65.05
CA GLY F 92 29.19 23.77 66.48
C GLY F 92 29.01 25.18 66.99
N HIS F 93 28.22 25.98 66.28
CA HIS F 93 28.03 27.37 66.63
C HIS F 93 26.89 27.51 67.64
N LEU F 94 27.16 27.06 68.86
CA LEU F 94 26.15 27.01 69.92
C LEU F 94 25.41 28.33 70.07
N GLU F 95 26.15 29.43 70.10
CA GLU F 95 25.55 30.74 70.31
C GLU F 95 24.56 31.09 69.19
N ILE F 96 24.93 30.75 67.97
CA ILE F 96 24.06 31.02 66.82
C ILE F 96 22.82 30.12 66.85
N VAL F 97 23.01 28.87 67.23
CA VAL F 97 21.91 27.93 67.39
C VAL F 97 20.85 28.52 68.31
N GLU F 98 21.29 29.03 69.46
CA GLU F 98 20.39 29.65 70.42
C GLU F 98 19.59 30.80 69.78
N VAL F 99 20.30 31.72 69.13
CA VAL F 99 19.67 32.88 68.52
C VAL F 99 18.65 32.49 67.46
N LEU F 100 19.02 31.52 66.62
CA LEU F 100 18.15 31.09 65.53
C LEU F 100 16.85 30.50 66.07
N LEU F 101 16.98 29.72 67.14
CA LEU F 101 15.82 29.11 67.78
C LEU F 101 14.94 30.15 68.44
N LYS F 102 15.55 31.19 68.98
CA LYS F 102 14.81 32.29 69.60
C LYS F 102 14.13 33.12 68.52
N ALA F 103 14.81 33.23 67.37
CA ALA F 103 14.25 33.92 66.21
C ALA F 103 13.02 33.20 65.69
N GLY F 104 13.02 31.87 65.85
CA GLY F 104 11.88 31.06 65.48
C GLY F 104 12.20 29.98 64.46
N ALA F 105 13.42 29.45 64.51
CA ALA F 105 13.81 28.34 63.65
C ALA F 105 13.09 27.05 64.03
N ASP F 106 12.69 26.27 63.03
CA ASP F 106 12.06 24.98 63.26
C ASP F 106 13.09 23.94 63.70
N VAL F 107 13.07 23.61 64.99
CA VAL F 107 14.08 22.74 65.57
C VAL F 107 14.03 21.32 64.98
N ASN F 108 12.90 20.95 64.40
CA ASN F 108 12.74 19.63 63.81
C ASN F 108 12.69 19.63 62.28
N ALA F 109 13.19 20.72 61.68
CA ALA F 109 13.25 20.80 60.23
C ALA F 109 14.27 19.81 59.67
N MET F 110 13.97 19.27 58.75
CA MET F 110 14.81 18.27 58.11
C MET F 110 15.41 18.79 56.80
N ALA F 111 16.63 18.34 56.50
CA ALA F 111 17.26 18.66 55.22
C ALA F 111 16.84 17.65 54.15
N ASN F 112 17.51 17.70 53.00
CA ASN F 112 17.17 16.81 51.89
C ASN F 112 17.43 15.35 52.22
N ASP F 113 18.31 15.10 53.18
CA ASP F 113 18.59 13.74 53.62
C ASP F 113 17.79 13.38 54.86
N GLY F 114 16.88 14.25 55.25
CA GLY F 114 15.91 13.94 56.29
C GLY F 114 16.49 14.09 57.67
N GLN F 115 17.65 14.75 57.75
CA GLN F 115 18.33 14.96 59.01
C GLN F 115 18.00 16.30 59.64
N THR F 116 17.76 16.30 60.94
CA THR F 116 17.45 17.51 61.68
C THR F 116 18.76 18.06 62.23
N PRO F 117 18.76 19.31 62.73
CA PRO F 117 19.93 19.82 63.43
C PRO F 117 20.38 18.90 64.55
N LEU F 118 19.44 18.18 65.15
CA LEU F 118 19.74 17.25 66.22
C LEU F 118 20.52 16.04 65.68
N HIS F 119 20.10 15.53 64.53
CA HIS F 119 20.84 14.49 63.83
C HIS F 119 22.28 14.90 63.62
N LEU F 120 22.48 16.15 63.19
CA LEU F 120 23.81 16.66 62.88
C LEU F 120 24.68 16.81 64.13
N ALA F 121 24.14 17.48 65.14
CA ALA F 121 24.88 17.71 66.38
C ALA F 121 25.24 16.39 67.05
N ALA F 122 24.33 15.44 67.00
CA ALA F 122 24.54 14.12 67.60
C ALA F 122 25.67 13.38 66.90
N SER F 123 25.73 13.51 65.58
CA SER F 123 26.73 12.82 64.78
C SER F 123 28.07 13.56 64.83
N ARG F 124 28.02 14.86 65.07
CA ARG F 124 29.23 15.67 65.13
C ARG F 124 29.90 15.63 66.51
N GLY F 125 29.08 15.49 67.55
CA GLY F 125 29.60 15.44 68.91
C GLY F 125 29.36 16.70 69.71
N HIS F 126 28.42 17.52 69.25
CA HIS F 126 28.15 18.80 69.89
C HIS F 126 27.13 18.65 71.00
N LEU F 127 27.54 18.04 72.11
CA LEU F 127 26.65 17.76 73.23
C LEU F 127 25.91 19.01 73.68
N GLU F 128 26.64 20.13 73.74
CA GLU F 128 26.06 21.37 74.23
C GLU F 128 24.85 21.77 73.40
N ILE F 129 25.00 21.65 72.08
CA ILE F 129 23.91 21.95 71.15
C ILE F 129 22.78 20.94 71.25
N VAL F 130 23.14 19.67 71.38
CA VAL F 130 22.17 18.60 71.53
C VAL F 130 21.23 18.92 72.70
N GLU F 131 21.81 19.35 73.82
CA GLU F 131 21.05 19.69 75.02
C GLU F 131 20.09 20.85 74.77
N VAL F 132 20.56 21.88 74.09
CA VAL F 132 19.74 23.04 73.74
C VAL F 132 18.59 22.65 72.82
N LEU F 133 18.89 21.85 71.81
CA LEU F 133 17.88 21.39 70.87
C LEU F 133 16.82 20.56 71.57
N LEU F 134 17.25 19.70 72.49
CA LEU F 134 16.33 18.90 73.28
C LEU F 134 15.44 19.77 74.14
N LYS F 135 16.04 20.75 74.83
CA LYS F 135 15.29 21.66 75.68
C LYS F 135 14.24 22.44 74.88
N HIS F 136 14.62 22.81 73.65
CA HIS F 136 13.69 23.49 72.75
C HIS F 136 12.52 22.59 72.33
N GLY F 137 12.79 21.30 72.20
CA GLY F 137 11.75 20.34 71.88
C GLY F 137 12.03 19.55 70.61
N ALA F 138 13.31 19.25 70.37
CA ALA F 138 13.67 18.40 69.24
C ALA F 138 13.25 16.95 69.45
N ASP F 139 12.83 16.30 68.37
CA ASP F 139 12.36 14.92 68.45
C ASP F 139 13.54 13.95 68.36
N VAL F 140 13.88 13.36 69.50
CA VAL F 140 15.04 12.47 69.59
C VAL F 140 14.79 11.15 68.87
N ASN F 141 13.53 10.88 68.53
CA ASN F 141 13.17 9.66 67.83
C ASN F 141 12.94 9.86 66.34
N ALA F 142 13.20 11.07 65.87
CA ALA F 142 13.02 11.38 64.45
C ALA F 142 14.02 10.61 63.59
N GLN F 143 13.52 9.61 62.58
CA GLN F 143 14.57 9.02 61.77
C GLN F 143 14.88 9.83 60.51
N ASP F 144 16.12 9.75 60.05
CA ASP F 144 16.49 10.39 58.79
C ASP F 144 16.28 9.40 57.65
N LYS F 145 16.68 9.77 56.44
CA LYS F 145 16.42 8.92 55.28
C LYS F 145 17.40 7.74 55.20
N PHE F 146 18.28 7.65 56.19
CA PHE F 146 19.19 6.51 56.30
C PHE F 146 18.67 5.53 57.35
N GLY F 147 17.53 5.86 57.95
CA GLY F 147 16.91 5.00 58.93
C GLY F 147 17.51 5.12 60.31
N LYS F 148 18.16 6.25 60.58
CA LYS F 148 18.84 6.45 61.85
C LYS F 148 18.26 7.62 62.64
N THR F 149 18.19 7.46 63.96
CA THR F 149 17.85 8.54 64.87
C THR F 149 19.11 9.25 65.33
N PRO F 150 18.98 10.47 65.89
CA PRO F 150 20.14 11.15 66.48
C PRO F 150 20.86 10.28 67.52
N PHE F 151 20.09 9.51 68.27
CA PHE F 151 20.65 8.54 69.22
C PHE F 151 21.52 7.53 68.50
N ASP F 152 20.98 6.94 67.45
CA ASP F 152 21.71 5.97 66.64
C ASP F 152 23.00 6.57 66.10
N LEU F 153 22.92 7.82 65.65
CA LEU F 153 24.10 8.51 65.12
C LEU F 153 25.13 8.75 66.22
N ALA F 154 24.67 9.08 67.41
CA ALA F 154 25.56 9.26 68.56
C ALA F 154 26.28 7.96 68.90
N ILE F 155 25.54 6.86 68.85
CA ILE F 155 26.13 5.54 69.10
C ILE F 155 27.16 5.18 68.05
N ASP F 156 26.82 5.44 66.78
CA ASP F 156 27.72 5.14 65.67
C ASP F 156 29.03 5.90 65.76
N ASN F 157 28.97 7.13 66.27
CA ASN F 157 30.15 7.97 66.35
C ASN F 157 30.81 7.94 67.73
N GLY F 158 30.33 7.05 68.59
CA GLY F 158 30.93 6.84 69.90
C GLY F 158 30.60 7.92 70.89
N ASN F 159 29.61 8.75 70.56
CA ASN F 159 29.22 9.86 71.41
C ASN F 159 28.27 9.40 72.52
N GLU F 160 28.81 8.67 73.47
CA GLU F 160 28.01 8.08 74.54
C GLU F 160 27.31 9.12 75.39
N ASP F 161 28.00 10.21 75.68
CA ASP F 161 27.43 11.29 76.46
C ASP F 161 26.14 11.82 75.83
N ILE F 162 26.18 12.06 74.52
CA ILE F 162 25.01 12.49 73.77
C ILE F 162 23.93 11.40 73.77
N ALA F 163 24.36 10.16 73.57
CA ALA F 163 23.44 9.03 73.53
C ALA F 163 22.64 8.92 74.82
N GLU F 164 23.29 9.14 75.94
CA GLU F 164 22.64 9.06 77.24
C GLU F 164 21.59 10.15 77.39
N VAL F 165 21.92 11.34 76.90
CA VAL F 165 20.99 12.47 76.94
C VAL F 165 19.78 12.19 76.04
N LEU F 166 20.04 11.63 74.86
CA LEU F 166 18.98 11.37 73.90
C LEU F 166 18.14 10.16 74.27
N GLN F 167 18.74 9.23 75.01
CA GLN F 167 18.04 8.02 75.45
C GLN F 167 16.99 8.37 76.51
#